data_2KOS
#
_entry.id   2KOS
#
loop_
_entity.id
_entity.type
_entity.pdbx_description
1 polymer 'Acyl carrier protein'
2 non-polymer 'S-[2-({N-[(2S)-2-hydroxy-3,3-dimethyl-4-(phosphonooxy)butanoyl]-beta-alanyl}amino)ethyl] octanethioate'
#
_entity_poly.entity_id   1
_entity_poly.type   'polypeptide(L)'
_entity_poly.pdbx_seq_one_letter_code
;AATQEEIVAGLAEIVNEIAGIPVEDVKLDKSFTDDLDVDSLSMVEVVVAAEERFDVKIPDDDVKNLKTVGDATKYILDHQ
A
;
_entity_poly.pdbx_strand_id   A
#
loop_
_chem_comp.id
_chem_comp.type
_chem_comp.name
_chem_comp.formula
SXO non-polymer 'S-[2-({N-[(2S)-2-hydroxy-3,3-dimethyl-4-(phosphonooxy)butanoyl]-beta-alanyl}amino)ethyl] octanethioate' 'C19 H37 N2 O8 P S'
#
# COMPACT_ATOMS: atom_id res chain seq x y z
N ALA A 1 3.30 13.60 -0.54
CA ALA A 1 2.27 13.58 0.49
C ALA A 1 2.77 12.88 1.74
N ALA A 2 3.60 11.86 1.56
CA ALA A 2 4.14 11.10 2.67
C ALA A 2 5.47 10.51 2.23
N THR A 3 6.36 10.21 3.15
CA THR A 3 7.63 9.61 2.78
C THR A 3 7.50 8.08 2.90
N GLN A 4 8.58 7.30 2.82
CA GLN A 4 8.50 5.85 2.71
C GLN A 4 7.75 5.18 3.86
N GLU A 5 8.01 5.62 5.07
CA GLU A 5 7.40 5.04 6.23
C GLU A 5 5.96 5.50 6.32
N GLU A 6 5.75 6.72 5.91
CA GLU A 6 4.46 7.35 5.97
C GLU A 6 3.54 6.80 4.90
N ILE A 7 4.13 6.42 3.75
CA ILE A 7 3.37 5.78 2.69
C ILE A 7 2.82 4.48 3.26
N VAL A 8 3.72 3.66 3.79
CA VAL A 8 3.38 2.38 4.42
C VAL A 8 2.31 2.57 5.51
N ALA A 9 2.54 3.55 6.38
CA ALA A 9 1.60 3.87 7.44
C ALA A 9 0.22 4.25 6.87
N GLY A 10 0.22 5.03 5.80
CA GLY A 10 -1.03 5.44 5.17
C GLY A 10 -1.75 4.25 4.57
N LEU A 11 -0.97 3.37 3.94
CA LEU A 11 -1.48 2.13 3.35
C LEU A 11 -2.20 1.31 4.41
N ALA A 12 -1.54 1.14 5.53
CA ALA A 12 -2.03 0.31 6.63
C ALA A 12 -3.35 0.81 7.19
N GLU A 13 -3.60 2.12 7.11
CA GLU A 13 -4.86 2.68 7.57
C GLU A 13 -6.02 2.02 6.82
N ILE A 14 -5.86 1.92 5.53
CA ILE A 14 -6.88 1.31 4.72
C ILE A 14 -6.85 -0.22 4.91
N VAL A 15 -5.66 -0.81 4.94
CA VAL A 15 -5.54 -2.28 5.09
C VAL A 15 -6.13 -2.75 6.45
N ASN A 16 -6.12 -1.87 7.43
CA ASN A 16 -6.70 -2.16 8.74
C ASN A 16 -8.22 -2.23 8.65
N GLU A 17 -8.83 -1.35 7.88
CA GLU A 17 -10.27 -1.37 7.77
C GLU A 17 -10.73 -2.46 6.79
N ILE A 18 -9.90 -2.80 5.83
CA ILE A 18 -10.27 -3.83 4.85
C ILE A 18 -10.06 -5.22 5.42
N ALA A 19 -8.87 -5.50 5.87
CA ALA A 19 -8.56 -6.82 6.36
C ALA A 19 -8.49 -6.81 7.87
N GLY A 20 -7.70 -5.94 8.41
CA GLY A 20 -7.55 -5.89 9.83
C GLY A 20 -6.17 -6.27 10.27
N ILE A 21 -5.25 -5.40 10.03
CA ILE A 21 -3.89 -5.58 10.44
C ILE A 21 -3.53 -4.54 11.48
N PRO A 22 -2.61 -4.84 12.39
CA PRO A 22 -2.16 -3.87 13.37
C PRO A 22 -1.40 -2.75 12.69
N VAL A 23 -1.71 -1.52 13.00
CA VAL A 23 -1.06 -0.36 12.37
C VAL A 23 0.31 -0.04 12.98
N GLU A 24 0.93 -1.07 13.47
CA GLU A 24 2.25 -1.08 14.03
C GLU A 24 3.01 -2.24 13.42
N ASP A 25 2.30 -3.01 12.60
CA ASP A 25 2.84 -4.23 12.04
C ASP A 25 3.40 -3.95 10.68
N VAL A 26 2.60 -3.26 9.90
CA VAL A 26 2.94 -2.94 8.54
C VAL A 26 4.05 -1.89 8.51
N LYS A 27 5.25 -2.39 8.39
CA LYS A 27 6.44 -1.58 8.29
C LYS A 27 7.02 -1.80 6.90
N LEU A 28 8.26 -1.42 6.67
CA LEU A 28 8.88 -1.54 5.35
C LEU A 28 9.13 -3.00 4.93
N ASP A 29 9.43 -3.87 5.87
CA ASP A 29 9.67 -5.28 5.54
C ASP A 29 8.36 -6.07 5.56
N LYS A 30 7.49 -5.69 4.66
CA LYS A 30 6.17 -6.26 4.49
C LYS A 30 5.83 -6.34 3.02
N SER A 31 4.82 -7.10 2.72
CA SER A 31 4.28 -7.23 1.40
C SER A 31 2.79 -7.41 1.60
N PHE A 32 2.01 -7.20 0.59
CA PHE A 32 0.59 -7.09 0.77
C PHE A 32 -0.04 -8.44 0.84
N THR A 33 0.00 -9.15 -0.21
CA THR A 33 -0.62 -10.42 -0.21
C THR A 33 0.35 -11.54 0.16
N ASP A 34 1.24 -11.22 1.08
CA ASP A 34 2.24 -12.17 1.54
C ASP A 34 2.43 -12.02 3.01
N ASP A 35 2.65 -10.78 3.45
CA ASP A 35 2.99 -10.52 4.84
C ASP A 35 1.84 -9.82 5.56
N LEU A 36 0.72 -9.66 4.88
CA LEU A 36 -0.43 -9.03 5.51
C LEU A 36 -1.50 -10.08 5.67
N ASP A 37 -2.72 -9.64 5.97
CA ASP A 37 -3.85 -10.56 6.18
C ASP A 37 -4.35 -11.12 4.85
N VAL A 38 -3.79 -10.58 3.76
CA VAL A 38 -4.07 -10.99 2.40
C VAL A 38 -5.52 -10.70 2.03
N ASP A 39 -5.75 -9.44 1.78
CA ASP A 39 -7.02 -8.88 1.37
C ASP A 39 -7.43 -9.49 0.03
N SER A 40 -6.41 -9.82 -0.74
CA SER A 40 -6.50 -10.38 -2.06
C SER A 40 -7.32 -9.52 -3.00
N LEU A 41 -8.55 -9.89 -3.26
CA LEU A 41 -9.37 -9.12 -4.18
C LEU A 41 -9.79 -7.82 -3.56
N SER A 42 -9.90 -7.83 -2.25
CA SER A 42 -10.27 -6.67 -1.51
C SER A 42 -9.12 -5.67 -1.44
N MET A 43 -7.92 -6.09 -1.83
CA MET A 43 -6.77 -5.20 -1.81
C MET A 43 -6.94 -4.12 -2.87
N VAL A 44 -7.78 -4.39 -3.86
CA VAL A 44 -8.09 -3.41 -4.89
C VAL A 44 -8.83 -2.22 -4.26
N GLU A 45 -9.53 -2.48 -3.15
CA GLU A 45 -10.24 -1.43 -2.43
C GLU A 45 -9.23 -0.60 -1.65
N VAL A 46 -8.12 -1.22 -1.31
CA VAL A 46 -7.04 -0.58 -0.63
C VAL A 46 -6.35 0.37 -1.59
N VAL A 47 -5.81 -0.19 -2.67
CA VAL A 47 -5.05 0.59 -3.66
C VAL A 47 -5.84 1.79 -4.20
N VAL A 48 -7.14 1.61 -4.54
CA VAL A 48 -7.94 2.71 -5.09
C VAL A 48 -8.04 3.88 -4.09
N ALA A 49 -8.08 3.55 -2.81
CA ALA A 49 -8.15 4.55 -1.78
C ALA A 49 -6.77 5.15 -1.56
N ALA A 50 -5.75 4.33 -1.73
CA ALA A 50 -4.38 4.74 -1.53
C ALA A 50 -3.93 5.74 -2.57
N GLU A 51 -4.46 5.60 -3.78
CA GLU A 51 -4.14 6.50 -4.88
C GLU A 51 -4.41 7.95 -4.46
N GLU A 52 -5.62 8.20 -4.00
CA GLU A 52 -6.00 9.54 -3.60
C GLU A 52 -5.27 9.97 -2.32
N ARG A 53 -4.98 9.01 -1.44
CA ARG A 53 -4.32 9.31 -0.17
C ARG A 53 -2.92 9.86 -0.38
N PHE A 54 -2.19 9.23 -1.29
CA PHE A 54 -0.80 9.60 -1.48
C PHE A 54 -0.60 10.46 -2.70
N ASP A 55 -1.69 10.92 -3.30
CA ASP A 55 -1.65 11.81 -4.47
C ASP A 55 -1.05 11.13 -5.69
N VAL A 56 -1.33 9.86 -5.82
CA VAL A 56 -0.82 9.09 -6.94
C VAL A 56 -1.97 8.54 -7.76
N LYS A 57 -1.63 7.77 -8.75
CA LYS A 57 -2.60 7.09 -9.55
C LYS A 57 -1.95 5.82 -10.01
N ILE A 58 -2.35 4.74 -9.45
CA ILE A 58 -1.67 3.48 -9.67
C ILE A 58 -2.51 2.60 -10.59
N PRO A 59 -2.03 2.39 -11.83
CA PRO A 59 -2.72 1.53 -12.79
C PRO A 59 -2.79 0.10 -12.30
N ASP A 60 -3.85 -0.58 -12.69
CA ASP A 60 -4.16 -1.97 -12.29
C ASP A 60 -2.99 -2.89 -12.63
N ASP A 61 -2.31 -2.53 -13.70
CA ASP A 61 -1.14 -3.22 -14.21
C ASP A 61 -0.03 -3.19 -13.17
N ASP A 62 0.34 -1.97 -12.77
CA ASP A 62 1.44 -1.74 -11.82
C ASP A 62 1.18 -2.35 -10.48
N VAL A 63 -0.09 -2.38 -10.07
CA VAL A 63 -0.48 -2.96 -8.78
C VAL A 63 0.04 -4.40 -8.66
N LYS A 64 -0.23 -5.22 -9.66
CA LYS A 64 0.18 -6.62 -9.63
C LYS A 64 1.65 -6.78 -10.05
N ASN A 65 2.26 -5.71 -10.52
CA ASN A 65 3.66 -5.76 -10.92
C ASN A 65 4.57 -5.35 -9.80
N LEU A 66 4.00 -4.88 -8.72
CA LEU A 66 4.75 -4.51 -7.55
C LEU A 66 4.72 -5.65 -6.58
N LYS A 67 5.59 -5.67 -5.62
CA LYS A 67 5.68 -6.77 -4.70
C LYS A 67 5.51 -6.40 -3.23
N THR A 68 6.56 -5.97 -2.60
CA THR A 68 6.48 -5.69 -1.19
C THR A 68 6.03 -4.25 -0.96
N VAL A 69 5.98 -3.82 0.28
CA VAL A 69 5.61 -2.46 0.57
C VAL A 69 6.85 -1.59 0.40
N GLY A 70 8.02 -2.22 0.46
CA GLY A 70 9.26 -1.52 0.24
C GLY A 70 9.47 -1.34 -1.23
N ASP A 71 8.87 -2.22 -1.99
CA ASP A 71 8.90 -2.16 -3.43
C ASP A 71 7.84 -1.21 -3.96
N ALA A 72 6.64 -1.29 -3.37
CA ALA A 72 5.49 -0.50 -3.80
C ALA A 72 5.73 0.96 -3.56
N THR A 73 6.38 1.27 -2.44
CA THR A 73 6.67 2.62 -2.09
C THR A 73 7.48 3.34 -3.16
N LYS A 74 8.36 2.60 -3.84
CA LYS A 74 9.20 3.14 -4.90
C LYS A 74 8.37 3.85 -5.97
N TYR A 75 7.31 3.22 -6.40
CA TYR A 75 6.46 3.79 -7.42
C TYR A 75 5.67 4.97 -6.85
N ILE A 76 5.13 4.77 -5.67
CA ILE A 76 4.27 5.74 -5.01
C ILE A 76 5.02 7.04 -4.67
N LEU A 77 6.00 6.94 -3.76
CA LEU A 77 6.72 8.09 -3.22
C LEU A 77 7.44 8.89 -4.30
N ASP A 78 7.71 8.25 -5.41
CA ASP A 78 8.39 8.91 -6.51
C ASP A 78 7.43 9.68 -7.39
N HIS A 79 6.22 9.16 -7.53
CA HIS A 79 5.28 9.76 -8.47
C HIS A 79 4.49 10.89 -7.81
N GLN A 80 4.35 10.80 -6.50
CA GLN A 80 3.62 11.80 -5.72
C GLN A 80 4.37 13.12 -5.60
N ALA A 81 3.73 14.04 -4.96
CA ALA A 81 4.27 15.30 -4.65
C ALA A 81 4.16 15.43 -3.16
P24 SXO B . -6.53 -13.65 -3.79
O26 SXO B . -5.25 -13.83 -3.05
O23 SXO B . -7.56 -14.72 -3.72
O27 SXO B . -6.20 -13.47 -5.28
C28 SXO B . -5.39 -12.31 -5.74
C29 SXO B . -5.08 -12.51 -7.22
C30 SXO B . -4.13 -13.64 -7.28
C31 SXO B . -6.38 -12.86 -7.92
C32 SXO B . -4.39 -11.28 -7.94
O33 SXO B . -4.14 -11.61 -9.31
C34 SXO B . -5.22 -10.02 -7.93
O35 SXO B . -5.54 -9.48 -9.00
N36 SXO B . -5.49 -9.50 -6.79
C37 SXO B . -6.23 -8.28 -6.61
C38 SXO B . -5.44 -7.32 -5.74
C39 SXO B . -4.02 -7.08 -6.23
O40 SXO B . -3.77 -6.20 -7.04
N41 SXO B . -3.09 -7.89 -5.70
C42 SXO B . -1.68 -7.82 -6.01
C43 SXO B . -0.92 -9.12 -5.79
S1 SXO B . 0.77 -8.76 -5.73
C1 SXO B . 0.76 -7.75 -4.30
O1 SXO B . 0.05 -7.97 -3.29
C2 SXO B . 1.62 -6.52 -4.39
C3 SXO B . 0.79 -5.25 -4.53
C4 SXO B . 1.68 -4.01 -4.58
C5 SXO B . 0.87 -2.72 -4.80
C6 SXO B . -0.15 -2.49 -3.68
C7 SXO B . -0.91 -1.18 -3.85
C8 SXO B . 0.03 0.00 -3.71
H28 SXO B . -4.45 -12.26 -5.19
H28A SXO B . -5.96 -11.41 -5.59
H30 SXO B . -4.58 -14.50 -6.81
H30A SXO B . -3.84 -13.84 -8.30
H30B SXO B . -3.27 -13.30 -6.71
H31 SXO B . -6.24 -13.03 -8.98
H31A SXO B . -7.07 -12.05 -7.75
H31B SXO B . -6.77 -13.75 -7.44
H32 SXO B . -3.45 -11.08 -7.43
HO33 SXO B . -4.91 -11.25 -9.77
HN36 SXO B . -5.17 -9.96 -5.99
H37 SXO B . -6.37 -7.82 -7.58
H37A SXO B . -7.18 -8.49 -6.15
H38 SXO B . -5.39 -7.75 -4.75
H38A SXO B . -5.97 -6.38 -5.68
HN41 SXO B . -3.34 -8.58 -5.05
H42 SXO B . -1.48 -7.41 -6.99
H42A SXO B . -1.22 -7.17 -5.26
H43 SXO B . -1.24 -9.52 -4.84
H43A SXO B . -1.14 -9.82 -6.58
H2 SXO B . 2.24 -6.60 -5.27
H2A SXO B . 2.24 -6.44 -3.50
H3 SXO B . 0.23 -5.30 -5.44
H3A SXO B . 0.13 -5.16 -3.69
H4 SXO B . 2.39 -4.11 -5.38
H4A SXO B . 2.21 -3.92 -3.64
H5 SXO B . 1.55 -1.89 -4.82
H5A SXO B . 0.35 -2.79 -5.74
H6 SXO B . 0.37 -2.49 -2.74
H6A SXO B . -0.86 -3.31 -3.70
H7 SXO B . -1.67 -1.11 -3.08
H7A SXO B . -1.37 -1.15 -4.83
H8 SXO B . 0.50 -0.02 -2.74
H8A SXO B . -0.53 0.91 -3.83
H8B SXO B . 0.79 -0.05 -4.48
N ALA A 1 1.00 13.26 -0.59
CA ALA A 1 2.42 12.98 -0.66
C ALA A 1 2.90 12.67 0.74
N ALA A 2 3.78 11.72 0.87
CA ALA A 2 4.32 11.27 2.15
C ALA A 2 5.63 10.59 1.88
N THR A 3 6.46 10.46 2.87
CA THR A 3 7.71 9.79 2.66
C THR A 3 7.53 8.28 2.94
N GLN A 4 8.52 7.45 2.59
CA GLN A 4 8.42 5.98 2.60
C GLN A 4 7.75 5.35 3.85
N GLU A 5 8.19 5.74 5.04
CA GLU A 5 7.61 5.20 6.28
C GLU A 5 6.14 5.62 6.38
N GLU A 6 5.88 6.90 6.15
CA GLU A 6 4.52 7.45 6.20
C GLU A 6 3.65 6.88 5.09
N ILE A 7 4.26 6.52 3.96
CA ILE A 7 3.55 5.87 2.88
C ILE A 7 2.95 4.55 3.42
N VAL A 8 3.81 3.71 4.01
CA VAL A 8 3.36 2.43 4.59
C VAL A 8 2.32 2.67 5.68
N ALA A 9 2.61 3.62 6.57
CA ALA A 9 1.71 4.00 7.65
C ALA A 9 0.35 4.41 7.12
N GLY A 10 0.35 5.16 6.02
CA GLY A 10 -0.86 5.59 5.38
C GLY A 10 -1.61 4.42 4.82
N LEU A 11 -0.88 3.54 4.13
CA LEU A 11 -1.42 2.31 3.55
C LEU A 11 -2.13 1.50 4.60
N ALA A 12 -1.44 1.32 5.72
CA ALA A 12 -1.92 0.53 6.83
C ALA A 12 -3.24 1.01 7.39
N GLU A 13 -3.54 2.30 7.27
CA GLU A 13 -4.80 2.78 7.78
C GLU A 13 -5.95 2.24 6.96
N ILE A 14 -5.81 2.25 5.65
CA ILE A 14 -6.86 1.72 4.81
C ILE A 14 -6.78 0.20 4.86
N VAL A 15 -5.58 -0.34 5.00
CA VAL A 15 -5.41 -1.78 5.12
C VAL A 15 -6.04 -2.30 6.45
N ASN A 16 -6.06 -1.44 7.45
CA ASN A 16 -6.73 -1.75 8.72
C ASN A 16 -8.25 -1.71 8.53
N GLU A 17 -8.68 -0.83 7.66
CA GLU A 17 -10.10 -0.72 7.32
C GLU A 17 -10.54 -1.96 6.51
N ILE A 18 -9.78 -2.25 5.47
CA ILE A 18 -10.09 -3.36 4.56
C ILE A 18 -9.87 -4.72 5.22
N ALA A 19 -8.70 -4.93 5.76
CA ALA A 19 -8.35 -6.22 6.32
C ALA A 19 -8.43 -6.21 7.84
N GLY A 20 -7.80 -5.24 8.44
CA GLY A 20 -7.83 -5.16 9.90
C GLY A 20 -6.53 -5.54 10.54
N ILE A 21 -5.44 -5.10 9.97
CA ILE A 21 -4.13 -5.37 10.52
C ILE A 21 -3.68 -4.28 11.48
N PRO A 22 -2.74 -4.57 12.37
CA PRO A 22 -2.16 -3.56 13.23
C PRO A 22 -1.29 -2.62 12.39
N VAL A 23 -1.59 -1.34 12.47
CA VAL A 23 -0.90 -0.30 11.72
C VAL A 23 0.64 -0.34 11.93
N GLU A 24 1.06 -0.78 13.09
CA GLU A 24 2.47 -0.84 13.44
C GLU A 24 3.11 -2.16 13.03
N ASP A 25 2.31 -3.09 12.53
CA ASP A 25 2.84 -4.39 12.13
C ASP A 25 3.39 -4.31 10.73
N VAL A 26 2.61 -3.72 9.88
CA VAL A 26 3.01 -3.53 8.51
C VAL A 26 3.93 -2.34 8.36
N LYS A 27 5.18 -2.66 8.24
CA LYS A 27 6.22 -1.71 8.01
C LYS A 27 6.86 -2.05 6.67
N LEU A 28 8.03 -1.50 6.37
CA LEU A 28 8.70 -1.74 5.07
C LEU A 28 8.95 -3.22 4.75
N ASP A 29 9.06 -4.06 5.73
CA ASP A 29 9.27 -5.49 5.48
C ASP A 29 7.95 -6.21 5.45
N LYS A 30 7.13 -5.85 4.49
CA LYS A 30 5.83 -6.43 4.27
C LYS A 30 5.49 -6.54 2.80
N SER A 31 4.56 -7.38 2.54
CA SER A 31 3.94 -7.55 1.27
C SER A 31 2.49 -7.77 1.58
N PHE A 32 1.63 -7.37 0.69
CA PHE A 32 0.22 -7.24 0.99
C PHE A 32 -0.47 -8.55 1.26
N THR A 33 -0.24 -9.52 0.46
CA THR A 33 -0.89 -10.77 0.70
C THR A 33 0.14 -11.86 0.91
N ASP A 34 1.32 -11.46 1.23
CA ASP A 34 2.39 -12.41 1.46
C ASP A 34 2.97 -12.29 2.85
N ASP A 35 3.18 -11.07 3.31
CA ASP A 35 3.72 -10.86 4.66
C ASP A 35 2.58 -10.39 5.57
N LEU A 36 1.55 -9.81 4.93
CA LEU A 36 0.36 -9.33 5.63
C LEU A 36 -0.74 -10.36 5.54
N ASP A 37 -1.87 -10.03 6.15
CA ASP A 37 -3.02 -10.94 6.19
C ASP A 37 -4.12 -10.43 5.29
N VAL A 38 -3.72 -9.64 4.34
CA VAL A 38 -4.64 -9.05 3.41
C VAL A 38 -4.80 -10.00 2.27
N ASP A 39 -6.00 -10.32 1.92
CA ASP A 39 -6.26 -11.17 0.78
C ASP A 39 -5.92 -10.39 -0.46
N SER A 40 -5.40 -11.05 -1.44
CA SER A 40 -4.99 -10.37 -2.66
C SER A 40 -6.17 -9.82 -3.42
N LEU A 41 -7.25 -10.56 -3.45
CA LEU A 41 -8.45 -10.11 -4.12
C LEU A 41 -9.09 -8.97 -3.29
N SER A 42 -8.67 -8.86 -2.05
CA SER A 42 -9.13 -7.86 -1.11
C SER A 42 -8.35 -6.54 -1.26
N MET A 43 -7.02 -6.61 -1.49
CA MET A 43 -6.13 -5.41 -1.58
C MET A 43 -6.59 -4.44 -2.67
N VAL A 44 -7.33 -4.96 -3.61
CA VAL A 44 -7.87 -4.20 -4.71
C VAL A 44 -8.64 -2.95 -4.22
N GLU A 45 -9.32 -3.08 -3.09
CA GLU A 45 -10.05 -1.96 -2.52
C GLU A 45 -9.10 -0.91 -1.91
N VAL A 46 -8.07 -1.36 -1.21
CA VAL A 46 -7.15 -0.44 -0.57
C VAL A 46 -6.22 0.23 -1.59
N VAL A 47 -5.88 -0.46 -2.66
CA VAL A 47 -4.97 0.12 -3.65
C VAL A 47 -5.63 1.30 -4.40
N VAL A 48 -6.93 1.24 -4.61
CA VAL A 48 -7.63 2.33 -5.29
C VAL A 48 -7.85 3.51 -4.32
N ALA A 49 -7.88 3.20 -3.03
CA ALA A 49 -8.05 4.22 -2.01
C ALA A 49 -6.70 4.87 -1.67
N ALA A 50 -5.63 4.19 -2.02
CA ALA A 50 -4.29 4.67 -1.75
C ALA A 50 -3.90 5.77 -2.72
N GLU A 51 -4.50 5.77 -3.89
CA GLU A 51 -4.22 6.76 -4.92
C GLU A 51 -4.51 8.16 -4.40
N GLU A 52 -5.75 8.38 -4.00
CA GLU A 52 -6.21 9.68 -3.49
C GLU A 52 -5.46 10.04 -2.19
N ARG A 53 -5.15 9.03 -1.44
CA ARG A 53 -4.53 9.15 -0.14
C ARG A 53 -3.13 9.72 -0.25
N PHE A 54 -2.38 9.22 -1.19
CA PHE A 54 -1.00 9.64 -1.34
C PHE A 54 -0.80 10.61 -2.47
N ASP A 55 -1.91 11.07 -3.06
CA ASP A 55 -1.90 12.05 -4.17
C ASP A 55 -1.25 11.45 -5.40
N VAL A 56 -1.42 10.19 -5.56
CA VAL A 56 -0.80 9.46 -6.62
C VAL A 56 -1.90 8.79 -7.48
N LYS A 57 -1.51 7.91 -8.37
CA LYS A 57 -2.41 7.16 -9.20
C LYS A 57 -1.66 5.88 -9.49
N ILE A 58 -2.28 4.75 -9.27
CA ILE A 58 -1.57 3.48 -9.37
C ILE A 58 -2.30 2.54 -10.33
N PRO A 59 -1.79 2.39 -11.55
CA PRO A 59 -2.39 1.53 -12.57
C PRO A 59 -2.34 0.05 -12.17
N ASP A 60 -3.37 -0.70 -12.52
CA ASP A 60 -3.50 -2.12 -12.15
C ASP A 60 -2.32 -2.96 -12.62
N ASP A 61 -1.83 -2.67 -13.82
CA ASP A 61 -0.70 -3.42 -14.36
C ASP A 61 0.54 -3.21 -13.51
N ASP A 62 0.71 -2.01 -12.99
CA ASP A 62 1.84 -1.70 -12.12
C ASP A 62 1.62 -2.31 -10.75
N VAL A 63 0.36 -2.41 -10.35
CA VAL A 63 0.00 -3.11 -9.11
C VAL A 63 0.48 -4.56 -9.21
N LYS A 64 0.03 -5.26 -10.24
CA LYS A 64 0.42 -6.66 -10.49
C LYS A 64 1.95 -6.77 -10.73
N ASN A 65 2.56 -5.67 -11.12
CA ASN A 65 3.99 -5.60 -11.39
C ASN A 65 4.82 -5.47 -10.11
N LEU A 66 4.22 -4.97 -9.04
CA LEU A 66 4.94 -4.80 -7.79
C LEU A 66 4.91 -6.09 -6.99
N LYS A 67 5.47 -6.10 -5.79
CA LYS A 67 5.48 -7.32 -4.99
C LYS A 67 5.35 -7.05 -3.48
N THR A 68 6.20 -6.20 -2.92
CA THR A 68 6.10 -5.93 -1.50
C THR A 68 5.63 -4.49 -1.26
N VAL A 69 5.66 -4.05 -0.01
CA VAL A 69 5.33 -2.68 0.30
C VAL A 69 6.53 -1.79 0.04
N GLY A 70 7.69 -2.44 -0.12
CA GLY A 70 8.91 -1.73 -0.46
C GLY A 70 8.86 -1.32 -1.90
N ASP A 71 8.15 -2.12 -2.68
CA ASP A 71 7.96 -1.83 -4.08
C ASP A 71 6.87 -0.80 -4.24
N ALA A 72 5.87 -0.91 -3.37
CA ALA A 72 4.73 -0.03 -3.38
C ALA A 72 5.16 1.37 -3.07
N THR A 73 5.87 1.52 -1.95
CA THR A 73 6.36 2.80 -1.49
C THR A 73 7.14 3.52 -2.56
N LYS A 74 8.04 2.80 -3.21
CA LYS A 74 8.87 3.34 -4.28
C LYS A 74 8.00 3.96 -5.37
N TYR A 75 7.05 3.18 -5.88
CA TYR A 75 6.20 3.62 -6.98
C TYR A 75 5.35 4.82 -6.57
N ILE A 76 4.77 4.73 -5.39
CA ILE A 76 3.93 5.79 -4.86
C ILE A 76 4.74 7.07 -4.68
N LEU A 77 5.77 7.00 -3.85
CA LEU A 77 6.63 8.14 -3.52
C LEU A 77 7.27 8.76 -4.76
N ASP A 78 7.52 7.95 -5.76
CA ASP A 78 8.14 8.44 -6.98
C ASP A 78 7.14 9.19 -7.86
N HIS A 79 5.95 8.66 -7.95
CA HIS A 79 4.93 9.20 -8.86
C HIS A 79 3.99 10.21 -8.20
N GLN A 80 4.24 10.54 -6.96
CA GLN A 80 3.40 11.47 -6.26
C GLN A 80 4.07 12.83 -6.14
N ALA A 81 3.26 13.81 -5.80
CA ALA A 81 3.66 15.16 -5.55
C ALA A 81 2.45 15.88 -4.97
P24 SXO B . -4.17 -13.71 -4.45
O26 SXO B . -2.67 -13.60 -4.27
O23 SXO B . -4.81 -14.97 -4.03
O27 SXO B . -4.48 -13.53 -6.01
C28 SXO B . -4.04 -12.28 -6.70
C29 SXO B . -4.27 -12.39 -8.21
C30 SXO B . -3.51 -13.59 -8.67
C31 SXO B . -5.75 -12.57 -8.50
C32 SXO B . -3.73 -11.13 -9.02
O33 SXO B . -3.82 -11.37 -10.42
C34 SXO B . -4.50 -9.85 -8.76
O35 SXO B . -5.04 -9.28 -9.72
N36 SXO B . -4.56 -9.42 -7.55
C37 SXO B . -5.24 -8.22 -7.11
C38 SXO B . -4.30 -7.19 -6.45
C39 SXO B . -3.41 -7.78 -5.35
O40 SXO B . -3.63 -7.58 -4.16
N41 SXO B . -2.41 -8.51 -5.78
C42 SXO B . -1.45 -9.14 -4.91
C43 SXO B . -0.48 -9.94 -5.72
S1 SXO B . 0.49 -8.86 -6.67
C1 SXO B . 1.34 -8.08 -5.35
O1 SXO B . 1.56 -8.61 -4.25
C2 SXO B . 1.73 -6.65 -5.63
C3 SXO B . 0.95 -5.67 -4.80
C4 SXO B . 1.35 -4.24 -5.12
C5 SXO B . 0.52 -3.27 -4.32
C6 SXO B . 0.89 -1.84 -4.59
C7 SXO B . 0.06 -0.90 -3.74
C8 SXO B . 0.47 0.52 -4.00
H28 SXO B . -2.98 -12.13 -6.53
H28A SXO B . -4.60 -11.45 -6.31
H30 SXO B . -3.63 -13.71 -9.73
H30A SXO B . -2.48 -13.40 -8.42
H30B SXO B . -3.88 -14.44 -8.12
H31 SXO B . -5.91 -12.65 -9.56
H31A SXO B . -6.28 -11.72 -8.10
H31B SXO B . -6.09 -13.47 -8.00
H32 SXO B . -2.70 -10.95 -8.74
HO33 SXO B . -4.47 -10.71 -10.69
HN36 SXO B . -4.08 -9.95 -6.86
H37 SXO B . -5.74 -7.75 -7.95
H37A SXO B . -5.98 -8.50 -6.39
H38 SXO B . -4.90 -6.39 -6.03
H38A SXO B . -3.63 -6.82 -7.20
HN41 SXO B . -2.28 -8.64 -6.74
H42 SXO B . -0.91 -8.38 -4.36
H42A SXO B . -1.93 -9.78 -4.18
H43 SXO B . 0.15 -10.51 -5.04
H43A SXO B . -1.04 -10.60 -6.37
H2 SXO B . 1.54 -6.44 -6.68
H2A SXO B . 2.80 -6.54 -5.43
H3 SXO B . -0.09 -5.79 -4.99
H3A SXO B . 1.16 -5.85 -3.76
H4 SXO B . 1.17 -4.06 -6.17
H4A SXO B . 2.39 -4.09 -4.90
H5 SXO B . -0.52 -3.41 -4.55
H5A SXO B . 0.68 -3.47 -3.27
H6 SXO B . 0.69 -1.61 -5.64
H6A SXO B . 1.93 -1.68 -4.37
H7 SXO B . 0.23 -1.11 -2.69
H7A SXO B . -0.99 -1.01 -3.98
H8 SXO B . 0.31 0.75 -5.05
H8A SXO B . 1.52 0.64 -3.76
H8B SXO B . -0.12 1.18 -3.39
N ALA A 1 3.62 15.64 -0.41
CA ALA A 1 4.32 14.40 -0.64
C ALA A 1 4.88 13.88 0.65
N ALA A 2 4.53 12.68 0.98
CA ALA A 2 5.02 12.02 2.16
C ALA A 2 6.07 11.03 1.73
N THR A 3 6.98 10.68 2.58
CA THR A 3 8.00 9.76 2.16
C THR A 3 7.57 8.33 2.49
N GLN A 4 8.42 7.34 2.15
CA GLN A 4 8.11 5.90 2.29
C GLN A 4 7.49 5.56 3.64
N GLU A 5 8.09 6.05 4.69
CA GLU A 5 7.67 5.78 6.04
C GLU A 5 6.24 6.25 6.27
N GLU A 6 6.01 7.51 5.93
CA GLU A 6 4.70 8.13 6.08
C GLU A 6 3.70 7.52 5.11
N ILE A 7 4.19 7.08 3.97
CA ILE A 7 3.36 6.44 2.98
C ILE A 7 2.84 5.11 3.55
N VAL A 8 3.74 4.29 4.12
CA VAL A 8 3.36 3.01 4.75
C VAL A 8 2.33 3.24 5.87
N ALA A 9 2.55 4.32 6.63
CA ALA A 9 1.63 4.71 7.69
C ALA A 9 0.23 4.96 7.13
N GLY A 10 0.18 5.53 5.94
CA GLY A 10 -1.08 5.78 5.27
C GLY A 10 -1.66 4.50 4.69
N LEU A 11 -0.80 3.66 4.12
CA LEU A 11 -1.18 2.37 3.53
C LEU A 11 -1.93 1.52 4.53
N ALA A 12 -1.39 1.49 5.73
CA ALA A 12 -1.94 0.70 6.80
C ALA A 12 -3.32 1.18 7.22
N GLU A 13 -3.69 2.44 6.92
CA GLU A 13 -5.03 2.92 7.25
C GLU A 13 -6.03 2.11 6.48
N ILE A 14 -5.85 2.05 5.17
CA ILE A 14 -6.77 1.36 4.32
C ILE A 14 -6.66 -0.15 4.59
N VAL A 15 -5.44 -0.62 4.76
CA VAL A 15 -5.23 -2.03 5.02
C VAL A 15 -5.90 -2.47 6.35
N ASN A 16 -5.87 -1.60 7.35
CA ASN A 16 -6.55 -1.86 8.62
C ASN A 16 -8.05 -1.75 8.46
N GLU A 17 -8.47 -0.78 7.68
CA GLU A 17 -9.88 -0.53 7.38
C GLU A 17 -10.50 -1.75 6.65
N ILE A 18 -9.78 -2.23 5.66
CA ILE A 18 -10.23 -3.33 4.82
C ILE A 18 -10.04 -4.70 5.47
N ALA A 19 -8.84 -5.01 5.88
CA ALA A 19 -8.56 -6.34 6.37
C ALA A 19 -8.43 -6.39 7.88
N GLY A 20 -7.89 -5.36 8.46
CA GLY A 20 -7.76 -5.31 9.90
C GLY A 20 -6.42 -5.81 10.38
N ILE A 21 -5.39 -5.10 10.03
CA ILE A 21 -4.04 -5.43 10.43
C ILE A 21 -3.57 -4.51 11.55
N PRO A 22 -2.57 -4.91 12.32
CA PRO A 22 -1.96 -4.03 13.28
C PRO A 22 -1.11 -2.99 12.52
N VAL A 23 -1.24 -1.74 12.88
CA VAL A 23 -0.58 -0.66 12.16
C VAL A 23 0.97 -0.72 12.29
N GLU A 24 1.43 -1.40 13.32
CA GLU A 24 2.86 -1.56 13.55
C GLU A 24 3.38 -2.85 12.93
N ASP A 25 2.48 -3.63 12.38
CA ASP A 25 2.87 -4.91 11.76
C ASP A 25 3.37 -4.64 10.35
N VAL A 26 2.75 -3.65 9.73
CA VAL A 26 3.07 -3.26 8.36
C VAL A 26 4.36 -2.46 8.33
N LYS A 27 5.44 -3.17 8.15
CA LYS A 27 6.76 -2.60 8.00
C LYS A 27 7.24 -2.89 6.60
N LEU A 28 8.43 -2.45 6.23
CA LEU A 28 8.91 -2.54 4.84
C LEU A 28 9.16 -3.96 4.34
N ASP A 29 9.28 -4.92 5.23
CA ASP A 29 9.50 -6.31 4.83
C ASP A 29 8.20 -7.06 4.67
N LYS A 30 7.11 -6.33 4.61
CA LYS A 30 5.80 -6.91 4.45
C LYS A 30 5.33 -6.71 3.01
N SER A 31 4.66 -7.69 2.51
CA SER A 31 4.01 -7.63 1.25
C SER A 31 2.51 -7.72 1.51
N PHE A 32 1.70 -7.23 0.58
CA PHE A 32 0.29 -7.05 0.86
C PHE A 32 -0.51 -8.33 0.99
N THR A 33 -0.17 -9.32 0.22
CA THR A 33 -0.94 -10.52 0.25
C THR A 33 -0.07 -11.73 0.60
N ASP A 34 1.14 -11.49 1.01
CA ASP A 34 1.97 -12.59 1.41
C ASP A 34 2.34 -12.51 2.87
N ASP A 35 2.82 -11.36 3.29
CA ASP A 35 3.17 -11.18 4.71
C ASP A 35 2.00 -10.66 5.48
N LEU A 36 1.08 -10.07 4.77
CA LEU A 36 -0.10 -9.56 5.38
C LEU A 36 -1.23 -10.55 5.19
N ASP A 37 -2.34 -10.31 5.84
CA ASP A 37 -3.47 -11.25 5.81
C ASP A 37 -4.49 -10.75 4.81
N VAL A 38 -4.08 -9.80 4.05
CA VAL A 38 -4.91 -9.15 3.09
C VAL A 38 -4.90 -9.94 1.81
N ASP A 39 -6.04 -10.50 1.47
CA ASP A 39 -6.17 -11.18 0.20
C ASP A 39 -5.94 -10.17 -0.90
N SER A 40 -5.33 -10.58 -1.95
CA SER A 40 -4.96 -9.69 -3.00
C SER A 40 -6.16 -9.05 -3.66
N LEU A 41 -7.21 -9.82 -3.86
CA LEU A 41 -8.43 -9.29 -4.44
C LEU A 41 -9.07 -8.25 -3.48
N SER A 42 -8.68 -8.32 -2.22
CA SER A 42 -9.12 -7.40 -1.21
C SER A 42 -8.25 -6.14 -1.22
N MET A 43 -6.96 -6.29 -1.58
CA MET A 43 -6.05 -5.14 -1.66
C MET A 43 -6.49 -4.22 -2.79
N VAL A 44 -7.25 -4.75 -3.71
CA VAL A 44 -7.82 -3.97 -4.80
C VAL A 44 -8.72 -2.84 -4.23
N GLU A 45 -9.24 -3.03 -3.03
CA GLU A 45 -10.04 -2.00 -2.37
C GLU A 45 -9.11 -0.95 -1.75
N VAL A 46 -7.89 -1.37 -1.50
CA VAL A 46 -6.87 -0.55 -0.88
C VAL A 46 -6.26 0.37 -1.91
N VAL A 47 -5.83 -0.20 -3.03
CA VAL A 47 -5.17 0.56 -4.12
C VAL A 47 -5.94 1.84 -4.54
N VAL A 48 -7.24 1.71 -4.81
CA VAL A 48 -8.09 2.86 -5.23
C VAL A 48 -7.99 3.93 -4.18
N ALA A 49 -8.23 3.48 -2.95
CA ALA A 49 -8.26 4.33 -1.81
C ALA A 49 -6.89 4.97 -1.55
N ALA A 50 -5.85 4.28 -1.93
CA ALA A 50 -4.51 4.77 -1.74
C ALA A 50 -4.19 5.89 -2.71
N GLU A 51 -4.66 5.76 -3.96
CA GLU A 51 -4.43 6.77 -4.98
C GLU A 51 -4.90 8.14 -4.48
N GLU A 52 -6.11 8.17 -3.96
CA GLU A 52 -6.69 9.41 -3.48
C GLU A 52 -5.99 9.94 -2.22
N ARG A 53 -5.70 9.06 -1.26
CA ARG A 53 -5.12 9.51 0.01
C ARG A 53 -3.71 10.04 -0.17
N PHE A 54 -2.93 9.41 -1.04
CA PHE A 54 -1.54 9.83 -1.24
C PHE A 54 -1.39 10.77 -2.41
N ASP A 55 -2.52 11.11 -3.06
CA ASP A 55 -2.54 12.02 -4.24
C ASP A 55 -1.71 11.45 -5.38
N VAL A 56 -1.77 10.15 -5.52
CA VAL A 56 -0.97 9.45 -6.48
C VAL A 56 -1.90 8.66 -7.44
N LYS A 57 -1.32 7.83 -8.28
CA LYS A 57 -2.03 6.95 -9.16
C LYS A 57 -1.30 5.65 -9.13
N ILE A 58 -2.02 4.58 -8.95
CA ILE A 58 -1.42 3.27 -8.87
C ILE A 58 -2.22 2.33 -9.75
N PRO A 59 -1.87 2.23 -11.03
CA PRO A 59 -2.56 1.39 -11.98
C PRO A 59 -2.42 -0.09 -11.65
N ASP A 60 -3.49 -0.83 -11.89
CA ASP A 60 -3.59 -2.26 -11.59
C ASP A 60 -2.51 -3.11 -12.28
N ASP A 61 -1.97 -2.62 -13.38
CA ASP A 61 -0.89 -3.36 -14.05
C ASP A 61 0.39 -3.19 -13.25
N ASP A 62 0.60 -1.97 -12.76
CA ASP A 62 1.77 -1.68 -11.94
C ASP A 62 1.64 -2.35 -10.61
N VAL A 63 0.42 -2.46 -10.13
CA VAL A 63 0.09 -3.21 -8.91
C VAL A 63 0.65 -4.63 -9.01
N LYS A 64 0.30 -5.33 -10.07
CA LYS A 64 0.72 -6.72 -10.27
C LYS A 64 2.22 -6.87 -10.50
N ASN A 65 2.90 -5.77 -10.72
CA ASN A 65 4.32 -5.78 -10.94
C ASN A 65 5.05 -5.59 -9.61
N LEU A 66 4.34 -5.04 -8.64
CA LEU A 66 4.90 -4.76 -7.34
C LEU A 66 4.74 -5.98 -6.45
N LYS A 67 5.45 -6.01 -5.35
CA LYS A 67 5.40 -7.16 -4.48
C LYS A 67 5.31 -6.83 -2.99
N THR A 68 6.23 -6.05 -2.47
CA THR A 68 6.20 -5.73 -1.07
C THR A 68 5.73 -4.30 -0.88
N VAL A 69 5.65 -3.86 0.35
CA VAL A 69 5.30 -2.48 0.61
C VAL A 69 6.51 -1.59 0.36
N GLY A 70 7.70 -2.19 0.42
CA GLY A 70 8.91 -1.47 0.15
C GLY A 70 9.07 -1.26 -1.33
N ASP A 71 8.66 -2.27 -2.06
CA ASP A 71 8.69 -2.23 -3.51
C ASP A 71 7.61 -1.30 -4.04
N ALA A 72 6.48 -1.27 -3.35
CA ALA A 72 5.34 -0.48 -3.76
C ALA A 72 5.56 1.00 -3.46
N THR A 73 6.19 1.30 -2.33
CA THR A 73 6.39 2.66 -1.92
C THR A 73 7.28 3.46 -2.86
N LYS A 74 8.13 2.78 -3.61
CA LYS A 74 9.00 3.43 -4.55
C LYS A 74 8.18 3.97 -5.73
N TYR A 75 7.19 3.20 -6.16
CA TYR A 75 6.34 3.61 -7.27
C TYR A 75 5.47 4.81 -6.86
N ILE A 76 5.09 4.80 -5.61
CA ILE A 76 4.31 5.87 -5.03
C ILE A 76 5.17 7.12 -4.95
N LEU A 77 6.31 7.00 -4.26
CA LEU A 77 7.26 8.10 -4.05
C LEU A 77 7.79 8.64 -5.38
N ASP A 78 7.74 7.80 -6.38
CA ASP A 78 8.12 8.14 -7.74
C ASP A 78 7.26 9.28 -8.29
N HIS A 79 5.99 9.28 -7.93
CA HIS A 79 5.06 10.26 -8.49
C HIS A 79 4.79 11.38 -7.48
N GLN A 80 4.19 11.00 -6.35
CA GLN A 80 3.81 11.90 -5.23
C GLN A 80 3.08 13.21 -5.61
N ALA A 81 2.86 14.02 -4.60
CA ALA A 81 2.29 15.33 -4.75
C ALA A 81 3.01 16.25 -3.79
P24 SXO B . -3.95 -12.73 -5.08
O26 SXO B . -2.51 -12.44 -4.90
O23 SXO B . -4.44 -14.04 -4.63
O27 SXO B . -4.32 -12.60 -6.59
C28 SXO B . -4.01 -11.37 -7.38
C29 SXO B . -4.38 -11.59 -8.85
C30 SXO B . -3.64 -12.82 -9.23
C31 SXO B . -5.88 -11.80 -8.98
C32 SXO B . -3.90 -10.44 -9.79
O33 SXO B . -4.36 -10.69 -11.13
C34 SXO B . -4.40 -9.07 -9.39
O35 SXO B . -5.35 -8.55 -9.99
N36 SXO B . -3.74 -8.50 -8.44
C37 SXO B . -3.99 -7.19 -7.92
C38 SXO B . -4.28 -7.18 -6.42
C39 SXO B . -3.12 -7.54 -5.49
O40 SXO B . -3.22 -7.42 -4.28
N41 SXO B . -2.06 -7.99 -6.08
C42 SXO B . -0.86 -8.41 -5.37
C43 SXO B . 0.39 -8.12 -6.17
S1 SXO B . 1.79 -8.46 -5.20
C1 SXO B . 1.52 -7.31 -3.90
O1 SXO B . 1.03 -7.64 -2.80
C2 SXO B . 1.96 -5.89 -4.19
C3 SXO B . 0.81 -4.96 -4.57
C4 SXO B . 1.23 -3.50 -4.56
C5 SXO B . 0.14 -2.60 -5.09
C6 SXO B . 0.38 -1.13 -4.80
C7 SXO B . 0.30 -0.84 -3.31
C8 SXO B . 0.57 0.62 -3.06
H28 SXO B . -2.95 -11.17 -7.35
H28A SXO B . -4.56 -10.52 -7.02
H30 SXO B . -4.03 -13.61 -8.61
H30A SXO B . -3.75 -13.01 -10.29
H30B SXO B . -2.62 -12.59 -8.95
H31 SXO B . -6.38 -10.92 -8.61
H31A SXO B . -6.16 -12.66 -8.38
H31B SXO B . -6.13 -11.96 -10.01
H32 SXO B . -2.83 -10.40 -9.74
HO33 SXO B . -4.94 -9.96 -11.34
HN36 SXO B . -2.98 -9.01 -8.10
H37 SXO B . -3.16 -6.54 -8.14
H37A SXO B . -4.87 -6.83 -8.44
H38 SXO B . -5.07 -7.87 -6.25
H38A SXO B . -4.56 -6.17 -6.13
HN41 SXO B . -2.10 -8.06 -7.05
H42 SXO B . -0.82 -7.85 -4.46
H42A SXO B . -0.90 -9.44 -5.09
H43 SXO B . 0.41 -8.76 -7.05
H43A SXO B . 0.42 -7.08 -6.45
H2 SXO B . 2.62 -5.93 -5.04
H2A SXO B . 2.47 -5.47 -3.34
H3 SXO B . 0.47 -5.21 -5.57
H3A SXO B . 0.00 -5.10 -3.87
H4 SXO B . 2.12 -3.38 -5.17
H4A SXO B . 1.47 -3.21 -3.54
H5 SXO B . 0.06 -2.74 -6.16
H5A SXO B . -0.80 -2.89 -4.63
H6 SXO B . -0.35 -0.53 -5.32
H6A SXO B . 1.38 -0.87 -5.15
H7 SXO B . 1.04 -1.42 -2.79
H7A SXO B . -0.69 -1.08 -2.97
H8 SXO B . -0.16 1.22 -3.59
H8A SXO B . 1.56 0.87 -3.41
H8B SXO B . 0.50 0.82 -2.00
N ALA A 1 4.04 16.03 -1.14
CA ALA A 1 4.06 14.61 -1.45
C ALA A 1 4.40 13.84 -0.20
N ALA A 2 3.96 12.62 -0.13
CA ALA A 2 4.23 11.75 1.00
C ALA A 2 5.27 10.74 0.64
N THR A 3 6.11 10.49 1.58
CA THR A 3 7.17 9.59 1.38
C THR A 3 6.93 8.26 2.09
N GLN A 4 7.92 7.36 2.06
CA GLN A 4 7.79 5.96 2.52
C GLN A 4 7.10 5.77 3.87
N GLU A 5 7.48 6.56 4.86
CA GLU A 5 6.97 6.39 6.20
C GLU A 5 5.53 6.91 6.30
N GLU A 6 5.20 7.82 5.44
CA GLU A 6 3.88 8.39 5.38
C GLU A 6 2.99 7.47 4.54
N ILE A 7 3.59 6.91 3.51
CA ILE A 7 2.94 6.02 2.58
C ILE A 7 2.51 4.72 3.28
N VAL A 8 3.47 3.98 3.85
CA VAL A 8 3.18 2.68 4.49
C VAL A 8 2.09 2.85 5.57
N ALA A 9 2.27 3.84 6.42
CA ALA A 9 1.31 4.17 7.47
C ALA A 9 -0.07 4.41 6.87
N GLY A 10 -0.13 5.18 5.79
CA GLY A 10 -1.38 5.50 5.15
C GLY A 10 -2.01 4.25 4.54
N LEU A 11 -1.17 3.41 3.94
CA LEU A 11 -1.60 2.15 3.36
C LEU A 11 -2.24 1.30 4.43
N ALA A 12 -1.58 1.23 5.57
CA ALA A 12 -2.06 0.45 6.68
C ALA A 12 -3.30 1.06 7.31
N GLU A 13 -3.48 2.36 7.17
CA GLU A 13 -4.71 3.03 7.63
C GLU A 13 -5.92 2.45 6.93
N ILE A 14 -5.83 2.35 5.60
CA ILE A 14 -6.92 1.77 4.87
C ILE A 14 -6.92 0.24 5.07
N VAL A 15 -5.74 -0.40 4.98
CA VAL A 15 -5.63 -1.86 5.15
C VAL A 15 -6.08 -2.33 6.56
N ASN A 16 -6.04 -1.44 7.53
CA ASN A 16 -6.52 -1.75 8.88
C ASN A 16 -8.01 -1.98 8.88
N GLU A 17 -8.73 -1.21 8.09
CA GLU A 17 -10.16 -1.35 8.01
C GLU A 17 -10.53 -2.57 7.16
N ILE A 18 -9.69 -2.85 6.17
CA ILE A 18 -9.91 -3.94 5.23
C ILE A 18 -9.47 -5.31 5.81
N ALA A 19 -8.25 -5.40 6.27
CA ALA A 19 -7.69 -6.66 6.74
C ALA A 19 -7.70 -6.77 8.25
N GLY A 20 -7.58 -5.65 8.92
CA GLY A 20 -7.54 -5.66 10.36
C GLY A 20 -6.14 -5.91 10.86
N ILE A 21 -5.19 -5.20 10.30
CA ILE A 21 -3.81 -5.35 10.68
C ILE A 21 -3.32 -4.17 11.52
N PRO A 22 -2.27 -4.36 12.30
CA PRO A 22 -1.65 -3.28 13.04
C PRO A 22 -0.81 -2.42 12.08
N VAL A 23 -0.93 -1.11 12.21
CA VAL A 23 -0.24 -0.20 11.32
C VAL A 23 1.27 -0.23 11.50
N GLU A 24 1.72 -0.70 12.63
CA GLU A 24 3.13 -0.80 12.92
C GLU A 24 3.65 -2.19 12.58
N ASP A 25 2.74 -3.07 12.20
CA ASP A 25 3.15 -4.41 11.82
C ASP A 25 3.61 -4.39 10.39
N VAL A 26 2.95 -3.56 9.64
CA VAL A 26 3.25 -3.36 8.26
C VAL A 26 4.46 -2.46 8.12
N LYS A 27 5.61 -3.07 8.10
CA LYS A 27 6.84 -2.36 7.81
C LYS A 27 7.17 -2.63 6.35
N LEU A 28 8.27 -2.11 5.86
CA LEU A 28 8.56 -2.14 4.43
C LEU A 28 8.75 -3.53 3.82
N ASP A 29 9.06 -4.51 4.64
CA ASP A 29 9.27 -5.87 4.12
C ASP A 29 7.95 -6.65 4.02
N LYS A 30 6.87 -6.01 4.42
CA LYS A 30 5.55 -6.63 4.39
C LYS A 30 4.92 -6.61 3.01
N SER A 31 4.41 -7.74 2.59
CA SER A 31 3.68 -7.85 1.36
C SER A 31 2.22 -8.14 1.70
N PHE A 32 1.30 -7.67 0.86
CA PHE A 32 -0.13 -7.68 1.18
C PHE A 32 -0.72 -9.08 1.33
N THR A 33 -0.55 -9.91 0.36
CA THR A 33 -1.05 -11.23 0.48
C THR A 33 0.07 -12.22 0.15
N ASP A 34 0.98 -12.28 1.09
CA ASP A 34 2.19 -13.09 0.98
C ASP A 34 2.85 -13.08 2.33
N ASP A 35 2.87 -11.90 2.94
CA ASP A 35 3.41 -11.77 4.30
C ASP A 35 2.25 -11.53 5.22
N LEU A 36 1.36 -10.65 4.79
CA LEU A 36 0.16 -10.30 5.53
C LEU A 36 -0.99 -11.21 5.12
N ASP A 37 -2.10 -11.06 5.79
CA ASP A 37 -3.31 -11.85 5.56
C ASP A 37 -4.38 -10.99 4.93
N VAL A 38 -3.93 -10.00 4.18
CA VAL A 38 -4.80 -9.05 3.52
C VAL A 38 -5.38 -9.71 2.28
N ASP A 39 -6.70 -9.84 2.24
CA ASP A 39 -7.41 -10.36 1.07
C ASP A 39 -6.98 -9.58 -0.16
N SER A 40 -6.62 -10.28 -1.20
CA SER A 40 -6.06 -9.68 -2.38
C SER A 40 -7.06 -8.81 -3.11
N LEU A 41 -8.26 -9.35 -3.34
CA LEU A 41 -9.32 -8.59 -3.99
C LEU A 41 -9.69 -7.37 -3.16
N SER A 42 -9.45 -7.46 -1.88
CA SER A 42 -9.73 -6.39 -0.96
C SER A 42 -8.57 -5.37 -0.95
N MET A 43 -7.37 -5.81 -1.32
CA MET A 43 -6.20 -4.92 -1.41
C MET A 43 -6.39 -3.99 -2.59
N VAL A 44 -7.15 -4.44 -3.54
CA VAL A 44 -7.50 -3.61 -4.70
C VAL A 44 -8.25 -2.36 -4.23
N GLU A 45 -8.93 -2.53 -3.10
CA GLU A 45 -9.68 -1.48 -2.50
C GLU A 45 -8.78 -0.52 -1.73
N VAL A 46 -7.59 -0.96 -1.35
CA VAL A 46 -6.66 -0.07 -0.69
C VAL A 46 -5.83 0.66 -1.71
N VAL A 47 -5.49 0.00 -2.81
CA VAL A 47 -4.69 0.64 -3.84
C VAL A 47 -5.47 1.79 -4.51
N VAL A 48 -6.76 1.58 -4.77
CA VAL A 48 -7.59 2.62 -5.36
C VAL A 48 -7.75 3.79 -4.35
N ALA A 49 -7.80 3.44 -3.07
CA ALA A 49 -7.91 4.44 -2.02
C ALA A 49 -6.56 5.14 -1.82
N ALA A 50 -5.50 4.47 -2.14
CA ALA A 50 -4.18 5.02 -2.00
C ALA A 50 -3.95 6.09 -3.06
N GLU A 51 -4.53 5.88 -4.24
CA GLU A 51 -4.41 6.83 -5.34
C GLU A 51 -4.96 8.19 -4.93
N GLU A 52 -6.07 8.19 -4.23
CA GLU A 52 -6.68 9.42 -3.75
C GLU A 52 -6.05 9.89 -2.44
N ARG A 53 -5.68 8.95 -1.58
CA ARG A 53 -5.12 9.25 -0.26
C ARG A 53 -3.75 9.90 -0.37
N PHE A 54 -2.90 9.30 -1.16
CA PHE A 54 -1.54 9.77 -1.27
C PHE A 54 -1.37 10.65 -2.49
N ASP A 55 -2.44 10.72 -3.29
CA ASP A 55 -2.51 11.55 -4.53
C ASP A 55 -1.76 10.89 -5.70
N VAL A 56 -0.99 9.88 -5.39
CA VAL A 56 -0.24 9.14 -6.38
C VAL A 56 -1.12 8.08 -7.03
N LYS A 57 -1.41 8.29 -8.27
CA LYS A 57 -2.22 7.37 -9.03
C LYS A 57 -1.38 6.16 -9.40
N ILE A 58 -1.91 5.00 -9.12
CA ILE A 58 -1.20 3.75 -9.25
C ILE A 58 -1.97 2.84 -10.20
N PRO A 59 -1.48 2.72 -11.44
CA PRO A 59 -2.11 1.90 -12.48
C PRO A 59 -2.10 0.39 -12.17
N ASP A 60 -3.09 -0.30 -12.72
CA ASP A 60 -3.30 -1.75 -12.56
C ASP A 60 -2.04 -2.54 -12.92
N ASP A 61 -1.43 -2.15 -14.02
CA ASP A 61 -0.21 -2.78 -14.52
C ASP A 61 0.96 -2.59 -13.56
N ASP A 62 0.90 -1.55 -12.75
CA ASP A 62 1.94 -1.31 -11.77
C ASP A 62 1.67 -2.05 -10.49
N VAL A 63 0.39 -2.11 -10.11
CA VAL A 63 -0.05 -2.85 -8.91
C VAL A 63 0.45 -4.29 -8.98
N LYS A 64 0.12 -4.97 -10.06
CA LYS A 64 0.48 -6.37 -10.30
C LYS A 64 1.99 -6.57 -10.45
N ASN A 65 2.70 -5.49 -10.60
CA ASN A 65 4.12 -5.54 -10.85
C ASN A 65 4.89 -5.37 -9.52
N LEU A 66 4.18 -5.14 -8.45
CA LEU A 66 4.84 -4.95 -7.18
C LEU A 66 4.64 -6.16 -6.30
N LYS A 67 5.25 -6.15 -5.12
CA LYS A 67 5.12 -7.25 -4.20
C LYS A 67 4.99 -6.79 -2.75
N THR A 68 5.97 -6.10 -2.22
CA THR A 68 5.88 -5.67 -0.85
C THR A 68 5.43 -4.21 -0.75
N VAL A 69 5.32 -3.70 0.46
CA VAL A 69 5.02 -2.29 0.65
C VAL A 69 6.29 -1.47 0.44
N GLY A 70 7.43 -2.17 0.41
CA GLY A 70 8.69 -1.58 0.09
C GLY A 70 8.75 -1.35 -1.40
N ASP A 71 8.00 -2.16 -2.13
CA ASP A 71 7.87 -1.98 -3.56
C ASP A 71 6.87 -0.89 -3.86
N ALA A 72 5.85 -0.83 -3.01
CA ALA A 72 4.77 0.14 -3.14
C ALA A 72 5.33 1.54 -2.98
N THR A 73 6.04 1.76 -1.89
CA THR A 73 6.68 3.02 -1.59
C THR A 73 7.63 3.41 -2.72
N LYS A 74 8.49 2.48 -3.07
CA LYS A 74 9.46 2.62 -4.15
C LYS A 74 8.80 3.15 -5.44
N TYR A 75 7.63 2.62 -5.77
CA TYR A 75 6.91 3.07 -6.96
C TYR A 75 6.31 4.46 -6.73
N ILE A 76 5.62 4.59 -5.63
CA ILE A 76 4.96 5.82 -5.25
C ILE A 76 5.90 7.01 -5.25
N LEU A 77 6.96 6.92 -4.47
CA LEU A 77 7.97 7.97 -4.36
C LEU A 77 8.63 8.28 -5.70
N ASP A 78 8.56 7.34 -6.61
CA ASP A 78 9.11 7.54 -7.97
C ASP A 78 8.13 8.32 -8.81
N HIS A 79 6.89 7.91 -8.74
CA HIS A 79 5.83 8.45 -9.54
C HIS A 79 5.39 9.82 -9.02
N GLN A 80 4.91 9.82 -7.76
CA GLN A 80 4.34 10.99 -7.07
C GLN A 80 3.28 11.71 -7.89
N ALA A 81 2.03 11.51 -7.48
CA ALA A 81 0.84 12.04 -8.15
C ALA A 81 0.62 11.35 -9.48
P24 SXO B . -6.35 -13.11 -4.05
O26 SXO B . -5.03 -13.56 -3.58
O23 SXO B . -7.56 -13.94 -3.71
O27 SXO B . -6.31 -13.01 -5.61
C28 SXO B . -5.26 -12.19 -6.25
C29 SXO B . -5.32 -12.25 -7.73
C30 SXO B . -3.96 -11.83 -8.27
C31 SXO B . -5.57 -13.69 -8.18
C32 SXO B . -6.51 -11.37 -8.27
O33 SXO B . -7.77 -11.98 -7.97
C34 SXO B . -6.56 -9.96 -7.69
O35 SXO B . -7.55 -9.62 -7.00
N36 SXO B . -5.57 -9.14 -7.95
C37 SXO B . -5.48 -7.78 -7.51
C38 SXO B . -4.07 -7.40 -7.17
C39 SXO B . -3.61 -7.99 -5.86
O40 SXO B . -4.36 -8.06 -4.89
N41 SXO B . -2.37 -8.39 -5.83
C42 SXO B . -1.76 -8.97 -4.67
C43 SXO B . -0.70 -9.96 -5.07
S1 SXO B . 0.66 -9.10 -5.70
C1 SXO B . 1.07 -8.19 -4.25
O1 SXO B . 0.91 -8.60 -3.07
C2 SXO B . 1.62 -6.81 -4.53
C3 SXO B . 0.61 -5.72 -4.24
C4 SXO B . 1.22 -4.35 -4.45
C5 SXO B . 0.23 -3.26 -4.14
C6 SXO B . 0.85 -1.88 -4.27
C7 SXO B . -0.13 -0.80 -3.87
C8 SXO B . 0.54 0.54 -3.99
H28 SXO B . -4.28 -12.41 -5.85
H28A SXO B . -5.53 -11.16 -6.12
H30 SXO B . -3.70 -10.84 -7.88
H30A SXO B . -3.21 -12.54 -7.97
H30B SXO B . -4.00 -11.79 -9.35
H31 SXO B . -4.80 -14.34 -7.81
H31A SXO B . -5.63 -13.73 -9.26
H31B SXO B . -6.53 -13.99 -7.75
H32 SXO B . -6.35 -11.23 -9.31
HO33 SXO B . -8.15 -11.29 -7.39
HN36 SXO B . -4.84 -9.45 -8.52
H37 SXO B . -5.81 -7.16 -8.33
H37A SXO B . -6.12 -7.67 -6.65
H38 SXO B . -4.04 -6.33 -7.09
H38A SXO B . -3.40 -7.67 -7.98
HN41 SXO B . -1.84 -8.29 -6.66
H42 SXO B . -1.30 -8.20 -4.06
H42A SXO B . -2.47 -9.48 -4.04
H43 SXO B . -0.42 -10.52 -4.18
H43A SXO B . -1.13 -10.62 -5.81
H2 SXO B . 1.86 -6.75 -5.58
H2A SXO B . 2.48 -6.62 -3.92
H3 SXO B . -0.23 -5.84 -4.90
H3A SXO B . 0.28 -5.81 -3.22
H4 SXO B . 1.54 -4.26 -5.49
H4A SXO B . 2.08 -4.25 -3.80
H5 SXO B . -0.61 -3.33 -4.82
H5A SXO B . -0.11 -3.38 -3.12
H6 SXO B . 1.13 -1.74 -5.31
H6A SXO B . 1.73 -1.83 -3.64
H7 SXO B . -0.43 -0.93 -2.85
H7A SXO B . -0.98 -0.82 -4.53
H8 SXO B . 1.40 0.58 -3.34
H8A SXO B . -0.16 1.33 -3.70
H8B SXO B . 0.86 0.70 -5.00
N ALA A 1 5.85 15.73 -1.64
CA ALA A 1 5.57 14.29 -1.62
C ALA A 1 5.70 13.73 -0.21
N ALA A 2 4.81 12.83 0.15
CA ALA A 2 4.89 12.15 1.43
C ALA A 2 5.90 11.04 1.25
N THR A 3 6.71 10.79 2.22
CA THR A 3 7.78 9.88 2.01
C THR A 3 7.46 8.45 2.53
N GLN A 4 8.35 7.51 2.24
CA GLN A 4 8.18 6.06 2.43
C GLN A 4 7.48 5.65 3.73
N GLU A 5 7.98 6.06 4.90
CA GLU A 5 7.38 5.64 6.16
C GLU A 5 5.96 6.21 6.33
N GLU A 6 5.79 7.44 5.88
CA GLU A 6 4.54 8.13 6.00
C GLU A 6 3.56 7.56 4.98
N ILE A 7 4.11 7.04 3.88
CA ILE A 7 3.33 6.35 2.89
C ILE A 7 2.83 5.03 3.50
N VAL A 8 3.74 4.29 4.13
CA VAL A 8 3.42 3.03 4.82
C VAL A 8 2.29 3.25 5.82
N ALA A 9 2.42 4.30 6.61
CA ALA A 9 1.40 4.69 7.58
C ALA A 9 0.03 4.83 6.93
N GLY A 10 0.00 5.50 5.78
CA GLY A 10 -1.23 5.71 5.06
C GLY A 10 -1.78 4.40 4.51
N LEU A 11 -0.89 3.56 4.02
CA LEU A 11 -1.23 2.26 3.48
C LEU A 11 -1.94 1.41 4.52
N ALA A 12 -1.34 1.32 5.68
CA ALA A 12 -1.84 0.48 6.74
C ALA A 12 -3.18 0.94 7.27
N GLU A 13 -3.51 2.21 7.06
CA GLU A 13 -4.80 2.73 7.50
C GLU A 13 -5.93 2.02 6.77
N ILE A 14 -5.82 1.96 5.46
CA ILE A 14 -6.84 1.30 4.68
C ILE A 14 -6.77 -0.21 4.90
N VAL A 15 -5.55 -0.73 5.07
CA VAL A 15 -5.40 -2.16 5.30
C VAL A 15 -5.94 -2.56 6.70
N ASN A 16 -5.94 -1.63 7.64
CA ASN A 16 -6.52 -1.86 8.96
C ASN A 16 -8.04 -1.86 8.89
N GLU A 17 -8.57 -1.14 7.94
CA GLU A 17 -10.00 -1.08 7.74
C GLU A 17 -10.48 -2.36 7.03
N ILE A 18 -9.84 -2.67 5.92
CA ILE A 18 -10.21 -3.81 5.08
C ILE A 18 -9.82 -5.15 5.71
N ALA A 19 -8.59 -5.29 6.09
CA ALA A 19 -8.12 -6.55 6.65
C ALA A 19 -8.14 -6.51 8.16
N GLY A 20 -7.71 -5.41 8.72
CA GLY A 20 -7.68 -5.30 10.17
C GLY A 20 -6.33 -5.67 10.72
N ILE A 21 -5.30 -5.20 10.07
CA ILE A 21 -3.93 -5.48 10.49
C ILE A 21 -3.46 -4.48 11.54
N PRO A 22 -2.43 -4.83 12.31
CA PRO A 22 -1.78 -3.88 13.20
C PRO A 22 -1.01 -2.87 12.36
N VAL A 23 -1.15 -1.61 12.66
CA VAL A 23 -0.49 -0.58 11.85
C VAL A 23 1.04 -0.65 11.96
N GLU A 24 1.53 -1.16 13.08
CA GLU A 24 2.96 -1.31 13.28
C GLU A 24 3.47 -2.60 12.63
N ASP A 25 2.56 -3.42 12.16
CA ASP A 25 2.93 -4.70 11.56
C ASP A 25 3.43 -4.47 10.16
N VAL A 26 2.77 -3.56 9.49
CA VAL A 26 3.08 -3.20 8.11
C VAL A 26 4.39 -2.43 8.04
N LYS A 27 5.45 -3.15 7.86
CA LYS A 27 6.76 -2.59 7.63
C LYS A 27 7.17 -2.96 6.22
N LEU A 28 8.23 -2.37 5.75
CA LEU A 28 8.67 -2.42 4.34
C LEU A 28 8.78 -3.85 3.76
N ASP A 29 9.11 -4.80 4.60
CA ASP A 29 9.27 -6.20 4.20
C ASP A 29 7.93 -6.94 4.04
N LYS A 30 6.86 -6.29 4.37
CA LYS A 30 5.54 -6.90 4.30
C LYS A 30 4.93 -6.75 2.92
N SER A 31 4.60 -7.84 2.30
CA SER A 31 3.86 -7.86 1.06
C SER A 31 2.40 -8.07 1.41
N PHE A 32 1.51 -7.49 0.61
CA PHE A 32 0.08 -7.43 0.91
C PHE A 32 -0.55 -8.79 1.09
N THR A 33 -0.13 -9.74 0.31
CA THR A 33 -0.65 -11.05 0.47
C THR A 33 0.45 -12.09 0.39
N ASP A 34 1.18 -12.15 1.48
CA ASP A 34 2.23 -13.12 1.69
C ASP A 34 2.68 -12.95 3.11
N ASP A 35 3.02 -11.72 3.42
CA ASP A 35 3.42 -11.37 4.78
C ASP A 35 2.22 -10.81 5.49
N LEU A 36 1.53 -9.90 4.82
CA LEU A 36 0.36 -9.27 5.37
C LEU A 36 -0.81 -10.20 5.29
N ASP A 37 -1.75 -9.98 6.15
CA ASP A 37 -2.88 -10.85 6.27
C ASP A 37 -4.07 -10.23 5.59
N VAL A 38 -3.97 -10.21 4.30
CA VAL A 38 -5.01 -9.77 3.39
C VAL A 38 -5.22 -10.91 2.42
N ASP A 39 -6.46 -11.12 1.97
CA ASP A 39 -6.75 -12.22 1.03
C ASP A 39 -5.95 -12.05 -0.25
N SER A 40 -6.39 -11.15 -1.12
CA SER A 40 -5.62 -10.71 -2.30
C SER A 40 -6.36 -9.65 -3.09
N LEU A 41 -7.42 -10.05 -3.82
CA LEU A 41 -8.19 -9.08 -4.64
C LEU A 41 -8.76 -7.95 -3.80
N SER A 42 -8.92 -8.23 -2.54
CA SER A 42 -9.42 -7.28 -1.58
C SER A 42 -8.47 -6.07 -1.42
N MET A 43 -7.20 -6.26 -1.75
CA MET A 43 -6.21 -5.20 -1.67
C MET A 43 -6.49 -4.17 -2.76
N VAL A 44 -7.20 -4.58 -3.81
CA VAL A 44 -7.55 -3.69 -4.89
C VAL A 44 -8.47 -2.56 -4.38
N GLU A 45 -9.17 -2.84 -3.29
CA GLU A 45 -10.02 -1.84 -2.65
C GLU A 45 -9.15 -0.89 -1.81
N VAL A 46 -7.97 -1.37 -1.47
CA VAL A 46 -6.98 -0.59 -0.72
C VAL A 46 -6.32 0.36 -1.68
N VAL A 47 -5.63 -0.21 -2.67
CA VAL A 47 -4.81 0.55 -3.63
C VAL A 47 -5.57 1.72 -4.31
N VAL A 48 -6.84 1.53 -4.64
CA VAL A 48 -7.60 2.60 -5.29
C VAL A 48 -7.82 3.79 -4.32
N ALA A 49 -7.94 3.47 -3.04
CA ALA A 49 -8.13 4.46 -2.00
C ALA A 49 -6.77 4.98 -1.54
N ALA A 50 -5.74 4.23 -1.87
CA ALA A 50 -4.38 4.54 -1.53
C ALA A 50 -3.80 5.55 -2.46
N GLU A 51 -3.89 5.27 -3.74
CA GLU A 51 -3.33 6.12 -4.76
C GLU A 51 -3.86 7.56 -4.65
N GLU A 52 -5.16 7.70 -4.47
CA GLU A 52 -5.79 9.00 -4.31
C GLU A 52 -5.31 9.68 -3.02
N ARG A 53 -5.16 8.89 -1.97
CA ARG A 53 -4.74 9.36 -0.65
C ARG A 53 -3.33 9.96 -0.71
N PHE A 54 -2.47 9.28 -1.44
CA PHE A 54 -1.08 9.68 -1.53
C PHE A 54 -0.83 10.64 -2.69
N ASP A 55 -1.92 11.13 -3.31
CA ASP A 55 -1.86 12.09 -4.44
C ASP A 55 -1.14 11.50 -5.65
N VAL A 56 -1.23 10.21 -5.79
CA VAL A 56 -0.55 9.51 -6.83
C VAL A 56 -1.58 8.78 -7.72
N LYS A 57 -1.14 8.09 -8.73
CA LYS A 57 -1.98 7.29 -9.55
C LYS A 57 -1.30 5.96 -9.75
N ILE A 58 -1.94 4.91 -9.32
CA ILE A 58 -1.37 3.59 -9.42
C ILE A 58 -2.21 2.74 -10.38
N PRO A 59 -1.71 2.55 -11.61
CA PRO A 59 -2.39 1.76 -12.65
C PRO A 59 -2.56 0.28 -12.25
N ASP A 60 -3.64 -0.33 -12.72
CA ASP A 60 -4.08 -1.69 -12.32
C ASP A 60 -3.02 -2.76 -12.57
N ASP A 61 -2.34 -2.67 -13.68
CA ASP A 61 -1.33 -3.66 -14.03
C ASP A 61 -0.03 -3.38 -13.29
N ASP A 62 0.22 -2.12 -13.04
CA ASP A 62 1.40 -1.68 -12.29
C ASP A 62 1.32 -2.17 -10.86
N VAL A 63 0.09 -2.31 -10.36
CA VAL A 63 -0.17 -2.89 -9.05
C VAL A 63 0.39 -4.32 -9.01
N LYS A 64 0.04 -5.10 -10.03
CA LYS A 64 0.40 -6.52 -10.12
C LYS A 64 1.92 -6.71 -10.23
N ASN A 65 2.61 -5.64 -10.57
CA ASN A 65 4.06 -5.65 -10.75
C ASN A 65 4.80 -5.44 -9.46
N LEU A 66 4.13 -4.95 -8.44
CA LEU A 66 4.79 -4.69 -7.19
C LEU A 66 4.73 -5.91 -6.31
N LYS A 67 5.41 -5.86 -5.19
CA LYS A 67 5.45 -6.99 -4.30
C LYS A 67 5.12 -6.59 -2.86
N THR A 68 6.03 -5.92 -2.22
CA THR A 68 5.87 -5.56 -0.84
C THR A 68 5.35 -4.14 -0.68
N VAL A 69 5.18 -3.68 0.55
CA VAL A 69 4.81 -2.32 0.81
C VAL A 69 6.01 -1.42 0.60
N GLY A 70 7.19 -2.04 0.58
CA GLY A 70 8.40 -1.34 0.28
C GLY A 70 8.44 -1.05 -1.21
N ASP A 71 7.78 -1.89 -1.96
CA ASP A 71 7.69 -1.68 -3.40
C ASP A 71 6.60 -0.71 -3.72
N ALA A 72 5.56 -0.74 -2.90
CA ALA A 72 4.43 0.15 -3.06
C ALA A 72 4.89 1.57 -2.85
N THR A 73 5.57 1.80 -1.73
CA THR A 73 6.09 3.09 -1.36
C THR A 73 6.97 3.70 -2.45
N LYS A 74 7.96 2.94 -2.94
CA LYS A 74 8.88 3.40 -3.98
C LYS A 74 8.15 3.86 -5.24
N TYR A 75 7.10 3.15 -5.62
CA TYR A 75 6.36 3.49 -6.83
C TYR A 75 5.58 4.80 -6.61
N ILE A 76 5.01 4.91 -5.44
CA ILE A 76 4.23 6.08 -5.04
C ILE A 76 5.09 7.33 -4.99
N LEU A 77 6.14 7.31 -4.17
CA LEU A 77 7.01 8.49 -4.00
C LEU A 77 7.72 8.89 -5.29
N ASP A 78 7.86 7.93 -6.18
CA ASP A 78 8.47 8.19 -7.48
C ASP A 78 7.52 9.02 -8.35
N HIS A 79 6.25 8.71 -8.24
CA HIS A 79 5.20 9.36 -9.05
C HIS A 79 4.53 10.54 -8.31
N GLN A 80 4.97 10.84 -7.11
CA GLN A 80 4.40 11.97 -6.37
C GLN A 80 5.04 13.29 -6.77
N ALA A 81 4.61 14.34 -6.12
CA ALA A 81 5.15 15.65 -6.34
C ALA A 81 5.42 16.25 -4.97
P24 SXO B . -5.92 -13.93 -4.49
O26 SXO B . -4.64 -14.46 -3.99
O23 SXO B . -7.17 -14.76 -4.36
O27 SXO B . -5.73 -13.58 -6.04
C28 SXO B . -4.75 -12.54 -6.43
C29 SXO B . -4.46 -12.59 -7.94
C30 SXO B . -3.69 -13.84 -8.16
C31 SXO B . -5.75 -12.64 -8.75
C32 SXO B . -3.55 -11.38 -8.44
O33 SXO B . -3.21 -11.55 -9.81
C34 SXO B . -4.26 -10.04 -8.32
O35 SXO B . -4.52 -9.39 -9.34
N36 SXO B . -4.54 -9.64 -7.11
C37 SXO B . -5.20 -8.39 -6.78
C38 SXO B . -4.26 -7.35 -6.16
C39 SXO B . -3.29 -7.89 -5.13
O40 SXO B . -3.42 -7.69 -3.93
N41 SXO B . -2.30 -8.59 -5.64
C42 SXO B . -1.24 -9.19 -4.86
C43 SXO B . -0.10 -9.54 -5.78
S1 SXO B . 0.53 -8.10 -6.49
C1 SXO B . 1.17 -7.33 -5.05
O1 SXO B . 1.39 -7.92 -3.98
C2 SXO B . 1.47 -5.86 -5.21
C3 SXO B . 0.53 -4.97 -4.42
C4 SXO B . 0.87 -3.51 -4.60
C5 SXO B . -0.07 -2.63 -3.81
C6 SXO B . 0.30 -1.16 -3.88
C7 SXO B . -0.61 -0.33 -2.99
C8 SXO B . -0.18 1.11 -3.02
H28 SXO B . -3.84 -12.71 -5.90
H28A SXO B . -5.16 -11.58 -6.16
H30 SXO B . -3.47 -13.95 -9.22
H30A SXO B . -2.77 -13.70 -7.61
H30B SXO B . -4.25 -14.68 -7.77
H31 SXO B . -5.53 -12.69 -9.81
H31A SXO B . -6.33 -11.75 -8.52
H31B SXO B . -6.30 -13.52 -8.45
H32 SXO B . -2.65 -11.36 -7.86
HO33 SXO B . -3.70 -10.84 -10.26
HN36 SXO B . -4.28 -10.21 -6.36
H37 SXO B . -5.71 -7.98 -7.64
H37A SXO B . -5.95 -8.62 -6.03
H38 SXO B . -4.84 -6.55 -5.72
H38A SXO B . -3.64 -6.98 -6.96
HN41 SXO B . -2.25 -8.72 -6.60
H42 SXO B . -0.89 -8.49 -4.13
H42A SXO B . -1.58 -10.07 -4.34
H43 SXO B . 0.67 -10.04 -5.22
H43A SXO B . -0.50 -10.18 -6.55
H2 SXO B . 1.34 -5.61 -6.27
H2A SXO B . 2.48 -5.66 -4.91
H3 SXO B . -0.48 -5.14 -4.75
H3A SXO B . 0.63 -5.22 -3.37
H4 SXO B . 0.78 -3.26 -5.66
H4A SXO B . 1.88 -3.33 -4.28
H5 SXO B . -1.07 -2.75 -4.19
H5A SXO B . -0.04 -2.94 -2.77
H6 SXO B . 0.20 -0.83 -4.91
H6A SXO B . 1.32 -1.05 -3.56
H7 SXO B . -0.56 -0.67 -1.97
H7A SXO B . -1.63 -0.38 -3.35
H8 SXO B . -0.82 1.69 -2.39
H8A SXO B . -0.22 1.48 -4.03
H8B SXO B . 0.84 1.18 -2.66
N ALA A 1 4.54 14.56 -0.92
CA ALA A 1 3.34 14.27 -0.13
C ALA A 1 3.71 13.62 1.19
N ALA A 2 4.27 12.42 1.11
CA ALA A 2 4.68 11.68 2.29
C ALA A 2 5.76 10.75 1.91
N THR A 3 6.57 10.40 2.84
CA THR A 3 7.66 9.57 2.57
C THR A 3 7.39 8.10 2.81
N GLN A 4 8.35 7.21 2.52
CA GLN A 4 8.07 5.77 2.50
C GLN A 4 7.50 5.18 3.78
N GLU A 5 7.95 5.63 4.93
CA GLU A 5 7.45 5.08 6.18
C GLU A 5 6.02 5.61 6.41
N GLU A 6 5.80 6.84 5.98
CA GLU A 6 4.50 7.47 6.07
C GLU A 6 3.54 6.83 5.07
N ILE A 7 4.07 6.51 3.89
CA ILE A 7 3.32 5.85 2.85
C ILE A 7 2.82 4.50 3.37
N VAL A 8 3.75 3.68 3.87
CA VAL A 8 3.40 2.36 4.41
C VAL A 8 2.37 2.47 5.54
N ALA A 9 2.56 3.45 6.41
CA ALA A 9 1.63 3.71 7.49
C ALA A 9 0.23 4.05 6.95
N GLY A 10 0.21 4.85 5.89
CA GLY A 10 -1.04 5.24 5.27
C GLY A 10 -1.70 4.06 4.62
N LEU A 11 -0.89 3.19 4.02
CA LEU A 11 -1.36 1.96 3.41
C LEU A 11 -2.07 1.12 4.45
N ALA A 12 -1.46 1.05 5.62
CA ALA A 12 -2.00 0.30 6.73
C ALA A 12 -3.31 0.88 7.25
N GLU A 13 -3.53 2.17 7.04
CA GLU A 13 -4.81 2.80 7.43
C GLU A 13 -5.94 2.13 6.69
N ILE A 14 -5.76 1.99 5.39
CA ILE A 14 -6.76 1.35 4.57
C ILE A 14 -6.73 -0.16 4.81
N VAL A 15 -5.55 -0.76 4.93
CA VAL A 15 -5.46 -2.20 5.17
C VAL A 15 -6.08 -2.59 6.55
N ASN A 16 -6.09 -1.65 7.48
CA ASN A 16 -6.74 -1.84 8.78
C ASN A 16 -8.25 -1.83 8.63
N GLU A 17 -8.70 -1.07 7.66
CA GLU A 17 -10.12 -0.91 7.37
C GLU A 17 -10.63 -2.12 6.57
N ILE A 18 -9.78 -2.61 5.69
CA ILE A 18 -10.13 -3.73 4.83
C ILE A 18 -9.95 -5.07 5.55
N ALA A 19 -8.77 -5.30 6.09
CA ALA A 19 -8.47 -6.57 6.71
C ALA A 19 -8.36 -6.45 8.22
N GLY A 20 -7.66 -5.43 8.67
CA GLY A 20 -7.51 -5.22 10.10
C GLY A 20 -6.15 -5.67 10.60
N ILE A 21 -5.21 -4.77 10.54
CA ILE A 21 -3.86 -5.02 11.00
C ILE A 21 -3.35 -3.83 11.77
N PRO A 22 -2.39 -4.02 12.67
CA PRO A 22 -1.81 -2.93 13.42
C PRO A 22 -1.01 -2.04 12.48
N VAL A 23 -1.33 -0.77 12.46
CA VAL A 23 -0.68 0.21 11.57
C VAL A 23 0.81 0.41 11.85
N GLU A 24 1.31 -0.15 12.92
CA GLU A 24 2.71 -0.09 13.27
C GLU A 24 3.41 -1.35 12.81
N ASP A 25 2.63 -2.38 12.54
CA ASP A 25 3.18 -3.69 12.24
C ASP A 25 3.50 -3.78 10.78
N VAL A 26 2.75 -3.04 10.00
CA VAL A 26 2.99 -2.94 8.59
C VAL A 26 4.16 -2.01 8.38
N LYS A 27 5.32 -2.59 8.38
CA LYS A 27 6.57 -1.89 8.19
C LYS A 27 7.03 -2.10 6.76
N LEU A 28 8.18 -1.56 6.41
CA LEU A 28 8.72 -1.59 5.03
C LEU A 28 8.88 -3.01 4.46
N ASP A 29 9.07 -4.00 5.30
CA ASP A 29 9.29 -5.37 4.82
C ASP A 29 8.02 -6.19 4.76
N LYS A 30 6.91 -5.53 4.75
CA LYS A 30 5.63 -6.17 4.59
C LYS A 30 5.27 -6.28 3.11
N SER A 31 4.28 -7.06 2.84
CA SER A 31 3.69 -7.23 1.53
C SER A 31 2.23 -7.45 1.78
N PHE A 32 1.40 -7.42 0.77
CA PHE A 32 -0.02 -7.43 1.03
C PHE A 32 -0.58 -8.82 1.09
N THR A 33 -0.12 -9.68 0.26
CA THR A 33 -0.66 -11.00 0.28
C THR A 33 0.34 -12.05 0.74
N ASP A 34 1.56 -11.64 0.91
CA ASP A 34 2.56 -12.58 1.33
C ASP A 34 2.72 -12.49 2.82
N ASP A 35 3.00 -11.31 3.30
CA ASP A 35 3.20 -11.10 4.71
C ASP A 35 1.86 -10.78 5.39
N LEU A 36 1.00 -10.02 4.71
CA LEU A 36 -0.27 -9.63 5.31
C LEU A 36 -1.34 -10.68 5.12
N ASP A 37 -2.43 -10.50 5.82
CA ASP A 37 -3.56 -11.43 5.78
C ASP A 37 -4.56 -11.02 4.74
N VAL A 38 -4.12 -10.16 3.86
CA VAL A 38 -4.93 -9.70 2.77
C VAL A 38 -4.86 -10.75 1.68
N ASP A 39 -6.02 -11.25 1.30
CA ASP A 39 -6.15 -12.27 0.26
C ASP A 39 -5.37 -11.89 -0.95
N SER A 40 -5.84 -10.85 -1.63
CA SER A 40 -5.22 -10.18 -2.77
C SER A 40 -6.30 -9.45 -3.55
N LEU A 41 -7.36 -10.16 -3.88
CA LEU A 41 -8.50 -9.57 -4.60
C LEU A 41 -9.08 -8.43 -3.75
N SER A 42 -8.97 -8.61 -2.46
CA SER A 42 -9.37 -7.67 -1.44
C SER A 42 -8.48 -6.38 -1.44
N MET A 43 -7.20 -6.52 -1.83
CA MET A 43 -6.26 -5.37 -1.80
C MET A 43 -6.64 -4.32 -2.83
N VAL A 44 -7.40 -4.73 -3.80
CA VAL A 44 -7.84 -3.84 -4.87
C VAL A 44 -8.64 -2.64 -4.31
N GLU A 45 -9.28 -2.81 -3.15
CA GLU A 45 -9.96 -1.71 -2.49
C GLU A 45 -8.95 -0.78 -1.80
N VAL A 46 -7.83 -1.35 -1.41
CA VAL A 46 -6.77 -0.63 -0.75
C VAL A 46 -6.05 0.24 -1.75
N VAL A 47 -5.54 -0.39 -2.81
CA VAL A 47 -4.76 0.31 -3.83
C VAL A 47 -5.53 1.49 -4.47
N VAL A 48 -6.83 1.33 -4.69
CA VAL A 48 -7.63 2.39 -5.29
C VAL A 48 -7.79 3.57 -4.30
N ALA A 49 -7.80 3.25 -3.02
CA ALA A 49 -7.90 4.25 -1.99
C ALA A 49 -6.54 4.90 -1.76
N ALA A 50 -5.50 4.12 -1.99
CA ALA A 50 -4.14 4.62 -1.81
C ALA A 50 -3.82 5.75 -2.79
N GLU A 51 -4.38 5.65 -4.01
CA GLU A 51 -4.18 6.69 -5.04
C GLU A 51 -4.59 8.07 -4.52
N GLU A 52 -5.75 8.14 -3.91
CA GLU A 52 -6.25 9.40 -3.36
C GLU A 52 -5.54 9.79 -2.06
N ARG A 53 -5.23 8.82 -1.22
CA ARG A 53 -4.60 9.08 0.08
C ARG A 53 -3.23 9.70 -0.03
N PHE A 54 -2.42 9.16 -0.92
CA PHE A 54 -1.04 9.60 -1.03
C PHE A 54 -0.83 10.58 -2.15
N ASP A 55 -1.94 11.00 -2.78
CA ASP A 55 -1.90 11.92 -3.92
C ASP A 55 -1.04 11.33 -5.03
N VAL A 56 -1.49 10.23 -5.56
CA VAL A 56 -0.76 9.50 -6.54
C VAL A 56 -1.75 8.87 -7.52
N LYS A 57 -1.27 8.02 -8.38
CA LYS A 57 -2.06 7.31 -9.34
C LYS A 57 -1.35 6.02 -9.61
N ILE A 58 -2.04 4.94 -9.52
CA ILE A 58 -1.45 3.63 -9.66
C ILE A 58 -2.28 2.83 -10.64
N PRO A 59 -1.71 2.45 -11.79
CA PRO A 59 -2.39 1.66 -12.78
C PRO A 59 -2.52 0.23 -12.30
N ASP A 60 -3.69 -0.35 -12.50
CA ASP A 60 -3.98 -1.76 -12.13
C ASP A 60 -2.98 -2.72 -12.78
N ASP A 61 -2.49 -2.30 -13.94
CA ASP A 61 -1.44 -3.02 -14.66
C ASP A 61 -0.20 -3.13 -13.79
N ASP A 62 0.19 -2.00 -13.23
CA ASP A 62 1.44 -1.90 -12.49
C ASP A 62 1.27 -2.45 -11.07
N VAL A 63 0.02 -2.52 -10.61
CA VAL A 63 -0.32 -3.14 -9.32
C VAL A 63 0.20 -4.59 -9.31
N LYS A 64 -0.01 -5.28 -10.42
CA LYS A 64 0.43 -6.67 -10.55
C LYS A 64 1.95 -6.76 -10.77
N ASN A 65 2.58 -5.63 -10.99
CA ASN A 65 4.02 -5.55 -11.19
C ASN A 65 4.72 -5.32 -9.85
N LEU A 66 4.02 -4.65 -8.95
CA LEU A 66 4.56 -4.35 -7.63
C LEU A 66 4.50 -5.58 -6.74
N LYS A 67 5.13 -5.52 -5.59
CA LYS A 67 5.20 -6.67 -4.71
C LYS A 67 5.04 -6.34 -3.21
N THR A 68 6.07 -5.88 -2.56
CA THR A 68 6.00 -5.61 -1.15
C THR A 68 5.56 -4.17 -0.90
N VAL A 69 5.47 -3.76 0.35
CA VAL A 69 5.13 -2.38 0.65
C VAL A 69 6.37 -1.51 0.52
N GLY A 70 7.52 -2.16 0.49
CA GLY A 70 8.79 -1.48 0.29
C GLY A 70 9.04 -1.31 -1.19
N ASP A 71 8.37 -2.12 -1.95
CA ASP A 71 8.40 -2.05 -3.40
C ASP A 71 7.41 -1.01 -3.87
N ALA A 72 6.20 -1.08 -3.31
CA ALA A 72 5.11 -0.19 -3.66
C ALA A 72 5.47 1.26 -3.38
N THR A 73 6.15 1.49 -2.26
CA THR A 73 6.58 2.82 -1.87
C THR A 73 7.41 3.48 -2.95
N LYS A 74 8.34 2.72 -3.52
CA LYS A 74 9.22 3.21 -4.56
C LYS A 74 8.43 3.79 -5.74
N TYR A 75 7.30 3.17 -6.06
CA TYR A 75 6.46 3.67 -7.12
C TYR A 75 5.59 4.85 -6.62
N ILE A 76 4.91 4.65 -5.51
CA ILE A 76 4.02 5.66 -4.94
C ILE A 76 4.76 6.97 -4.70
N LEU A 77 5.82 6.90 -3.92
CA LEU A 77 6.63 8.05 -3.55
C LEU A 77 7.21 8.76 -4.76
N ASP A 78 7.43 8.02 -5.83
CA ASP A 78 8.04 8.63 -7.02
C ASP A 78 7.00 9.23 -7.94
N HIS A 79 5.86 8.61 -8.02
CA HIS A 79 4.82 9.05 -8.94
C HIS A 79 3.93 10.13 -8.29
N GLN A 80 4.08 10.33 -7.00
CA GLN A 80 3.25 11.32 -6.30
C GLN A 80 3.92 12.69 -6.32
N ALA A 81 3.31 13.64 -5.64
CA ALA A 81 3.88 14.93 -5.50
C ALA A 81 4.27 15.15 -4.05
P24 SXO B . -4.57 -13.46 -4.78
O26 SXO B . -3.10 -13.37 -4.58
O23 SXO B . -5.27 -14.67 -4.30
O27 SXO B . -4.87 -13.33 -6.31
C28 SXO B . -4.40 -12.13 -7.00
C29 SXO B . -4.61 -12.23 -8.50
C30 SXO B . -3.78 -13.39 -8.95
C31 SXO B . -6.08 -12.49 -8.79
C32 SXO B . -4.10 -10.96 -9.29
O33 SXO B . -4.32 -11.14 -10.69
C34 SXO B . -4.84 -9.68 -8.91
O35 SXO B . -5.49 -9.09 -9.78
N36 SXO B . -4.73 -9.27 -7.68
C37 SXO B . -5.36 -8.09 -7.15
C38 SXO B . -4.35 -7.11 -6.50
C39 SXO B . -3.43 -7.75 -5.47
O40 SXO B . -3.61 -7.65 -4.27
N41 SXO B . -2.42 -8.40 -5.97
C42 SXO B . -1.42 -9.07 -5.19
C43 SXO B . -0.35 -9.59 -6.10
S1 SXO B . 0.45 -8.23 -6.81
C1 SXO B . 1.22 -7.62 -5.36
O1 SXO B . 1.57 -8.34 -4.38
C2 SXO B . 1.43 -6.12 -5.34
C3 SXO B . 0.96 -5.48 -4.05
C4 SXO B . 1.20 -3.97 -4.02
C5 SXO B . 0.39 -3.23 -5.09
C6 SXO B . 0.44 -1.73 -4.87
C7 SXO B . -0.23 -1.32 -3.56
C8 SXO B . -0.15 0.17 -3.38
H28 SXO B . -3.34 -12.01 -6.82
H28A SXO B . -4.93 -11.27 -6.63
H30 SXO B . -3.88 -13.53 -10.00
H30A SXO B . -2.76 -13.14 -8.68
H30B SXO B . -4.10 -14.27 -8.40
H31 SXO B . -6.37 -13.41 -8.31
H31A SXO B . -6.24 -12.56 -9.86
H31B SXO B . -6.65 -11.67 -8.39
H32 SXO B . -3.06 -10.82 -9.09
HO33 SXO B . -4.87 -10.38 -10.89
HN36 SXO B . -4.18 -9.82 -7.08
H37 SXO B . -5.90 -7.57 -7.92
H37A SXO B . -6.05 -8.39 -6.37
H38 SXO B . -4.89 -6.30 -6.03
H38A SXO B . -3.72 -6.73 -7.29
HN41 SXO B . -2.31 -8.44 -6.94
H42 SXO B . -0.97 -8.35 -4.52
H42A SXO B . -1.81 -9.86 -4.57
H43 SXO B . 0.33 -10.19 -5.53
H43A SXO B . -0.85 -10.17 -6.86
H2 SXO B . 0.90 -5.67 -6.17
H2A SXO B . 2.47 -5.93 -5.45
H3 SXO B . -0.10 -5.67 -3.93
H3A SXO B . 1.49 -5.94 -3.23
H4 SXO B . 2.25 -3.78 -4.18
H4A SXO B . 0.90 -3.59 -3.05
H5 SXO B . 0.80 -3.46 -6.06
H5A SXO B . -0.63 -3.56 -5.04
H6 SXO B . -0.08 -1.23 -5.69
H6A SXO B . 1.47 -1.40 -4.84
H7 SXO B . 0.27 -1.80 -2.74
H7A SXO B . -1.27 -1.62 -3.58
H8 SXO B . 0.89 0.48 -3.35
H8A SXO B . -0.62 0.45 -2.45
H8B SXO B . -0.65 0.67 -4.20
N ALA A 1 3.69 14.82 -1.14
CA ALA A 1 2.53 14.49 -0.30
C ALA A 1 2.97 13.85 1.02
N ALA A 2 3.31 12.59 0.99
CA ALA A 2 3.76 11.88 2.17
C ALA A 2 5.17 11.38 1.91
N THR A 3 5.77 10.73 2.87
CA THR A 3 7.10 10.20 2.68
C THR A 3 7.07 8.67 2.85
N GLN A 4 8.18 7.95 2.67
CA GLN A 4 8.25 6.47 2.66
C GLN A 4 7.42 5.79 3.76
N GLU A 5 7.68 6.13 5.00
CA GLU A 5 7.03 5.46 6.10
C GLU A 5 5.59 5.93 6.21
N GLU A 6 5.36 7.16 5.81
CA GLU A 6 4.03 7.73 5.82
C GLU A 6 3.18 7.09 4.74
N ILE A 7 3.84 6.73 3.64
CA ILE A 7 3.21 6.00 2.57
C ILE A 7 2.74 4.66 3.13
N VAL A 8 3.68 3.93 3.74
CA VAL A 8 3.39 2.64 4.39
C VAL A 8 2.22 2.78 5.38
N ALA A 9 2.33 3.74 6.27
CA ALA A 9 1.32 4.01 7.28
C ALA A 9 -0.02 4.38 6.65
N GLY A 10 0.02 5.13 5.55
CA GLY A 10 -1.18 5.53 4.86
C GLY A 10 -1.84 4.36 4.20
N LEU A 11 -1.05 3.43 3.75
CA LEU A 11 -1.55 2.20 3.18
C LEU A 11 -2.21 1.38 4.28
N ALA A 12 -1.45 1.14 5.33
CA ALA A 12 -1.86 0.29 6.44
C ALA A 12 -3.10 0.79 7.15
N GLU A 13 -3.33 2.09 7.18
CA GLU A 13 -4.51 2.61 7.84
C GLU A 13 -5.78 2.17 7.13
N ILE A 14 -5.76 2.20 5.80
CA ILE A 14 -6.92 1.72 5.08
C ILE A 14 -6.91 0.18 5.07
N VAL A 15 -5.71 -0.42 5.06
CA VAL A 15 -5.59 -1.90 5.12
C VAL A 15 -6.18 -2.44 6.46
N ASN A 16 -6.09 -1.61 7.50
CA ASN A 16 -6.67 -1.92 8.82
C ASN A 16 -8.19 -1.89 8.75
N GLU A 17 -8.72 -1.09 7.84
CA GLU A 17 -10.14 -1.00 7.66
C GLU A 17 -10.62 -2.15 6.77
N ILE A 18 -9.87 -2.42 5.71
CA ILE A 18 -10.18 -3.49 4.75
C ILE A 18 -10.16 -4.86 5.43
N ALA A 19 -9.07 -5.15 6.10
CA ALA A 19 -8.92 -6.42 6.75
C ALA A 19 -8.77 -6.25 8.24
N GLY A 20 -7.77 -5.51 8.63
CA GLY A 20 -7.54 -5.30 10.03
C GLY A 20 -6.19 -5.79 10.49
N ILE A 21 -5.14 -5.18 9.99
CA ILE A 21 -3.79 -5.48 10.43
C ILE A 21 -3.31 -4.39 11.35
N PRO A 22 -2.34 -4.68 12.22
CA PRO A 22 -1.75 -3.66 13.05
C PRO A 22 -1.03 -2.65 12.18
N VAL A 23 -1.33 -1.39 12.37
CA VAL A 23 -0.78 -0.32 11.56
C VAL A 23 0.69 -0.06 11.92
N GLU A 24 1.11 -0.70 12.97
CA GLU A 24 2.47 -0.65 13.45
C GLU A 24 3.27 -1.82 12.87
N ASP A 25 2.56 -2.82 12.38
CA ASP A 25 3.17 -4.08 11.98
C ASP A 25 3.69 -4.01 10.57
N VAL A 26 3.13 -3.12 9.81
CA VAL A 26 3.47 -2.98 8.42
C VAL A 26 4.80 -2.22 8.26
N LYS A 27 5.86 -2.96 8.32
CA LYS A 27 7.20 -2.47 8.06
C LYS A 27 7.52 -2.73 6.59
N LEU A 28 8.68 -2.31 6.12
CA LEU A 28 9.02 -2.41 4.68
C LEU A 28 9.14 -3.85 4.18
N ASP A 29 9.23 -4.80 5.08
CA ASP A 29 9.34 -6.22 4.73
C ASP A 29 7.98 -6.86 4.50
N LYS A 30 6.94 -6.08 4.64
CA LYS A 30 5.59 -6.55 4.46
C LYS A 30 5.18 -6.55 3.02
N SER A 31 4.70 -7.66 2.56
CA SER A 31 4.12 -7.78 1.25
C SER A 31 2.63 -8.03 1.45
N PHE A 32 1.81 -7.69 0.47
CA PHE A 32 0.39 -7.53 0.72
C PHE A 32 -0.30 -8.82 0.88
N THR A 33 -0.16 -9.67 -0.04
CA THR A 33 -0.73 -10.94 0.11
C THR A 33 0.32 -12.01 0.10
N ASP A 34 1.49 -11.65 0.58
CA ASP A 34 2.58 -12.59 0.72
C ASP A 34 2.95 -12.69 2.20
N ASP A 35 2.89 -11.55 2.92
CA ASP A 35 3.25 -11.56 4.33
C ASP A 35 2.12 -11.05 5.22
N LEU A 36 1.23 -10.24 4.64
CA LEU A 36 0.13 -9.64 5.40
C LEU A 36 -1.06 -10.57 5.51
N ASP A 37 -2.13 -10.07 6.09
CA ASP A 37 -3.33 -10.85 6.32
C ASP A 37 -4.51 -10.09 5.84
N VAL A 38 -4.67 -10.09 4.55
CA VAL A 38 -5.76 -9.45 3.90
C VAL A 38 -6.37 -10.36 2.86
N ASP A 39 -7.43 -9.89 2.26
CA ASP A 39 -8.03 -10.53 1.11
C ASP A 39 -7.44 -9.85 -0.08
N SER A 40 -7.00 -10.61 -1.03
CA SER A 40 -6.30 -10.08 -2.17
C SER A 40 -7.19 -9.18 -3.02
N LEU A 41 -8.35 -9.68 -3.41
CA LEU A 41 -9.25 -8.91 -4.26
C LEU A 41 -9.69 -7.62 -3.53
N SER A 42 -9.69 -7.67 -2.22
CA SER A 42 -10.00 -6.54 -1.41
C SER A 42 -8.82 -5.57 -1.25
N MET A 43 -7.61 -6.00 -1.64
CA MET A 43 -6.47 -5.08 -1.61
C MET A 43 -6.69 -4.04 -2.72
N VAL A 44 -7.46 -4.44 -3.69
CA VAL A 44 -7.81 -3.59 -4.81
C VAL A 44 -8.70 -2.42 -4.30
N GLU A 45 -9.36 -2.64 -3.16
CA GLU A 45 -10.20 -1.66 -2.52
C GLU A 45 -9.35 -0.64 -1.76
N VAL A 46 -8.25 -1.09 -1.17
CA VAL A 46 -7.37 -0.19 -0.46
C VAL A 46 -6.49 0.62 -1.41
N VAL A 47 -5.97 -0.04 -2.45
CA VAL A 47 -5.09 0.66 -3.40
C VAL A 47 -5.82 1.82 -4.10
N VAL A 48 -7.09 1.61 -4.45
CA VAL A 48 -7.86 2.65 -5.12
C VAL A 48 -8.12 3.85 -4.17
N ALA A 49 -8.11 3.57 -2.87
CA ALA A 49 -8.29 4.61 -1.87
C ALA A 49 -6.95 5.25 -1.55
N ALA A 50 -5.89 4.50 -1.74
CA ALA A 50 -4.55 4.99 -1.49
C ALA A 50 -4.16 6.03 -2.52
N GLU A 51 -4.63 5.83 -3.75
CA GLU A 51 -4.37 6.75 -4.85
C GLU A 51 -4.80 8.17 -4.49
N GLU A 52 -5.98 8.29 -3.92
CA GLU A 52 -6.50 9.59 -3.56
C GLU A 52 -5.86 10.13 -2.27
N ARG A 53 -5.23 9.25 -1.48
CA ARG A 53 -4.57 9.68 -0.25
C ARG A 53 -3.21 10.27 -0.55
N PHE A 54 -2.41 9.53 -1.29
CA PHE A 54 -1.02 9.90 -1.53
C PHE A 54 -0.83 10.79 -2.76
N ASP A 55 -1.95 11.23 -3.33
CA ASP A 55 -1.93 12.14 -4.50
C ASP A 55 -1.33 11.45 -5.73
N VAL A 56 -1.52 10.15 -5.78
CA VAL A 56 -0.98 9.34 -6.86
C VAL A 56 -2.08 8.71 -7.69
N LYS A 57 -1.66 7.86 -8.57
CA LYS A 57 -2.51 7.02 -9.34
C LYS A 57 -1.72 5.78 -9.59
N ILE A 58 -2.29 4.66 -9.32
CA ILE A 58 -1.57 3.42 -9.42
C ILE A 58 -2.32 2.50 -10.36
N PRO A 59 -1.81 2.36 -11.59
CA PRO A 59 -2.41 1.48 -12.58
C PRO A 59 -2.33 0.02 -12.13
N ASP A 60 -3.40 -0.70 -12.37
CA ASP A 60 -3.58 -2.09 -11.93
C ASP A 60 -2.44 -3.01 -12.37
N ASP A 61 -1.92 -2.79 -13.56
CA ASP A 61 -0.84 -3.64 -14.07
C ASP A 61 0.46 -3.39 -13.32
N ASP A 62 0.66 -2.14 -12.88
CA ASP A 62 1.86 -1.78 -12.11
C ASP A 62 1.77 -2.40 -10.74
N VAL A 63 0.54 -2.45 -10.22
CA VAL A 63 0.25 -3.07 -8.92
C VAL A 63 0.73 -4.52 -8.95
N LYS A 64 0.26 -5.27 -9.95
CA LYS A 64 0.52 -6.71 -10.09
C LYS A 64 2.02 -7.01 -10.22
N ASN A 65 2.77 -6.01 -10.58
CA ASN A 65 4.20 -6.12 -10.79
C ASN A 65 5.00 -5.89 -9.50
N LEU A 66 4.37 -5.36 -8.46
CA LEU A 66 5.09 -5.06 -7.23
C LEU A 66 5.07 -6.24 -6.27
N LYS A 67 5.73 -6.09 -5.13
CA LYS A 67 5.86 -7.19 -4.18
C LYS A 67 5.48 -6.77 -2.76
N THR A 68 6.34 -6.01 -2.14
CA THR A 68 6.16 -5.61 -0.78
C THR A 68 5.65 -4.17 -0.68
N VAL A 69 5.59 -3.65 0.52
CA VAL A 69 5.30 -2.26 0.74
C VAL A 69 6.55 -1.46 0.45
N GLY A 70 7.68 -2.15 0.35
CA GLY A 70 8.92 -1.53 -0.04
C GLY A 70 8.86 -1.22 -1.50
N ASP A 71 8.32 -2.16 -2.26
CA ASP A 71 8.11 -1.99 -3.69
C ASP A 71 7.07 -0.91 -3.91
N ALA A 72 6.04 -0.94 -3.07
CA ALA A 72 4.94 -0.03 -3.17
C ALA A 72 5.42 1.37 -2.93
N THR A 73 6.17 1.56 -1.86
CA THR A 73 6.69 2.84 -1.52
C THR A 73 7.54 3.43 -2.61
N LYS A 74 8.53 2.65 -3.13
CA LYS A 74 9.42 3.12 -4.21
C LYS A 74 8.63 3.73 -5.37
N TYR A 75 7.57 3.03 -5.77
CA TYR A 75 6.71 3.48 -6.84
C TYR A 75 5.88 4.71 -6.43
N ILE A 76 5.13 4.55 -5.35
CA ILE A 76 4.19 5.57 -4.87
C ILE A 76 4.88 6.88 -4.59
N LEU A 77 5.89 6.86 -3.73
CA LEU A 77 6.55 8.10 -3.29
C LEU A 77 7.17 8.87 -4.45
N ASP A 78 7.43 8.17 -5.53
CA ASP A 78 8.03 8.80 -6.72
C ASP A 78 6.98 9.53 -7.53
N HIS A 79 5.80 8.95 -7.58
CA HIS A 79 4.71 9.47 -8.40
C HIS A 79 3.81 10.46 -7.66
N GLN A 80 4.14 10.77 -6.43
CA GLN A 80 3.32 11.70 -5.64
C GLN A 80 3.47 13.13 -6.12
N ALA A 81 2.79 14.00 -5.43
CA ALA A 81 2.95 15.40 -5.62
C ALA A 81 3.67 15.92 -4.40
P24 SXO B . -6.33 -13.49 -3.95
O26 SXO B . -4.91 -13.82 -3.56
O23 SXO B . -7.39 -14.43 -3.58
O27 SXO B . -6.38 -13.36 -5.54
C28 SXO B . -5.52 -12.35 -6.25
C29 SXO B . -5.56 -12.61 -7.77
C30 SXO B . -4.93 -13.92 -7.94
C31 SXO B . -7.00 -12.62 -8.26
C32 SXO B . -4.69 -11.61 -8.63
O33 SXO B . -4.83 -11.91 -10.02
C34 SXO B . -5.04 -10.16 -8.45
O35 SXO B . -5.52 -9.53 -9.40
N36 SXO B . -4.77 -9.65 -7.32
C37 SXO B . -4.98 -8.27 -6.95
C38 SXO B . -4.97 -8.08 -5.45
C39 SXO B . -3.71 -8.54 -4.71
O40 SXO B . -3.64 -8.53 -3.47
N41 SXO B . -2.74 -8.93 -5.46
C42 SXO B . -1.47 -9.41 -4.98
C43 SXO B . -0.45 -9.48 -6.07
S1 SXO B . 0.01 -7.88 -6.58
C1 SXO B . 0.87 -7.33 -5.13
O1 SXO B . 1.00 -7.98 -4.07
C2 SXO B . 1.50 -5.96 -5.30
C3 SXO B . 0.90 -4.90 -4.41
C4 SXO B . 1.51 -3.53 -4.73
C5 SXO B . 0.99 -2.43 -3.82
C6 SXO B . -0.51 -2.20 -3.97
C7 SXO B . -1.01 -1.14 -2.97
C8 SXO B . -0.34 0.19 -3.22
H28 SXO B . -4.50 -12.46 -5.93
H28A SXO B . -5.87 -11.35 -6.06
H30 SXO B . -5.50 -14.65 -7.38
H30A SXO B . -4.86 -14.16 -8.98
H30B SXO B . -3.95 -13.77 -7.49
H31 SXO B . -7.45 -11.66 -8.06
H31A SXO B . -7.54 -13.40 -7.73
H31B SXO B . -7.03 -12.82 -9.33
H32 SXO B . -3.67 -11.72 -8.31
HO33 SXO B . -5.18 -11.07 -10.36
HN36 SXO B . -4.36 -10.24 -6.66
H37 SXO B . -4.21 -7.68 -7.39
H37A SXO B . -5.95 -7.98 -7.34
H38 SXO B . -5.80 -8.62 -5.05
H38A SXO B . -5.08 -7.04 -5.26
HN41 SXO B . -2.92 -8.91 -6.43
H42 SXO B . -1.12 -8.75 -4.20
H42A SXO B . -1.56 -10.37 -4.51
H43 SXO B . 0.42 -9.99 -5.68
H43A SXO B . -0.85 -10.02 -6.90
H2 SXO B . 1.37 -5.66 -6.32
H2A SXO B . 2.56 -6.04 -5.09
H3 SXO B . -0.17 -4.86 -4.57
H3A SXO B . 1.11 -5.13 -3.37
H4 SXO B . 1.26 -3.28 -5.76
H4A SXO B . 2.58 -3.59 -4.63
H5 SXO B . 1.20 -2.70 -2.80
H5A SXO B . 1.52 -1.51 -4.06
H6 SXO B . -1.03 -3.13 -3.79
H6A SXO B . -0.71 -1.86 -4.97
H7 SXO B . -0.78 -1.46 -1.96
H7A SXO B . -2.09 -1.02 -3.09
H8 SXO B . -0.54 0.51 -4.23
H8A SXO B . 0.73 0.08 -3.09
H8B SXO B . -0.72 0.92 -2.52
N ALA A 1 0.96 13.98 0.08
CA ALA A 1 1.91 12.91 -0.19
C ALA A 1 2.99 12.92 0.87
N ALA A 2 3.69 11.81 1.03
CA ALA A 2 4.70 11.66 2.07
C ALA A 2 5.76 10.68 1.60
N THR A 3 6.70 10.35 2.47
CA THR A 3 7.80 9.49 2.11
C THR A 3 7.49 8.02 2.48
N GLN A 4 8.39 7.07 2.17
CA GLN A 4 8.14 5.61 2.30
C GLN A 4 7.49 5.18 3.61
N GLU A 5 8.08 5.51 4.73
CA GLU A 5 7.58 5.07 6.03
C GLU A 5 6.23 5.70 6.30
N GLU A 6 6.11 6.94 5.90
CA GLU A 6 4.91 7.73 6.09
C GLU A 6 3.80 7.20 5.16
N ILE A 7 4.22 6.74 3.98
CA ILE A 7 3.33 6.13 3.03
C ILE A 7 2.79 4.83 3.64
N VAL A 8 3.71 3.97 4.10
CA VAL A 8 3.38 2.68 4.74
C VAL A 8 2.39 2.91 5.90
N ALA A 9 2.70 3.88 6.76
CA ALA A 9 1.83 4.25 7.88
C ALA A 9 0.44 4.60 7.38
N GLY A 10 0.37 5.30 6.25
CA GLY A 10 -0.89 5.67 5.66
C GLY A 10 -1.58 4.45 5.07
N LEU A 11 -0.80 3.62 4.38
CA LEU A 11 -1.29 2.40 3.72
C LEU A 11 -2.03 1.54 4.69
N ALA A 12 -1.43 1.32 5.86
CA ALA A 12 -2.00 0.50 6.89
C ALA A 12 -3.36 1.02 7.33
N GLU A 13 -3.51 2.34 7.37
CA GLU A 13 -4.77 2.98 7.78
C GLU A 13 -5.92 2.54 6.89
N ILE A 14 -5.64 2.31 5.63
CA ILE A 14 -6.66 1.82 4.76
C ILE A 14 -6.72 0.28 4.87
N VAL A 15 -5.56 -0.38 4.98
CA VAL A 15 -5.53 -1.85 5.12
C VAL A 15 -6.31 -2.31 6.39
N ASN A 16 -6.43 -1.42 7.39
CA ASN A 16 -7.25 -1.72 8.57
C ASN A 16 -8.70 -1.90 8.21
N GLU A 17 -9.23 -0.98 7.45
CA GLU A 17 -10.64 -1.04 7.11
C GLU A 17 -10.92 -2.06 6.01
N ILE A 18 -9.91 -2.36 5.22
CA ILE A 18 -10.04 -3.33 4.15
C ILE A 18 -9.91 -4.75 4.70
N ALA A 19 -8.86 -5.00 5.44
CA ALA A 19 -8.60 -6.32 5.97
C ALA A 19 -8.60 -6.28 7.49
N GLY A 20 -7.76 -5.47 8.06
CA GLY A 20 -7.63 -5.41 9.49
C GLY A 20 -6.28 -5.92 9.91
N ILE A 21 -5.35 -5.03 10.10
CA ILE A 21 -4.00 -5.39 10.46
C ILE A 21 -3.47 -4.52 11.60
N PRO A 22 -2.42 -4.95 12.27
CA PRO A 22 -1.74 -4.09 13.21
C PRO A 22 -0.87 -3.11 12.42
N VAL A 23 -0.98 -1.85 12.72
CA VAL A 23 -0.26 -0.81 11.98
C VAL A 23 1.23 -0.88 12.23
N GLU A 24 1.62 -1.42 13.36
CA GLU A 24 3.03 -1.57 13.66
C GLU A 24 3.58 -2.83 13.02
N ASP A 25 2.69 -3.64 12.49
CA ASP A 25 3.11 -4.83 11.83
C ASP A 25 3.52 -4.49 10.44
N VAL A 26 2.77 -3.57 9.85
CA VAL A 26 3.01 -3.10 8.50
C VAL A 26 4.27 -2.21 8.47
N LYS A 27 5.39 -2.88 8.32
CA LYS A 27 6.70 -2.27 8.23
C LYS A 27 7.08 -2.15 6.75
N LEU A 28 8.35 -1.91 6.46
CA LEU A 28 8.80 -1.72 5.06
C LEU A 28 8.96 -3.04 4.29
N ASP A 29 9.36 -4.10 4.96
CA ASP A 29 9.47 -5.40 4.29
C ASP A 29 8.22 -6.20 4.57
N LYS A 30 7.17 -5.75 3.94
CA LYS A 30 5.85 -6.33 4.05
C LYS A 30 5.21 -6.38 2.70
N SER A 31 4.50 -7.43 2.44
CA SER A 31 3.75 -7.57 1.25
C SER A 31 2.35 -7.97 1.64
N PHE A 32 1.36 -7.61 0.85
CA PHE A 32 -0.03 -7.69 1.26
C PHE A 32 -0.49 -9.10 1.38
N THR A 33 -0.13 -9.89 0.44
CA THR A 33 -0.55 -11.24 0.47
C THR A 33 0.60 -12.18 0.74
N ASP A 34 1.57 -11.69 1.44
CA ASP A 34 2.72 -12.50 1.80
C ASP A 34 3.06 -12.33 3.24
N ASP A 35 3.01 -11.11 3.71
CA ASP A 35 3.41 -10.85 5.08
C ASP A 35 2.27 -10.24 5.87
N LEU A 36 1.12 -10.06 5.24
CA LEU A 36 0.00 -9.40 5.93
C LEU A 36 -1.12 -10.39 6.19
N ASP A 37 -2.32 -9.85 6.50
CA ASP A 37 -3.53 -10.66 6.77
C ASP A 37 -3.94 -11.42 5.52
N VAL A 38 -3.51 -10.88 4.39
CA VAL A 38 -3.75 -11.42 3.08
C VAL A 38 -5.16 -11.18 2.60
N ASP A 39 -5.35 -10.04 2.05
CA ASP A 39 -6.51 -9.73 1.32
C ASP A 39 -6.10 -9.67 -0.13
N SER A 40 -6.40 -10.70 -0.85
CA SER A 40 -5.89 -10.87 -2.16
C SER A 40 -6.67 -10.09 -3.18
N LEU A 41 -7.94 -10.27 -3.20
CA LEU A 41 -8.76 -9.59 -4.10
C LEU A 41 -9.19 -8.28 -3.51
N SER A 42 -9.40 -8.31 -2.22
CA SER A 42 -9.85 -7.18 -1.45
C SER A 42 -8.83 -6.02 -1.49
N MET A 43 -7.56 -6.35 -1.75
CA MET A 43 -6.48 -5.37 -1.79
C MET A 43 -6.71 -4.31 -2.87
N VAL A 44 -7.51 -4.65 -3.89
CA VAL A 44 -7.82 -3.70 -4.96
C VAL A 44 -8.44 -2.43 -4.37
N GLU A 45 -9.17 -2.58 -3.28
CA GLU A 45 -9.80 -1.46 -2.64
C GLU A 45 -8.78 -0.60 -1.91
N VAL A 46 -7.76 -1.20 -1.31
CA VAL A 46 -6.76 -0.40 -0.63
C VAL A 46 -5.79 0.23 -1.61
N VAL A 47 -5.53 -0.44 -2.74
CA VAL A 47 -4.63 0.14 -3.72
C VAL A 47 -5.28 1.33 -4.43
N VAL A 48 -6.57 1.22 -4.73
CA VAL A 48 -7.27 2.32 -5.36
C VAL A 48 -7.43 3.48 -4.35
N ALA A 49 -7.54 3.13 -3.07
CA ALA A 49 -7.63 4.12 -2.02
C ALA A 49 -6.30 4.78 -1.79
N ALA A 50 -5.24 4.04 -2.03
CA ALA A 50 -3.90 4.56 -1.85
C ALA A 50 -3.65 5.73 -2.79
N GLU A 51 -4.21 5.65 -3.99
CA GLU A 51 -4.12 6.72 -4.97
C GLU A 51 -4.64 8.04 -4.38
N GLU A 52 -5.86 8.00 -3.91
CA GLU A 52 -6.55 9.17 -3.40
C GLU A 52 -5.99 9.65 -2.06
N ARG A 53 -5.38 8.75 -1.30
CA ARG A 53 -4.88 9.13 0.02
C ARG A 53 -3.45 9.65 -0.05
N PHE A 54 -2.67 9.20 -1.03
CA PHE A 54 -1.26 9.58 -1.08
C PHE A 54 -0.93 10.49 -2.25
N ASP A 55 -1.96 11.02 -2.92
CA ASP A 55 -1.81 11.97 -4.07
C ASP A 55 -1.17 11.26 -5.26
N VAL A 56 -1.41 9.99 -5.39
CA VAL A 56 -0.74 9.22 -6.40
C VAL A 56 -1.77 8.52 -7.32
N LYS A 57 -1.32 7.71 -8.22
CA LYS A 57 -2.13 6.93 -9.07
C LYS A 57 -1.37 5.70 -9.44
N ILE A 58 -2.02 4.56 -9.36
CA ILE A 58 -1.38 3.30 -9.63
C ILE A 58 -2.25 2.47 -10.55
N PRO A 59 -1.76 2.21 -11.78
CA PRO A 59 -2.45 1.36 -12.76
C PRO A 59 -2.61 -0.06 -12.25
N ASP A 60 -3.73 -0.68 -12.57
CA ASP A 60 -4.10 -2.02 -12.08
C ASP A 60 -3.06 -3.07 -12.41
N ASP A 61 -2.47 -2.97 -13.59
CA ASP A 61 -1.45 -3.94 -13.99
C ASP A 61 -0.14 -3.68 -13.31
N ASP A 62 0.11 -2.42 -12.91
CA ASP A 62 1.37 -2.07 -12.25
C ASP A 62 1.30 -2.51 -10.79
N VAL A 63 0.08 -2.55 -10.26
CA VAL A 63 -0.20 -3.05 -8.92
C VAL A 63 0.31 -4.49 -8.84
N LYS A 64 -0.22 -5.33 -9.73
CA LYS A 64 0.13 -6.76 -9.82
C LYS A 64 1.61 -6.93 -10.19
N ASN A 65 2.20 -5.87 -10.71
CA ASN A 65 3.61 -5.83 -11.06
C ASN A 65 4.48 -5.67 -9.81
N LEU A 66 3.96 -5.01 -8.80
CA LEU A 66 4.71 -4.77 -7.57
C LEU A 66 4.61 -5.99 -6.68
N LYS A 67 5.20 -5.92 -5.50
CA LYS A 67 5.13 -7.04 -4.58
C LYS A 67 5.01 -6.59 -3.12
N THR A 68 5.99 -5.87 -2.60
CA THR A 68 5.91 -5.46 -1.21
C THR A 68 5.46 -4.01 -1.10
N VAL A 69 5.40 -3.52 0.13
CA VAL A 69 5.13 -2.14 0.40
C VAL A 69 6.38 -1.33 0.14
N GLY A 70 7.51 -2.01 0.06
CA GLY A 70 8.76 -1.37 -0.23
C GLY A 70 8.81 -1.02 -1.68
N ASP A 71 8.26 -1.89 -2.50
CA ASP A 71 8.19 -1.66 -3.94
C ASP A 71 7.13 -0.62 -4.21
N ALA A 72 6.09 -0.70 -3.41
CA ALA A 72 4.94 0.15 -3.54
C ALA A 72 5.30 1.59 -3.26
N THR A 73 5.94 1.79 -2.12
CA THR A 73 6.33 3.12 -1.69
C THR A 73 7.20 3.83 -2.70
N LYS A 74 8.13 3.09 -3.32
CA LYS A 74 9.00 3.64 -4.34
C LYS A 74 8.20 4.18 -5.50
N TYR A 75 7.26 3.39 -5.99
CA TYR A 75 6.41 3.79 -7.10
C TYR A 75 5.49 4.95 -6.69
N ILE A 76 4.96 4.87 -5.48
CA ILE A 76 4.08 5.88 -4.94
C ILE A 76 4.77 7.23 -4.87
N LEU A 77 5.90 7.30 -4.18
CA LEU A 77 6.62 8.56 -4.06
C LEU A 77 7.13 9.08 -5.39
N ASP A 78 7.28 8.16 -6.32
CA ASP A 78 7.74 8.47 -7.67
C ASP A 78 6.65 9.21 -8.46
N HIS A 79 5.42 8.76 -8.32
CA HIS A 79 4.27 9.37 -9.04
C HIS A 79 3.38 10.27 -8.17
N GLN A 80 3.75 10.48 -6.93
CA GLN A 80 2.92 11.26 -6.02
C GLN A 80 2.93 12.76 -6.37
N ALA A 81 1.77 13.36 -6.26
CA ALA A 81 1.53 14.80 -6.46
C ALA A 81 2.04 15.27 -7.80
P24 SXO B . -7.54 -13.96 -3.64
O26 SXO B . -6.51 -15.00 -3.57
O23 SXO B . -8.94 -14.37 -3.36
O27 SXO B . -7.53 -13.21 -5.08
C28 SXO B . -6.31 -12.48 -5.66
C29 SXO B . -5.40 -13.37 -6.55
C30 SXO B . -4.75 -14.39 -5.70
C31 SXO B . -6.23 -14.01 -7.66
C32 SXO B . -4.20 -12.53 -7.20
O33 SXO B . -3.41 -13.37 -8.04
C34 SXO B . -4.62 -11.35 -8.04
O35 SXO B . -4.28 -11.31 -9.22
N36 SXO B . -5.29 -10.39 -7.46
C37 SXO B . -5.74 -9.18 -8.14
C38 SXO B . -5.70 -7.95 -7.24
C39 SXO B . -4.29 -7.54 -6.79
O40 SXO B . -3.89 -6.39 -6.96
N41 SXO B . -3.56 -8.50 -6.22
C42 SXO B . -2.19 -8.34 -5.72
C43 SXO B . -1.60 -9.62 -5.15
S1 SXO B . -0.18 -9.22 -4.25
C1 SXO B . 0.77 -8.53 -5.53
O1 SXO B . 0.80 -8.97 -6.69
C2 SXO B . 1.53 -7.27 -5.14
C3 SXO B . 0.59 -6.12 -4.83
C4 SXO B . 1.30 -4.82 -4.51
C5 SXO B . 0.28 -3.74 -4.24
C6 SXO B . 0.90 -2.39 -3.92
C7 SXO B . -0.19 -1.38 -3.61
C8 SXO B . 0.41 -0.03 -3.29
H28 SXO B . -5.71 -12.07 -4.88
H28A SXO B . -6.66 -11.65 -6.26
H30 SXO B . -5.50 -15.00 -5.23
H30A SXO B . -4.11 -15.02 -6.31
H30B SXO B . -4.15 -13.89 -4.96
H31 SXO B . -6.99 -14.61 -7.20
H31A SXO B . -5.59 -14.61 -8.29
H31B SXO B . -6.69 -13.22 -8.24
H32 SXO B . -3.58 -12.14 -6.40
HO33 SXO B . -3.35 -12.85 -8.86
HN36 SXO B . -5.50 -10.49 -6.51
H37 SXO B . -5.09 -8.97 -8.97
H37A SXO B . -6.75 -9.32 -8.48
H38 SXO B . -6.30 -8.13 -6.35
H38A SXO B . -6.11 -7.12 -7.79
HN41 SXO B . -3.94 -9.39 -6.12
H42 SXO B . -1.53 -7.97 -6.49
H42A SXO B . -2.19 -7.65 -4.89
H43 SXO B . -2.34 -10.05 -4.48
H43A SXO B . -1.37 -10.33 -5.94
H2 SXO B . 2.15 -6.97 -5.97
H2A SXO B . 2.14 -7.47 -4.27
H3 SXO B . -0.03 -5.95 -5.71
H3A SXO B . -0.04 -6.40 -4.00
H4 SXO B . 1.92 -4.52 -5.35
H4A SXO B . 1.92 -4.97 -3.64
H5 SXO B . -0.34 -3.62 -5.10
H5A SXO B . -0.33 -4.04 -3.40
H6 SXO B . 1.46 -2.05 -4.78
H6A SXO B . 1.56 -2.49 -3.07
H7 SXO B . -0.75 -1.72 -2.75
H7A SXO B . -0.85 -1.28 -4.47
H8 SXO B . -0.38 0.67 -3.07
H8A SXO B . 0.98 0.32 -4.14
H8B SXO B . 1.06 -0.12 -2.43
N ALA A 1 4.14 15.47 -0.73
CA ALA A 1 4.96 14.27 -0.67
C ALA A 1 5.18 13.86 0.77
N ALA A 2 5.28 12.57 0.99
CA ALA A 2 5.56 12.03 2.30
C ALA A 2 6.60 10.93 2.16
N THR A 3 7.25 10.56 3.23
CA THR A 3 8.27 9.55 3.13
C THR A 3 7.72 8.18 3.30
N GLN A 4 8.58 7.17 3.14
CA GLN A 4 8.20 5.79 3.24
C GLN A 4 7.59 5.52 4.58
N GLU A 5 8.01 6.27 5.58
CA GLU A 5 7.48 6.07 6.93
C GLU A 5 6.04 6.50 7.00
N GLU A 6 5.78 7.60 6.39
CA GLU A 6 4.48 8.23 6.38
C GLU A 6 3.63 7.57 5.28
N ILE A 7 4.31 7.01 4.28
CA ILE A 7 3.63 6.35 3.19
C ILE A 7 3.06 5.01 3.71
N VAL A 8 3.93 4.21 4.35
CA VAL A 8 3.52 2.91 4.95
C VAL A 8 2.34 3.12 5.89
N ALA A 9 2.44 4.15 6.72
CA ALA A 9 1.39 4.51 7.67
C ALA A 9 0.06 4.71 6.96
N GLY A 10 0.09 5.46 5.86
CA GLY A 10 -1.13 5.76 5.11
C GLY A 10 -1.72 4.50 4.53
N LEU A 11 -0.85 3.66 3.96
CA LEU A 11 -1.24 2.40 3.34
C LEU A 11 -1.97 1.52 4.33
N ALA A 12 -1.40 1.40 5.51
CA ALA A 12 -1.96 0.56 6.51
C ALA A 12 -3.24 1.12 7.09
N GLU A 13 -3.44 2.43 7.00
CA GLU A 13 -4.69 3.02 7.47
C GLU A 13 -5.87 2.49 6.68
N ILE A 14 -5.68 2.34 5.38
CA ILE A 14 -6.74 1.77 4.57
C ILE A 14 -6.77 0.25 4.76
N VAL A 15 -5.60 -0.42 4.69
CA VAL A 15 -5.56 -1.88 4.84
C VAL A 15 -6.05 -2.35 6.24
N ASN A 16 -5.98 -1.48 7.23
CA ASN A 16 -6.51 -1.78 8.57
C ASN A 16 -8.02 -1.78 8.55
N GLU A 17 -8.60 -0.91 7.75
CA GLU A 17 -10.04 -0.83 7.62
C GLU A 17 -10.53 -2.01 6.77
N ILE A 18 -9.74 -2.33 5.75
CA ILE A 18 -10.07 -3.40 4.83
C ILE A 18 -9.83 -4.80 5.45
N ALA A 19 -8.64 -5.04 5.95
CA ALA A 19 -8.28 -6.37 6.45
C ALA A 19 -8.06 -6.41 7.96
N GLY A 20 -7.58 -5.33 8.52
CA GLY A 20 -7.42 -5.28 9.97
C GLY A 20 -6.02 -5.58 10.45
N ILE A 21 -5.03 -5.25 9.66
CA ILE A 21 -3.64 -5.44 10.09
C ILE A 21 -3.16 -4.29 10.95
N PRO A 22 -2.38 -4.60 11.98
CA PRO A 22 -1.78 -3.58 12.84
C PRO A 22 -0.80 -2.75 12.05
N VAL A 23 -0.75 -1.46 12.33
CA VAL A 23 0.18 -0.58 11.63
C VAL A 23 1.61 -0.77 12.15
N GLU A 24 1.73 -1.58 13.19
CA GLU A 24 3.01 -1.95 13.75
C GLU A 24 3.55 -3.13 12.97
N ASP A 25 2.66 -3.84 12.31
CA ASP A 25 3.03 -5.05 11.59
C ASP A 25 3.56 -4.68 10.23
N VAL A 26 2.96 -3.66 9.67
CA VAL A 26 3.28 -3.20 8.33
C VAL A 26 4.63 -2.47 8.30
N LYS A 27 5.65 -3.25 8.12
CA LYS A 27 7.00 -2.80 7.94
C LYS A 27 7.35 -3.03 6.48
N LEU A 28 8.43 -2.43 6.01
CA LEU A 28 8.78 -2.37 4.56
C LEU A 28 8.72 -3.71 3.81
N ASP A 29 9.18 -4.77 4.41
CA ASP A 29 9.22 -6.04 3.71
C ASP A 29 7.96 -6.85 3.84
N LYS A 30 6.88 -6.23 4.26
CA LYS A 30 5.62 -6.95 4.35
C LYS A 30 4.93 -6.93 3.00
N SER A 31 4.62 -8.10 2.52
CA SER A 31 3.91 -8.27 1.27
C SER A 31 2.46 -8.43 1.56
N PHE A 32 1.61 -7.90 0.67
CA PHE A 32 0.14 -7.89 0.82
C PHE A 32 -0.48 -9.27 0.63
N THR A 33 0.29 -10.32 0.86
CA THR A 33 -0.19 -11.66 0.81
C THR A 33 0.88 -12.64 1.30
N ASP A 34 2.12 -12.49 0.79
CA ASP A 34 3.23 -13.40 1.17
C ASP A 34 3.50 -13.26 2.65
N ASP A 35 3.42 -12.05 3.14
CA ASP A 35 3.67 -11.82 4.53
C ASP A 35 2.38 -11.54 5.27
N LEU A 36 1.67 -10.51 4.82
CA LEU A 36 0.51 -9.99 5.50
C LEU A 36 -0.59 -11.00 5.71
N ASP A 37 -1.26 -10.82 6.81
CA ASP A 37 -2.31 -11.69 7.26
C ASP A 37 -3.61 -11.19 6.70
N VAL A 38 -3.66 -11.29 5.42
CA VAL A 38 -4.75 -10.89 4.63
C VAL A 38 -5.13 -12.03 3.67
N ASP A 39 -6.04 -11.75 2.76
CA ASP A 39 -6.44 -12.71 1.72
C ASP A 39 -6.10 -12.15 0.36
N SER A 40 -5.11 -11.29 0.37
CA SER A 40 -4.54 -10.58 -0.78
C SER A 40 -5.50 -9.67 -1.49
N LEU A 41 -6.47 -10.27 -2.22
CA LEU A 41 -7.46 -9.57 -3.08
C LEU A 41 -8.11 -8.34 -2.42
N SER A 42 -8.13 -8.33 -1.13
CA SER A 42 -8.66 -7.23 -0.35
C SER A 42 -7.90 -5.91 -0.63
N MET A 43 -6.64 -6.03 -1.05
CA MET A 43 -5.76 -4.90 -1.36
C MET A 43 -6.32 -4.07 -2.53
N VAL A 44 -7.16 -4.68 -3.34
CA VAL A 44 -7.77 -4.00 -4.49
C VAL A 44 -8.54 -2.72 -4.05
N GLU A 45 -9.01 -2.73 -2.81
CA GLU A 45 -9.68 -1.57 -2.26
C GLU A 45 -8.68 -0.51 -1.75
N VAL A 46 -7.48 -0.95 -1.34
CA VAL A 46 -6.49 -0.01 -0.82
C VAL A 46 -5.75 0.66 -1.94
N VAL A 47 -5.51 -0.06 -3.03
CA VAL A 47 -4.79 0.51 -4.15
C VAL A 47 -5.57 1.69 -4.76
N VAL A 48 -6.89 1.52 -4.90
CA VAL A 48 -7.73 2.58 -5.45
C VAL A 48 -7.92 3.72 -4.43
N ALA A 49 -7.70 3.40 -3.16
CA ALA A 49 -7.81 4.38 -2.10
C ALA A 49 -6.49 5.11 -1.94
N ALA A 50 -5.42 4.49 -2.37
CA ALA A 50 -4.12 5.08 -2.26
C ALA A 50 -3.97 6.22 -3.25
N GLU A 51 -4.65 6.07 -4.37
CA GLU A 51 -4.69 7.06 -5.45
C GLU A 51 -5.04 8.44 -4.90
N GLU A 52 -6.15 8.49 -4.22
CA GLU A 52 -6.68 9.71 -3.65
C GLU A 52 -5.92 10.11 -2.39
N ARG A 53 -5.37 9.14 -1.71
CA ARG A 53 -4.77 9.36 -0.42
C ARG A 53 -3.32 9.85 -0.52
N PHE A 54 -2.59 9.33 -1.48
CA PHE A 54 -1.18 9.66 -1.60
C PHE A 54 -0.87 10.55 -2.80
N ASP A 55 -1.94 11.03 -3.46
CA ASP A 55 -1.82 11.91 -4.66
C ASP A 55 -1.21 11.15 -5.83
N VAL A 56 -1.56 9.90 -5.97
CA VAL A 56 -1.02 9.07 -7.01
C VAL A 56 -2.10 8.65 -8.02
N LYS A 57 -1.73 7.74 -8.89
CA LYS A 57 -2.58 7.17 -9.91
C LYS A 57 -1.85 5.97 -10.46
N ILE A 58 -2.27 4.84 -10.03
CA ILE A 58 -1.63 3.59 -10.30
C ILE A 58 -2.47 2.78 -11.27
N PRO A 59 -1.93 2.47 -12.45
CA PRO A 59 -2.61 1.62 -13.43
C PRO A 59 -2.84 0.23 -12.85
N ASP A 60 -4.07 -0.25 -12.96
CA ASP A 60 -4.55 -1.50 -12.36
C ASP A 60 -3.67 -2.72 -12.63
N ASP A 61 -3.16 -2.86 -13.82
CA ASP A 61 -2.29 -4.00 -14.09
C ASP A 61 -0.86 -3.76 -13.65
N ASP A 62 -0.47 -2.51 -13.60
CA ASP A 62 0.88 -2.11 -13.19
C ASP A 62 1.05 -2.35 -11.69
N VAL A 63 -0.08 -2.34 -10.99
CA VAL A 63 -0.16 -2.65 -9.54
C VAL A 63 0.43 -4.03 -9.28
N LYS A 64 0.05 -4.97 -10.13
CA LYS A 64 0.40 -6.40 -9.98
C LYS A 64 1.91 -6.67 -10.08
N ASN A 65 2.68 -5.67 -10.44
CA ASN A 65 4.13 -5.82 -10.52
C ASN A 65 4.73 -5.62 -9.12
N LEU A 66 3.99 -4.98 -8.25
CA LEU A 66 4.47 -4.71 -6.91
C LEU A 66 4.18 -5.92 -6.04
N LYS A 67 4.63 -5.89 -4.79
CA LYS A 67 4.46 -7.05 -3.93
C LYS A 67 4.52 -6.69 -2.44
N THR A 68 5.58 -6.04 -2.01
CA THR A 68 5.68 -5.67 -0.63
C THR A 68 5.26 -4.22 -0.47
N VAL A 69 5.21 -3.76 0.76
CA VAL A 69 4.92 -2.37 0.99
C VAL A 69 6.14 -1.52 0.68
N GLY A 70 7.29 -2.19 0.55
CA GLY A 70 8.52 -1.55 0.15
C GLY A 70 8.50 -1.24 -1.33
N ASP A 71 7.75 -2.04 -2.08
CA ASP A 71 7.55 -1.78 -3.51
C ASP A 71 6.54 -0.68 -3.64
N ALA A 72 5.53 -0.75 -2.78
CA ALA A 72 4.42 0.17 -2.79
C ALA A 72 4.89 1.58 -2.50
N THR A 73 5.60 1.74 -1.40
CA THR A 73 6.14 3.01 -0.98
C THR A 73 6.98 3.65 -2.07
N LYS A 74 7.96 2.90 -2.54
CA LYS A 74 8.89 3.35 -3.57
C LYS A 74 8.13 3.79 -4.83
N TYR A 75 7.10 3.04 -5.21
CA TYR A 75 6.27 3.35 -6.37
C TYR A 75 5.49 4.66 -6.12
N ILE A 76 4.88 4.76 -4.95
CA ILE A 76 4.09 5.92 -4.56
C ILE A 76 4.92 7.17 -4.55
N LEU A 77 5.98 7.20 -3.75
CA LEU A 77 6.83 8.39 -3.62
C LEU A 77 7.42 8.84 -4.94
N ASP A 78 7.50 7.91 -5.86
CA ASP A 78 8.00 8.16 -7.21
C ASP A 78 7.01 8.99 -8.02
N HIS A 79 5.74 8.74 -7.81
CA HIS A 79 4.68 9.39 -8.57
C HIS A 79 3.99 10.52 -7.78
N GLN A 80 4.18 10.54 -6.48
CA GLN A 80 3.50 11.51 -5.62
C GLN A 80 4.06 12.92 -5.83
N ALA A 81 3.28 13.90 -5.49
CA ALA A 81 3.68 15.27 -5.56
C ALA A 81 3.17 15.98 -4.34
P24 SXO B . -3.90 -13.74 -3.00
O26 SXO B . -2.44 -13.64 -2.78
O23 SXO B . -4.63 -14.92 -2.48
O27 SXO B . -4.18 -13.71 -4.55
C28 SXO B . -3.78 -12.53 -5.38
C29 SXO B . -3.61 -12.98 -6.83
C30 SXO B . -2.42 -13.87 -6.83
C31 SXO B . -4.85 -13.75 -7.29
C32 SXO B . -3.31 -11.81 -7.85
O33 SXO B . -3.26 -12.33 -9.15
C34 SXO B . -4.39 -10.75 -7.89
O35 SXO B . -5.24 -10.78 -8.79
N36 SXO B . -4.32 -9.84 -7.00
C37 SXO B . -5.22 -8.70 -6.89
C38 SXO B . -4.51 -7.52 -6.27
C39 SXO B . -4.07 -7.81 -4.85
O40 SXO B . -4.83 -7.63 -3.91
N41 SXO B . -2.82 -8.25 -4.73
C42 SXO B . -2.19 -8.60 -3.47
C43 SXO B . -0.72 -8.96 -3.63
S1 SXO B . 0.35 -7.56 -3.55
C1 SXO B . 0.06 -6.81 -5.10
O1 SXO B . -0.60 -7.31 -6.02
C2 SXO B . 0.68 -5.43 -5.25
C3 SXO B . 0.18 -4.46 -4.20
C4 SXO B . 0.60 -3.04 -4.51
C5 SXO B . -0.03 -2.09 -3.52
C6 SXO B . 0.24 -0.65 -3.88
C7 SXO B . -0.45 0.27 -2.91
C8 SXO B . -0.20 1.70 -3.29
H28 SXO B . -2.82 -12.15 -5.05
H28A SXO B . -4.53 -11.76 -5.31
H30 SXO B . -1.62 -13.24 -6.47
H30A SXO B . -2.59 -14.68 -6.13
H30B SXO B . -2.22 -14.23 -7.82
H31 SXO B . -4.73 -14.06 -8.31
H31A SXO B . -5.71 -13.10 -7.19
H31B SXO B . -4.97 -14.61 -6.65
H32 SXO B . -2.38 -11.34 -7.57
HO33 SXO B . -4.00 -11.87 -9.56
HN36 SXO B . -3.56 -9.89 -6.37
H37 SXO B . -5.55 -8.43 -7.88
H37A SXO B . -6.06 -8.98 -6.29
H38 SXO B . -5.19 -6.68 -6.26
H38A SXO B . -3.64 -7.28 -6.86
HN41 SXO B . -2.27 -8.37 -5.54
H42 SXO B . -2.34 -7.84 -2.73
H42A SXO B . -2.67 -9.49 -3.12
H43 SXO B . -0.49 -9.58 -2.77
H43A SXO B . -0.54 -9.54 -4.51
H2 SXO B . 0.44 -5.04 -6.23
H2A SXO B . 1.75 -5.53 -5.14
H3 SXO B . -0.90 -4.50 -4.16
H3A SXO B . 0.59 -4.74 -3.25
H4 SXO B . 0.27 -2.79 -5.51
H4A SXO B . 1.67 -2.96 -4.45
H5 SXO B . -1.09 -2.25 -3.53
H5A SXO B . 0.37 -2.29 -2.54
H6 SXO B . -0.13 -0.46 -4.87
H6A SXO B . 1.31 -0.47 -3.83
H7 SXO B . -0.06 0.11 -1.91
H7A SXO B . -1.52 0.08 -2.92
H8 SXO B . -0.57 1.87 -4.29
H8A SXO B . 0.87 1.89 -3.28
H8B SXO B . -0.69 2.36 -2.61
N ALA A 1 4.77 16.49 -0.36
CA ALA A 1 5.70 15.39 -0.29
C ALA A 1 5.63 14.74 1.08
N ALA A 2 6.08 13.52 1.16
CA ALA A 2 6.03 12.73 2.37
C ALA A 2 7.34 11.95 2.46
N THR A 3 7.34 10.86 3.18
CA THR A 3 8.48 9.99 3.24
C THR A 3 7.97 8.53 3.36
N GLN A 4 8.86 7.55 3.24
CA GLN A 4 8.53 6.12 3.27
C GLN A 4 7.59 5.69 4.42
N GLU A 5 7.93 6.05 5.64
CA GLU A 5 7.16 5.64 6.82
C GLU A 5 5.76 6.24 6.77
N GLU A 6 5.69 7.52 6.42
CA GLU A 6 4.43 8.24 6.25
C GLU A 6 3.54 7.60 5.18
N ILE A 7 4.16 7.12 4.12
CA ILE A 7 3.44 6.45 3.06
C ILE A 7 2.91 5.10 3.59
N VAL A 8 3.78 4.32 4.21
CA VAL A 8 3.41 3.02 4.79
C VAL A 8 2.31 3.20 5.88
N ALA A 9 2.44 4.25 6.66
CA ALA A 9 1.46 4.60 7.70
C ALA A 9 0.13 5.01 7.09
N GLY A 10 0.18 5.50 5.86
CA GLY A 10 -1.04 5.81 5.16
C GLY A 10 -1.66 4.54 4.64
N LEU A 11 -0.83 3.68 4.06
CA LEU A 11 -1.24 2.39 3.49
C LEU A 11 -1.98 1.55 4.52
N ALA A 12 -1.40 1.47 5.70
CA ALA A 12 -1.95 0.66 6.77
C ALA A 12 -3.30 1.16 7.25
N GLU A 13 -3.58 2.44 7.06
CA GLU A 13 -4.89 2.98 7.41
C GLU A 13 -5.97 2.32 6.59
N ILE A 14 -5.76 2.24 5.30
CA ILE A 14 -6.73 1.62 4.43
C ILE A 14 -6.67 0.11 4.63
N VAL A 15 -5.48 -0.44 4.78
CA VAL A 15 -5.36 -1.87 4.98
C VAL A 15 -6.00 -2.32 6.32
N ASN A 16 -6.03 -1.44 7.30
CA ASN A 16 -6.70 -1.74 8.57
C ASN A 16 -8.20 -1.77 8.38
N GLU A 17 -8.73 -0.83 7.61
CA GLU A 17 -10.17 -0.77 7.42
C GLU A 17 -10.65 -1.88 6.46
N ILE A 18 -9.76 -2.37 5.61
CA ILE A 18 -10.12 -3.42 4.67
C ILE A 18 -9.84 -4.82 5.25
N ALA A 19 -8.61 -5.04 5.68
CA ALA A 19 -8.18 -6.37 6.08
C ALA A 19 -8.13 -6.56 7.59
N GLY A 20 -7.93 -5.49 8.32
CA GLY A 20 -7.90 -5.58 9.77
C GLY A 20 -6.53 -5.91 10.31
N ILE A 21 -5.52 -5.26 9.78
CA ILE A 21 -4.15 -5.49 10.23
C ILE A 21 -3.79 -4.57 11.40
N PRO A 22 -2.81 -4.97 12.21
CA PRO A 22 -2.27 -4.11 13.23
C PRO A 22 -1.30 -3.11 12.59
N VAL A 23 -1.34 -1.89 13.00
CA VAL A 23 -0.53 -0.85 12.36
C VAL A 23 0.89 -0.76 12.93
N GLU A 24 1.32 -1.85 13.49
CA GLU A 24 2.67 -2.02 13.98
C GLU A 24 3.35 -3.01 13.07
N ASP A 25 2.54 -3.73 12.33
CA ASP A 25 3.00 -4.85 11.56
C ASP A 25 3.47 -4.40 10.19
N VAL A 26 2.64 -3.59 9.56
CA VAL A 26 2.90 -3.10 8.21
C VAL A 26 4.08 -2.13 8.19
N LYS A 27 5.24 -2.67 7.94
CA LYS A 27 6.46 -1.92 7.79
C LYS A 27 7.05 -2.25 6.42
N LEU A 28 8.18 -1.66 6.06
CA LEU A 28 8.77 -1.82 4.70
C LEU A 28 8.95 -3.26 4.23
N ASP A 29 9.39 -4.14 5.10
CA ASP A 29 9.55 -5.53 4.69
C ASP A 29 8.29 -6.32 4.96
N LYS A 30 7.28 -6.00 4.21
CA LYS A 30 5.99 -6.65 4.22
C LYS A 30 5.46 -6.71 2.81
N SER A 31 4.63 -7.65 2.56
CA SER A 31 3.95 -7.79 1.31
C SER A 31 2.51 -8.11 1.64
N PHE A 32 1.59 -7.68 0.82
CA PHE A 32 0.18 -7.72 1.19
C PHE A 32 -0.39 -9.11 1.36
N THR A 33 -0.13 -10.00 0.45
CA THR A 33 -0.70 -11.31 0.59
C THR A 33 0.35 -12.40 0.68
N ASP A 34 1.48 -12.05 1.24
CA ASP A 34 2.54 -13.02 1.46
C ASP A 34 2.96 -12.92 2.90
N ASP A 35 3.46 -11.77 3.29
CA ASP A 35 3.83 -11.56 4.67
C ASP A 35 2.57 -11.20 5.47
N LEU A 36 1.66 -10.49 4.82
CA LEU A 36 0.43 -10.07 5.47
C LEU A 36 -0.71 -10.99 5.07
N ASP A 37 -1.87 -10.76 5.66
CA ASP A 37 -3.05 -11.59 5.41
C ASP A 37 -4.06 -10.79 4.63
N VAL A 38 -3.56 -9.79 3.95
CA VAL A 38 -4.37 -8.89 3.19
C VAL A 38 -4.71 -9.55 1.88
N ASP A 39 -5.94 -9.98 1.75
CA ASP A 39 -6.42 -10.59 0.53
C ASP A 39 -6.18 -9.65 -0.64
N SER A 40 -5.53 -10.16 -1.64
CA SER A 40 -5.08 -9.41 -2.79
C SER A 40 -6.21 -8.71 -3.53
N LEU A 41 -7.29 -9.42 -3.80
CA LEU A 41 -8.42 -8.82 -4.49
C LEU A 41 -9.01 -7.66 -3.65
N SER A 42 -8.81 -7.77 -2.35
CA SER A 42 -9.24 -6.77 -1.41
C SER A 42 -8.20 -5.64 -1.28
N MET A 43 -6.95 -5.93 -1.59
CA MET A 43 -5.87 -4.93 -1.54
C MET A 43 -6.09 -3.96 -2.68
N VAL A 44 -6.79 -4.43 -3.69
CA VAL A 44 -7.18 -3.61 -4.82
C VAL A 44 -8.13 -2.48 -4.33
N GLU A 45 -8.82 -2.75 -3.22
CA GLU A 45 -9.72 -1.79 -2.62
C GLU A 45 -8.92 -0.82 -1.76
N VAL A 46 -7.72 -1.24 -1.42
CA VAL A 46 -6.80 -0.42 -0.68
C VAL A 46 -6.16 0.56 -1.65
N VAL A 47 -5.55 0.03 -2.70
CA VAL A 47 -4.85 0.85 -3.68
C VAL A 47 -5.75 1.92 -4.31
N VAL A 48 -7.04 1.64 -4.49
CA VAL A 48 -7.94 2.63 -5.07
C VAL A 48 -8.12 3.82 -4.10
N ALA A 49 -7.98 3.55 -2.81
CA ALA A 49 -8.05 4.59 -1.79
C ALA A 49 -6.67 5.22 -1.63
N ALA A 50 -5.66 4.47 -1.99
CA ALA A 50 -4.30 4.94 -1.89
C ALA A 50 -4.02 5.99 -2.96
N GLU A 51 -4.60 5.81 -4.13
CA GLU A 51 -4.46 6.77 -5.22
C GLU A 51 -4.94 8.15 -4.79
N GLU A 52 -6.11 8.18 -4.20
CA GLU A 52 -6.69 9.43 -3.74
C GLU A 52 -5.99 9.97 -2.49
N ARG A 53 -5.56 9.08 -1.61
CA ARG A 53 -4.91 9.49 -0.37
C ARG A 53 -3.51 10.03 -0.64
N PHE A 54 -2.71 9.26 -1.34
CA PHE A 54 -1.31 9.60 -1.56
C PHE A 54 -1.14 10.49 -2.75
N ASP A 55 -2.26 10.86 -3.37
CA ASP A 55 -2.32 11.85 -4.48
C ASP A 55 -1.63 11.32 -5.76
N VAL A 56 -1.29 10.07 -5.74
CA VAL A 56 -0.58 9.43 -6.82
C VAL A 56 -1.42 8.30 -7.39
N LYS A 57 -1.70 8.40 -8.67
CA LYS A 57 -2.47 7.41 -9.37
C LYS A 57 -1.67 6.15 -9.51
N ILE A 58 -2.22 5.06 -9.09
CA ILE A 58 -1.54 3.80 -9.10
C ILE A 58 -2.46 2.79 -9.76
N PRO A 59 -2.27 2.56 -11.07
CA PRO A 59 -3.10 1.62 -11.82
C PRO A 59 -2.93 0.23 -11.26
N ASP A 60 -4.04 -0.40 -10.90
CA ASP A 60 -4.02 -1.75 -10.31
C ASP A 60 -3.37 -2.76 -11.24
N ASP A 61 -3.40 -2.47 -12.54
CA ASP A 61 -2.75 -3.30 -13.55
C ASP A 61 -1.23 -3.31 -13.35
N ASP A 62 -0.68 -2.18 -12.90
CA ASP A 62 0.77 -2.06 -12.66
C ASP A 62 1.09 -2.61 -11.28
N VAL A 63 0.12 -2.47 -10.38
CA VAL A 63 0.18 -2.98 -9.01
C VAL A 63 0.40 -4.51 -9.01
N LYS A 64 0.00 -5.14 -10.09
CA LYS A 64 0.09 -6.58 -10.25
C LYS A 64 1.52 -7.02 -10.51
N ASN A 65 2.43 -6.06 -10.63
CA ASN A 65 3.84 -6.33 -10.83
C ASN A 65 4.56 -6.24 -9.51
N LEU A 66 3.96 -5.54 -8.57
CA LEU A 66 4.64 -5.25 -7.33
C LEU A 66 4.46 -6.38 -6.34
N LYS A 67 5.30 -6.41 -5.33
CA LYS A 67 5.26 -7.49 -4.37
C LYS A 67 5.26 -7.01 -2.93
N THR A 68 6.30 -6.34 -2.51
CA THR A 68 6.35 -5.87 -1.16
C THR A 68 5.82 -4.46 -1.03
N VAL A 69 5.77 -3.95 0.18
CA VAL A 69 5.33 -2.60 0.40
C VAL A 69 6.50 -1.64 0.21
N GLY A 70 7.71 -2.19 0.22
CA GLY A 70 8.89 -1.41 -0.07
C GLY A 70 9.00 -1.23 -1.56
N ASP A 71 8.48 -2.21 -2.26
CA ASP A 71 8.39 -2.19 -3.71
C ASP A 71 7.23 -1.29 -4.11
N ALA A 72 6.24 -1.23 -3.24
CA ALA A 72 5.06 -0.40 -3.43
C ALA A 72 5.40 1.06 -3.23
N THR A 73 6.07 1.36 -2.11
CA THR A 73 6.48 2.71 -1.80
C THR A 73 7.32 3.29 -2.90
N LYS A 74 8.17 2.46 -3.50
CA LYS A 74 9.06 2.85 -4.60
C LYS A 74 8.31 3.55 -5.76
N TYR A 75 7.09 3.12 -6.03
CA TYR A 75 6.27 3.74 -7.07
C TYR A 75 5.70 5.05 -6.54
N ILE A 76 5.04 4.94 -5.41
CA ILE A 76 4.36 6.04 -4.71
C ILE A 76 5.29 7.22 -4.43
N LEU A 77 6.46 6.87 -3.90
CA LEU A 77 7.53 7.76 -3.46
C LEU A 77 7.91 8.78 -4.51
N ASP A 78 7.63 8.46 -5.76
CA ASP A 78 7.96 9.34 -6.88
C ASP A 78 7.13 10.62 -6.84
N HIS A 79 5.87 10.47 -6.51
CA HIS A 79 4.98 11.61 -6.45
C HIS A 79 4.71 12.05 -5.01
N GLN A 80 4.20 11.09 -4.21
CA GLN A 80 3.81 11.32 -2.79
C GLN A 80 2.70 12.38 -2.64
N ALA A 81 2.36 12.64 -1.40
CA ALA A 81 1.37 13.61 -1.06
C ALA A 81 1.93 14.48 0.02
P24 SXO B . -4.67 -12.71 -4.71
O26 SXO B . -3.22 -12.84 -4.39
O23 SXO B . -5.58 -13.86 -4.41
O27 SXO B . -4.81 -12.45 -6.26
C28 SXO B . -4.17 -11.29 -6.93
C29 SXO B . -4.29 -11.47 -8.44
C30 SXO B . -3.53 -12.70 -8.74
C31 SXO B . -5.76 -11.63 -8.84
C32 SXO B . -3.63 -10.30 -9.26
O33 SXO B . -3.88 -10.50 -10.64
C34 SXO B . -4.21 -8.96 -8.94
O35 SXO B . -5.08 -8.49 -9.67
N36 SXO B . -3.72 -8.35 -7.93
C37 SXO B . -4.12 -7.03 -7.49
C38 SXO B . -3.03 -6.37 -6.67
C39 SXO B . -2.72 -7.12 -5.40
O40 SXO B . -3.35 -6.93 -4.37
N41 SXO B . -1.75 -7.99 -5.48
C42 SXO B . -1.31 -8.81 -4.37
C43 SXO B . 0.02 -9.45 -4.65
S1 SXO B . 1.15 -8.22 -5.11
C1 SXO B . 1.23 -7.26 -3.64
O1 SXO B . 0.75 -7.59 -2.53
C2 SXO B . 1.98 -5.95 -3.82
C3 SXO B . 1.08 -4.72 -3.98
C4 SXO B . 1.95 -3.47 -4.15
C5 SXO B . 1.15 -2.20 -4.42
C6 SXO B . 0.29 -1.78 -3.23
C7 SXO B . -0.48 -0.49 -3.51
C8 SXO B . 0.48 0.65 -3.75
H28 SXO B . -3.12 -11.25 -6.69
H28A SXO B . -4.65 -10.37 -6.65
H30 SXO B . -2.54 -12.51 -8.39
H30A SXO B . -3.97 -13.51 -8.16
H30B SXO B . -3.56 -12.91 -9.79
H31 SXO B . -6.15 -12.50 -8.33
H31A SXO B . -5.84 -11.75 -9.91
H31B SXO B . -6.30 -10.76 -8.52
H32 SXO B . -2.57 -10.27 -9.04
HO33 SXO B . -4.56 -9.82 -10.81
HN36 SXO B . -3.00 -8.80 -7.43
H37 SXO B . -4.33 -6.42 -8.34
H37A SXO B . -5.01 -7.12 -6.87
H38 SXO B . -3.34 -5.38 -6.41
H38A SXO B . -2.13 -6.32 -7.27
HN41 SXO B . -1.25 -8.13 -6.32
H42 SXO B . -1.21 -8.17 -3.51
H42A SXO B . -2.04 -9.57 -4.14
H43 SXO B . 0.36 -9.96 -3.77
H43A SXO B . -0.12 -10.11 -5.49
H2 SXO B . 2.55 -6.03 -4.73
H2A SXO B . 2.64 -5.78 -2.98
H3 SXO B . 0.46 -4.85 -4.86
H3A SXO B . 0.48 -4.61 -3.10
H4 SXO B . 2.63 -3.64 -4.97
H4A SXO B . 2.52 -3.32 -3.24
H5 SXO B . 1.83 -1.40 -4.64
H5A SXO B . 0.50 -2.36 -5.27
H6 SXO B . 0.93 -1.64 -2.37
H6A SXO B . -0.42 -2.57 -3.02
H7 SXO B . -1.09 -0.25 -2.65
H7A SXO B . -1.09 -0.61 -4.38
H8 SXO B . 1.10 0.80 -2.87
H8A SXO B . -0.07 1.56 -3.94
H8B SXO B . 1.10 0.43 -4.60
N ALA A 1 2.65 15.58 -1.57
CA ALA A 1 2.39 14.20 -1.12
C ALA A 1 3.37 13.81 -0.01
N ALA A 2 2.96 12.84 0.80
CA ALA A 2 3.73 12.36 1.94
C ALA A 2 4.82 11.41 1.48
N THR A 3 5.79 11.14 2.32
CA THR A 3 6.91 10.36 1.87
C THR A 3 6.84 8.89 2.34
N GLN A 4 7.91 8.10 2.07
CA GLN A 4 7.94 6.63 2.26
C GLN A 4 7.35 6.14 3.57
N GLU A 5 7.81 6.67 4.68
CA GLU A 5 7.37 6.19 5.99
C GLU A 5 5.89 6.53 6.20
N GLU A 6 5.53 7.73 5.78
CA GLU A 6 4.17 8.19 5.86
C GLU A 6 3.28 7.37 4.93
N ILE A 7 3.84 6.95 3.80
CA ILE A 7 3.13 6.11 2.85
C ILE A 7 2.78 4.79 3.54
N VAL A 8 3.80 4.10 4.03
CA VAL A 8 3.64 2.82 4.75
C VAL A 8 2.59 2.96 5.87
N ALA A 9 2.76 3.97 6.71
CA ALA A 9 1.85 4.24 7.81
C ALA A 9 0.42 4.51 7.32
N GLY A 10 0.31 5.10 6.16
CA GLY A 10 -0.98 5.38 5.57
C GLY A 10 -1.60 4.14 4.96
N LEU A 11 -0.77 3.33 4.28
CA LEU A 11 -1.20 2.10 3.63
C LEU A 11 -1.93 1.20 4.59
N ALA A 12 -1.34 1.04 5.76
CA ALA A 12 -1.90 0.22 6.80
C ALA A 12 -3.23 0.75 7.31
N GLU A 13 -3.47 2.04 7.15
CA GLU A 13 -4.73 2.62 7.59
C GLU A 13 -5.86 2.10 6.75
N ILE A 14 -5.64 2.02 5.44
CA ILE A 14 -6.64 1.50 4.57
C ILE A 14 -6.70 -0.02 4.75
N VAL A 15 -5.53 -0.65 4.89
CA VAL A 15 -5.51 -2.10 5.08
C VAL A 15 -6.16 -2.49 6.44
N ASN A 16 -6.17 -1.56 7.38
CA ASN A 16 -6.81 -1.76 8.67
C ASN A 16 -8.31 -1.75 8.53
N GLU A 17 -8.84 -0.77 7.82
CA GLU A 17 -10.30 -0.67 7.64
C GLU A 17 -10.84 -1.80 6.77
N ILE A 18 -9.98 -2.35 5.95
CA ILE A 18 -10.35 -3.42 5.06
C ILE A 18 -10.16 -4.81 5.72
N ALA A 19 -8.97 -5.08 6.23
CA ALA A 19 -8.66 -6.43 6.72
C ALA A 19 -8.49 -6.53 8.22
N GLY A 20 -8.52 -5.42 8.92
CA GLY A 20 -8.35 -5.43 10.35
C GLY A 20 -6.96 -5.82 10.79
N ILE A 21 -5.96 -5.28 10.14
CA ILE A 21 -4.59 -5.57 10.53
C ILE A 21 -4.05 -4.51 11.46
N PRO A 22 -3.04 -4.85 12.28
CA PRO A 22 -2.37 -3.88 13.10
C PRO A 22 -1.58 -2.92 12.19
N VAL A 23 -1.63 -1.64 12.48
CA VAL A 23 -1.01 -0.66 11.60
C VAL A 23 0.46 -0.48 11.88
N GLU A 24 0.96 -1.38 12.66
CA GLU A 24 2.35 -1.43 13.00
C GLU A 24 2.92 -2.71 12.42
N ASP A 25 2.05 -3.50 11.81
CA ASP A 25 2.43 -4.78 11.22
C ASP A 25 3.05 -4.51 9.87
N VAL A 26 2.43 -3.62 9.14
CA VAL A 26 2.85 -3.23 7.81
C VAL A 26 4.08 -2.34 7.89
N LYS A 27 5.23 -2.97 7.90
CA LYS A 27 6.50 -2.27 7.82
C LYS A 27 7.18 -2.64 6.51
N LEU A 28 8.34 -2.05 6.25
CA LEU A 28 9.02 -2.15 4.92
C LEU A 28 9.18 -3.58 4.35
N ASP A 29 9.37 -4.56 5.20
CA ASP A 29 9.59 -5.94 4.72
C ASP A 29 8.31 -6.73 4.53
N LYS A 30 7.19 -6.06 4.58
CA LYS A 30 5.90 -6.69 4.38
C LYS A 30 5.45 -6.59 2.92
N SER A 31 4.96 -7.68 2.40
CA SER A 31 4.35 -7.75 1.10
C SER A 31 2.88 -8.01 1.34
N PHE A 32 2.02 -7.55 0.44
CA PHE A 32 0.60 -7.48 0.72
C PHE A 32 -0.08 -8.82 0.84
N THR A 33 0.30 -9.76 0.09
CA THR A 33 -0.40 -11.02 0.12
C THR A 33 0.59 -12.14 0.38
N ASP A 34 1.57 -11.82 1.16
CA ASP A 34 2.61 -12.74 1.52
C ASP A 34 2.86 -12.60 2.99
N ASP A 35 3.31 -11.42 3.37
CA ASP A 35 3.62 -11.15 4.77
C ASP A 35 2.43 -10.60 5.48
N LEU A 36 1.50 -10.09 4.72
CA LEU A 36 0.33 -9.52 5.30
C LEU A 36 -0.76 -10.55 5.43
N ASP A 37 -1.59 -10.32 6.40
CA ASP A 37 -2.64 -11.27 6.82
C ASP A 37 -3.94 -10.87 6.23
N VAL A 38 -3.91 -10.42 5.03
CA VAL A 38 -5.07 -9.93 4.40
C VAL A 38 -5.58 -10.92 3.35
N ASP A 39 -6.52 -10.45 2.59
CA ASP A 39 -6.99 -11.11 1.42
C ASP A 39 -6.64 -10.21 0.30
N SER A 40 -5.84 -10.67 -0.61
CA SER A 40 -5.37 -9.86 -1.71
C SER A 40 -6.51 -9.28 -2.55
N LEU A 41 -7.58 -10.01 -2.66
CA LEU A 41 -8.75 -9.57 -3.43
C LEU A 41 -9.34 -8.28 -2.83
N SER A 42 -9.04 -8.06 -1.55
CA SER A 42 -9.47 -6.89 -0.81
C SER A 42 -8.53 -5.71 -1.04
N MET A 43 -7.31 -5.97 -1.54
CA MET A 43 -6.31 -4.92 -1.69
C MET A 43 -6.71 -3.96 -2.80
N VAL A 44 -7.58 -4.41 -3.68
CA VAL A 44 -8.09 -3.59 -4.77
C VAL A 44 -8.69 -2.28 -4.21
N GLU A 45 -9.54 -2.39 -3.18
CA GLU A 45 -10.09 -1.21 -2.52
C GLU A 45 -8.98 -0.39 -1.85
N VAL A 46 -7.94 -1.06 -1.43
CA VAL A 46 -6.82 -0.42 -0.78
C VAL A 46 -6.04 0.43 -1.78
N VAL A 47 -5.63 -0.18 -2.89
CA VAL A 47 -4.82 0.52 -3.89
C VAL A 47 -5.57 1.72 -4.49
N VAL A 48 -6.88 1.59 -4.72
CA VAL A 48 -7.64 2.71 -5.27
C VAL A 48 -7.78 3.83 -4.22
N ALA A 49 -7.81 3.44 -2.96
CA ALA A 49 -7.85 4.39 -1.88
C ALA A 49 -6.49 5.01 -1.69
N ALA A 50 -5.46 4.25 -1.98
CA ALA A 50 -4.10 4.74 -1.90
C ALA A 50 -3.90 5.89 -2.87
N GLU A 51 -4.46 5.76 -4.06
CA GLU A 51 -4.39 6.80 -5.08
C GLU A 51 -4.92 8.13 -4.55
N GLU A 52 -6.14 8.11 -4.03
CA GLU A 52 -6.79 9.30 -3.53
C GLU A 52 -6.11 9.85 -2.25
N ARG A 53 -5.80 8.96 -1.32
CA ARG A 53 -5.28 9.36 -0.03
C ARG A 53 -3.80 9.81 -0.11
N PHE A 54 -3.01 9.15 -0.96
CA PHE A 54 -1.58 9.46 -1.05
C PHE A 54 -1.24 10.42 -2.16
N ASP A 55 -2.24 10.83 -2.94
CA ASP A 55 -2.06 11.84 -4.01
C ASP A 55 -1.22 11.26 -5.15
N VAL A 56 -1.37 9.99 -5.38
CA VAL A 56 -0.61 9.31 -6.41
C VAL A 56 -1.45 8.24 -7.07
N LYS A 57 -1.76 8.44 -8.31
CA LYS A 57 -2.49 7.43 -9.02
C LYS A 57 -1.58 6.32 -9.46
N ILE A 58 -2.02 5.13 -9.21
CA ILE A 58 -1.26 3.95 -9.41
C ILE A 58 -2.09 2.97 -10.23
N PRO A 59 -1.76 2.80 -11.51
CA PRO A 59 -2.48 1.89 -12.41
C PRO A 59 -2.46 0.46 -11.90
N ASP A 60 -3.65 -0.10 -11.73
CA ASP A 60 -3.88 -1.45 -11.15
C ASP A 60 -3.11 -2.57 -11.86
N ASP A 61 -2.82 -2.40 -13.14
CA ASP A 61 -2.04 -3.39 -13.89
C ASP A 61 -0.59 -3.43 -13.42
N ASP A 62 -0.04 -2.28 -13.11
CA ASP A 62 1.37 -2.17 -12.68
C ASP A 62 1.51 -2.65 -11.26
N VAL A 63 0.47 -2.36 -10.47
CA VAL A 63 0.35 -2.73 -9.06
C VAL A 63 0.65 -4.20 -8.85
N LYS A 64 0.00 -5.05 -9.63
CA LYS A 64 0.05 -6.50 -9.47
C LYS A 64 1.44 -7.06 -9.74
N ASN A 65 2.29 -6.24 -10.29
CA ASN A 65 3.61 -6.65 -10.63
C ASN A 65 4.60 -6.31 -9.51
N LEU A 66 4.13 -5.57 -8.53
CA LEU A 66 4.93 -5.23 -7.37
C LEU A 66 4.67 -6.29 -6.30
N LYS A 67 5.27 -6.13 -5.13
CA LYS A 67 5.08 -7.10 -4.07
C LYS A 67 5.15 -6.50 -2.69
N THR A 68 6.31 -6.10 -2.23
CA THR A 68 6.41 -5.61 -0.88
C THR A 68 5.97 -4.17 -0.81
N VAL A 69 5.84 -3.65 0.40
CA VAL A 69 5.51 -2.27 0.59
C VAL A 69 6.72 -1.41 0.26
N GLY A 70 7.87 -2.05 0.16
CA GLY A 70 9.08 -1.40 -0.24
C GLY A 70 9.08 -1.20 -1.73
N ASP A 71 8.56 -2.20 -2.44
CA ASP A 71 8.46 -2.11 -3.91
C ASP A 71 7.38 -1.13 -4.27
N ALA A 72 6.38 -1.08 -3.40
CA ALA A 72 5.24 -0.22 -3.58
C ALA A 72 5.66 1.21 -3.39
N THR A 73 6.26 1.51 -2.24
CA THR A 73 6.69 2.84 -1.91
C THR A 73 7.63 3.41 -2.96
N LYS A 74 8.52 2.57 -3.47
CA LYS A 74 9.47 2.94 -4.52
C LYS A 74 8.74 3.53 -5.73
N TYR A 75 7.66 2.89 -6.14
CA TYR A 75 6.86 3.37 -7.25
C TYR A 75 6.06 4.60 -6.83
N ILE A 76 5.41 4.48 -5.68
CA ILE A 76 4.54 5.52 -5.12
C ILE A 76 5.25 6.86 -5.04
N LEU A 77 6.28 6.96 -4.20
CA LEU A 77 6.96 8.23 -3.96
C LEU A 77 7.64 8.77 -5.21
N ASP A 78 7.94 7.89 -6.13
CA ASP A 78 8.59 8.31 -7.37
C ASP A 78 7.60 8.99 -8.29
N HIS A 79 6.36 8.60 -8.15
CA HIS A 79 5.30 9.15 -8.96
C HIS A 79 4.63 10.33 -8.22
N GLN A 80 5.01 10.53 -6.98
CA GLN A 80 4.45 11.59 -6.16
C GLN A 80 5.25 12.87 -6.24
N ALA A 81 4.63 13.93 -5.80
CA ALA A 81 5.26 15.21 -5.71
C ALA A 81 5.48 15.52 -4.24
P24 SXO B . -4.15 -13.11 -3.37
O26 SXO B . -2.76 -12.64 -3.62
O23 SXO B . -4.36 -14.23 -2.43
O27 SXO B . -4.76 -13.53 -4.76
C28 SXO B . -4.90 -12.49 -5.81
C29 SXO B . -5.54 -13.04 -7.09
C30 SXO B . -4.47 -13.81 -7.79
C31 SXO B . -6.72 -13.95 -6.75
C32 SXO B . -6.01 -11.86 -8.04
O33 SXO B . -6.97 -12.37 -8.97
C34 SXO B . -6.70 -10.76 -7.25
O35 SXO B . -7.92 -10.77 -7.05
N36 SXO B . -5.92 -9.80 -6.86
C37 SXO B . -6.32 -8.64 -6.12
C38 SXO B . -5.24 -7.58 -6.13
C39 SXO B . -4.00 -7.93 -5.30
O40 SXO B . -3.96 -7.77 -4.09
N41 SXO B . -2.97 -8.33 -6.00
C42 SXO B . -1.68 -8.66 -5.43
C43 SXO B . -0.66 -8.88 -6.52
S1 SXO B . 0.90 -8.42 -5.94
C1 SXO B . 0.54 -6.74 -5.52
O1 SXO B . -0.32 -6.04 -6.08
C2 SXO B . 1.30 -6.26 -4.28
C3 SXO B . 1.11 -4.79 -3.91
C4 SXO B . 1.61 -3.81 -4.94
C5 SXO B . 1.54 -2.38 -4.42
C6 SXO B . 0.12 -1.99 -3.99
C7 SXO B . 0.06 -0.58 -3.42
C8 SXO B . 0.46 0.45 -4.46
H28 SXO B . -3.91 -12.13 -6.06
H28A SXO B . -5.50 -11.67 -5.42
H30 SXO B . -4.84 -14.22 -8.71
H30A SXO B . -3.65 -13.13 -8.00
H30B SXO B . -4.12 -14.60 -7.15
H31 SXO B . -7.45 -13.39 -6.20
H31A SXO B . -6.35 -14.75 -6.13
H31B SXO B . -7.15 -14.34 -7.66
H32 SXO B . -5.15 -11.46 -8.55
HO33 SXO B . -7.82 -12.33 -8.51
HN36 SXO B . -4.97 -9.88 -7.11
H37 SXO B . -7.20 -8.23 -6.60
H37A SXO B . -6.56 -8.92 -5.11
H38 SXO B . -5.67 -6.67 -5.71
H38A SXO B . -4.96 -7.36 -7.14
HN41 SXO B . -3.05 -8.40 -6.98
H42 SXO B . -1.36 -7.73 -4.98
H42A SXO B . -1.66 -9.39 -4.63
H43 SXO B . -0.65 -9.90 -6.88
H43A SXO B . -0.91 -8.18 -7.31
H2 SXO B . 2.34 -6.51 -4.36
H2A SXO B . 0.89 -6.84 -3.47
H3 SXO B . 0.06 -4.60 -3.75
H3A SXO B . 1.63 -4.61 -2.98
H4 SXO B . 1.00 -3.90 -5.83
H4A SXO B . 2.64 -4.05 -5.19
H5 SXO B . 2.19 -2.28 -3.57
H5A SXO B . 1.87 -1.70 -5.20
H6 SXO B . -0.22 -2.69 -3.26
H6A SXO B . -0.52 -2.03 -4.86
H7 SXO B . 0.75 -0.49 -2.58
H7A SXO B . -0.95 -0.36 -3.09
H8 SXO B . 1.48 0.25 -4.77
H8A SXO B . 0.41 1.44 -4.03
H8B SXO B . -0.20 0.38 -5.30
N ALA A 1 2.27 14.28 -0.83
CA ALA A 1 3.62 13.81 -1.05
C ALA A 1 4.23 13.41 0.28
N ALA A 2 4.39 12.14 0.49
CA ALA A 2 4.95 11.61 1.71
C ALA A 2 6.02 10.62 1.34
N THR A 3 6.81 10.20 2.29
CA THR A 3 7.90 9.33 1.99
C THR A 3 7.58 7.88 2.45
N GLN A 4 8.43 6.92 2.07
CA GLN A 4 8.24 5.46 2.29
C GLN A 4 7.64 5.06 3.63
N GLU A 5 8.14 5.62 4.72
CA GLU A 5 7.66 5.27 6.04
C GLU A 5 6.20 5.70 6.20
N GLU A 6 5.95 6.97 5.91
CA GLU A 6 4.63 7.56 5.96
C GLU A 6 3.71 6.87 4.95
N ILE A 7 4.28 6.46 3.82
CA ILE A 7 3.53 5.75 2.80
C ILE A 7 2.99 4.45 3.36
N VAL A 8 3.88 3.62 3.89
CA VAL A 8 3.48 2.32 4.46
C VAL A 8 2.47 2.51 5.62
N ALA A 9 2.68 3.54 6.42
CA ALA A 9 1.76 3.87 7.49
C ALA A 9 0.39 4.25 6.90
N GLY A 10 0.41 4.96 5.79
CA GLY A 10 -0.79 5.37 5.12
C GLY A 10 -1.48 4.20 4.47
N LEU A 11 -0.72 3.19 4.11
CA LEU A 11 -1.28 1.99 3.57
C LEU A 11 -2.11 1.29 4.63
N ALA A 12 -1.55 1.22 5.82
CA ALA A 12 -2.16 0.54 6.94
C ALA A 12 -3.50 1.15 7.37
N GLU A 13 -3.71 2.45 7.16
CA GLU A 13 -4.98 3.06 7.55
C GLU A 13 -6.13 2.55 6.68
N ILE A 14 -5.83 2.22 5.45
CA ILE A 14 -6.83 1.60 4.59
C ILE A 14 -6.80 0.09 4.81
N VAL A 15 -5.61 -0.48 4.92
CA VAL A 15 -5.47 -1.92 5.10
C VAL A 15 -6.12 -2.44 6.40
N ASN A 16 -6.13 -1.63 7.46
CA ASN A 16 -6.81 -2.04 8.70
C ASN A 16 -8.32 -2.00 8.50
N GLU A 17 -8.78 -1.10 7.65
CA GLU A 17 -10.19 -0.96 7.36
C GLU A 17 -10.67 -2.18 6.55
N ILE A 18 -9.84 -2.60 5.61
CA ILE A 18 -10.17 -3.71 4.70
C ILE A 18 -9.92 -5.07 5.34
N ALA A 19 -8.72 -5.27 5.85
CA ALA A 19 -8.35 -6.56 6.39
C ALA A 19 -8.35 -6.54 7.90
N GLY A 20 -7.73 -5.54 8.47
CA GLY A 20 -7.70 -5.45 9.91
C GLY A 20 -6.40 -5.92 10.51
N ILE A 21 -5.31 -5.52 9.89
CA ILE A 21 -3.98 -5.83 10.41
C ILE A 21 -3.58 -4.83 11.50
N PRO A 22 -2.59 -5.15 12.31
CA PRO A 22 -2.07 -4.21 13.27
C PRO A 22 -1.29 -3.14 12.51
N VAL A 23 -1.60 -1.90 12.74
CA VAL A 23 -0.99 -0.81 11.98
C VAL A 23 0.45 -0.52 12.42
N GLU A 24 0.86 -1.17 13.48
CA GLU A 24 2.23 -1.08 13.95
C GLU A 24 3.03 -2.14 13.22
N ASP A 25 2.33 -3.13 12.74
CA ASP A 25 2.93 -4.30 12.17
C ASP A 25 3.34 -4.06 10.74
N VAL A 26 2.59 -3.20 10.08
CA VAL A 26 2.82 -2.87 8.69
C VAL A 26 4.02 -1.93 8.58
N LYS A 27 5.17 -2.53 8.56
CA LYS A 27 6.43 -1.85 8.41
C LYS A 27 6.89 -2.01 6.96
N LEU A 28 8.02 -1.39 6.62
CA LEU A 28 8.60 -1.48 5.24
C LEU A 28 8.92 -2.91 4.82
N ASP A 29 9.07 -3.79 5.78
CA ASP A 29 9.38 -5.20 5.53
C ASP A 29 8.12 -6.03 5.40
N LYS A 30 7.08 -5.45 4.87
CA LYS A 30 5.82 -6.14 4.69
C LYS A 30 5.44 -6.29 3.22
N SER A 31 4.42 -7.06 3.01
CA SER A 31 3.84 -7.33 1.73
C SER A 31 2.39 -7.56 1.99
N PHE A 32 1.52 -7.32 1.03
CA PHE A 32 0.10 -7.31 1.29
C PHE A 32 -0.47 -8.65 1.65
N THR A 33 -0.21 -9.64 0.87
CA THR A 33 -0.74 -10.93 1.19
C THR A 33 0.37 -11.96 1.30
N ASP A 34 1.56 -11.49 1.49
CA ASP A 34 2.68 -12.40 1.63
C ASP A 34 3.28 -12.29 3.01
N ASP A 35 3.39 -11.07 3.51
CA ASP A 35 3.93 -10.88 4.85
C ASP A 35 2.79 -10.49 5.79
N LEU A 36 1.77 -9.83 5.23
CA LEU A 36 0.58 -9.42 5.97
C LEU A 36 -0.54 -10.41 5.70
N ASP A 37 -1.72 -10.07 6.15
CA ASP A 37 -2.88 -10.91 5.99
C ASP A 37 -3.97 -10.06 5.42
N VAL A 38 -3.86 -9.85 4.13
CA VAL A 38 -4.77 -9.01 3.39
C VAL A 38 -5.07 -9.71 2.09
N ASP A 39 -6.31 -10.13 1.88
CA ASP A 39 -6.71 -10.72 0.60
C ASP A 39 -6.41 -9.76 -0.52
N SER A 40 -5.63 -10.19 -1.45
CA SER A 40 -5.17 -9.35 -2.54
C SER A 40 -6.30 -8.93 -3.46
N LEU A 41 -7.28 -9.77 -3.61
CA LEU A 41 -8.45 -9.42 -4.40
C LEU A 41 -9.14 -8.20 -3.77
N SER A 42 -9.07 -8.15 -2.45
CA SER A 42 -9.59 -7.08 -1.64
C SER A 42 -8.60 -5.90 -1.54
N MET A 43 -7.34 -6.15 -1.86
CA MET A 43 -6.28 -5.12 -1.82
C MET A 43 -6.56 -4.13 -2.93
N VAL A 44 -7.29 -4.57 -3.92
CA VAL A 44 -7.71 -3.74 -5.03
C VAL A 44 -8.63 -2.59 -4.51
N GLU A 45 -9.26 -2.82 -3.36
CA GLU A 45 -10.10 -1.82 -2.70
C GLU A 45 -9.20 -0.88 -1.88
N VAL A 46 -8.03 -1.37 -1.54
CA VAL A 46 -7.04 -0.62 -0.82
C VAL A 46 -6.37 0.36 -1.77
N VAL A 47 -5.79 -0.18 -2.84
CA VAL A 47 -5.06 0.62 -3.83
C VAL A 47 -5.88 1.82 -4.35
N VAL A 48 -7.17 1.63 -4.62
CA VAL A 48 -8.00 2.73 -5.12
C VAL A 48 -8.10 3.87 -4.07
N ALA A 49 -8.08 3.49 -2.81
CA ALA A 49 -8.16 4.43 -1.70
C ALA A 49 -6.76 4.96 -1.38
N ALA A 50 -5.76 4.26 -1.84
CA ALA A 50 -4.39 4.65 -1.65
C ALA A 50 -4.01 5.71 -2.68
N GLU A 51 -4.50 5.55 -3.90
CA GLU A 51 -4.23 6.50 -4.99
C GLU A 51 -4.64 7.93 -4.60
N GLU A 52 -5.80 8.03 -3.97
CA GLU A 52 -6.33 9.31 -3.51
C GLU A 52 -5.60 9.78 -2.24
N ARG A 53 -5.19 8.82 -1.44
CA ARG A 53 -4.58 9.06 -0.14
C ARG A 53 -3.18 9.65 -0.31
N PHE A 54 -2.40 9.06 -1.17
CA PHE A 54 -1.03 9.44 -1.34
C PHE A 54 -0.80 10.39 -2.51
N ASP A 55 -1.83 10.58 -3.35
CA ASP A 55 -1.73 11.42 -4.57
C ASP A 55 -0.86 10.77 -5.60
N VAL A 56 -1.16 9.53 -5.86
CA VAL A 56 -0.43 8.74 -6.80
C VAL A 56 -1.36 7.76 -7.47
N LYS A 57 -1.67 8.01 -8.68
CA LYS A 57 -2.51 7.13 -9.43
C LYS A 57 -1.71 5.88 -9.79
N ILE A 58 -2.30 4.77 -9.54
CA ILE A 58 -1.68 3.50 -9.70
C ILE A 58 -2.56 2.66 -10.60
N PRO A 59 -2.23 2.60 -11.90
CA PRO A 59 -2.97 1.79 -12.86
C PRO A 59 -2.85 0.32 -12.50
N ASP A 60 -3.80 -0.45 -12.95
CA ASP A 60 -3.87 -1.87 -12.66
C ASP A 60 -2.59 -2.59 -13.12
N ASP A 61 -2.10 -2.18 -14.26
CA ASP A 61 -0.86 -2.72 -14.81
C ASP A 61 0.34 -2.44 -13.89
N ASP A 62 0.33 -1.28 -13.26
CA ASP A 62 1.40 -0.89 -12.34
C ASP A 62 1.26 -1.52 -10.98
N VAL A 63 0.02 -1.73 -10.53
CA VAL A 63 -0.21 -2.33 -9.22
C VAL A 63 0.21 -3.79 -9.22
N LYS A 64 -0.19 -4.47 -10.26
CA LYS A 64 0.17 -5.90 -10.45
C LYS A 64 1.67 -6.10 -10.65
N ASN A 65 2.39 -5.02 -10.90
CA ASN A 65 3.82 -5.10 -11.14
C ASN A 65 4.59 -5.14 -9.81
N LEU A 66 3.92 -4.71 -8.76
CA LEU A 66 4.56 -4.59 -7.47
C LEU A 66 4.29 -5.83 -6.63
N LYS A 67 4.90 -5.91 -5.47
CA LYS A 67 4.72 -7.07 -4.60
C LYS A 67 4.69 -6.73 -3.10
N THR A 68 5.73 -6.12 -2.59
CA THR A 68 5.79 -5.84 -1.18
C THR A 68 5.40 -4.39 -0.94
N VAL A 69 5.49 -3.94 0.29
CA VAL A 69 5.19 -2.56 0.56
C VAL A 69 6.42 -1.72 0.31
N GLY A 70 7.61 -2.35 0.40
CA GLY A 70 8.86 -1.64 0.17
C GLY A 70 9.16 -1.57 -1.31
N ASP A 71 8.56 -2.47 -2.03
CA ASP A 71 8.64 -2.49 -3.48
C ASP A 71 7.70 -1.45 -4.06
N ALA A 72 6.57 -1.28 -3.39
CA ALA A 72 5.53 -0.37 -3.82
C ALA A 72 5.86 1.09 -3.52
N THR A 73 6.40 1.36 -2.34
CA THR A 73 6.71 2.71 -1.87
C THR A 73 7.47 3.54 -2.89
N LYS A 74 8.47 2.92 -3.52
CA LYS A 74 9.30 3.60 -4.49
C LYS A 74 8.48 4.10 -5.68
N TYR A 75 7.55 3.30 -6.20
CA TYR A 75 6.68 3.73 -7.30
C TYR A 75 5.77 4.84 -6.84
N ILE A 76 5.22 4.67 -5.66
CA ILE A 76 4.31 5.60 -5.04
C ILE A 76 4.93 6.98 -4.89
N LEU A 77 5.97 7.09 -4.06
CA LEU A 77 6.60 8.39 -3.77
C LEU A 77 7.20 9.05 -5.00
N ASP A 78 7.50 8.25 -5.99
CA ASP A 78 8.07 8.76 -7.24
C ASP A 78 7.00 9.37 -8.11
N HIS A 79 5.81 8.83 -8.04
CA HIS A 79 4.74 9.23 -8.94
C HIS A 79 3.82 10.25 -8.25
N GLN A 80 4.06 10.48 -6.98
CA GLN A 80 3.26 11.40 -6.17
C GLN A 80 3.35 12.82 -6.60
N ALA A 81 2.21 13.48 -6.54
CA ALA A 81 2.05 14.88 -6.80
C ALA A 81 0.62 15.25 -6.51
P24 SXO B . -3.70 -12.50 -4.14
O26 SXO B . -2.30 -12.02 -4.10
O23 SXO B . -4.11 -13.65 -3.31
O27 SXO B . -4.05 -12.83 -5.64
C28 SXO B . -3.85 -11.77 -6.63
C29 SXO B . -4.19 -12.25 -8.03
C30 SXO B . -3.27 -13.38 -8.29
C31 SXO B . -5.63 -12.72 -8.09
C32 SXO B . -3.94 -11.15 -9.15
O33 SXO B . -4.35 -11.63 -10.43
C34 SXO B . -4.72 -9.86 -8.91
O35 SXO B . -5.56 -9.51 -9.75
N36 SXO B . -4.45 -9.18 -7.83
C37 SXO B . -5.08 -7.94 -7.44
C38 SXO B . -4.08 -6.92 -6.94
C39 SXO B . -3.31 -7.34 -5.70
O40 SXO B . -3.69 -7.07 -4.58
N41 SXO B . -2.22 -8.02 -5.94
C42 SXO B . -1.32 -8.52 -4.92
C43 SXO B . 0.01 -8.78 -5.53
S1 SXO B . 0.60 -7.33 -6.28
C1 SXO B . 0.85 -6.34 -4.85
O1 SXO B . 0.72 -6.73 -3.68
C2 SXO B . 1.30 -4.92 -5.15
C3 SXO B . 0.64 -3.85 -4.31
C4 SXO B . 1.18 -2.47 -4.65
C5 SXO B . 0.66 -1.39 -3.70
C6 SXO B . -0.84 -1.20 -3.79
C7 SXO B . -1.36 -0.20 -2.76
C8 SXO B . -0.72 1.16 -2.98
H28 SXO B . -2.81 -11.48 -6.64
H28A SXO B . -4.47 -10.91 -6.40
H30 SXO B . -3.42 -13.77 -9.29
H30A SXO B . -2.27 -12.99 -8.17
H30B SXO B . -3.46 -14.13 -7.53
H31 SXO B . -5.76 -13.54 -7.39
H31A SXO B . -5.86 -13.06 -9.09
H31B SXO B . -6.28 -11.91 -7.81
H32 SXO B . -2.89 -10.90 -9.15
HO33 SXO B . -5.04 -10.99 -10.64
HN36 SXO B . -3.77 -9.55 -7.23
H37 SXO B . -5.60 -7.53 -8.31
H37A SXO B . -5.80 -8.15 -6.67
H38 SXO B . -4.61 -6.00 -6.70
H38A SXO B . -3.37 -6.70 -7.73
HN41 SXO B . -1.95 -8.19 -6.87
H42 SXO B . -1.19 -7.75 -4.18
H42A SXO B . -1.67 -9.39 -4.40
H43 SXO B . 0.70 -9.12 -4.77
H43A SXO B . -0.13 -9.53 -6.30
H2 SXO B . 1.16 -4.71 -6.20
H2A SXO B . 2.37 -4.88 -4.96
H3 SXO B . -0.42 -3.88 -4.50
H3A SXO B . 0.83 -4.06 -3.26
H4 SXO B . 0.88 -2.22 -5.66
H4A SXO B . 2.25 -2.49 -4.59
H5 SXO B . 0.91 -1.68 -2.68
H5A SXO B . 1.15 -0.46 -3.94
H6 SXO B . -1.32 -2.15 -3.64
H6A SXO B . -1.08 -0.83 -4.78
H7 SXO B . -1.11 -0.54 -1.77
H7A SXO B . -2.43 -0.10 -2.86
H8 SXO B . -0.97 1.52 -3.97
H8A SXO B . 0.35 1.07 -2.88
H8B SXO B . -1.09 1.85 -2.24
N ALA A 1 1.62 14.08 -2.58
CA ALA A 1 2.84 13.31 -2.50
C ALA A 1 3.17 13.04 -1.04
N ALA A 2 3.09 11.79 -0.66
CA ALA A 2 3.37 11.38 0.69
C ALA A 2 4.71 10.70 0.71
N THR A 3 5.46 10.86 1.74
CA THR A 3 6.76 10.26 1.73
C THR A 3 6.69 8.86 2.38
N GLN A 4 7.73 8.03 2.24
CA GLN A 4 7.70 6.60 2.65
C GLN A 4 7.06 6.32 4.02
N GLU A 5 7.49 7.03 5.05
CA GLU A 5 6.95 6.81 6.42
C GLU A 5 5.45 7.16 6.49
N GLU A 6 5.07 8.09 5.64
CA GLU A 6 3.72 8.58 5.58
C GLU A 6 2.91 7.66 4.66
N ILE A 7 3.59 7.08 3.68
CA ILE A 7 3.01 6.11 2.77
C ILE A 7 2.58 4.90 3.59
N VAL A 8 3.56 4.28 4.23
CA VAL A 8 3.37 3.06 5.04
C VAL A 8 2.23 3.25 6.06
N ALA A 9 2.31 4.34 6.83
CA ALA A 9 1.30 4.66 7.84
C ALA A 9 -0.09 4.74 7.22
N GLY A 10 -0.17 5.38 6.06
CA GLY A 10 -1.43 5.55 5.39
C GLY A 10 -1.93 4.25 4.83
N LEU A 11 -1.02 3.47 4.25
CA LEU A 11 -1.34 2.16 3.67
C LEU A 11 -2.05 1.29 4.69
N ALA A 12 -1.47 1.24 5.87
CA ALA A 12 -1.99 0.42 6.94
C ALA A 12 -3.37 0.87 7.39
N GLU A 13 -3.73 2.12 7.15
CA GLU A 13 -5.05 2.62 7.51
C GLU A 13 -6.11 1.90 6.72
N ILE A 14 -5.92 1.83 5.41
CA ILE A 14 -6.87 1.16 4.57
C ILE A 14 -6.75 -0.35 4.81
N VAL A 15 -5.52 -0.83 4.90
CA VAL A 15 -5.27 -2.26 5.10
C VAL A 15 -5.91 -2.79 6.40
N ASN A 16 -5.83 -2.01 7.47
CA ASN A 16 -6.44 -2.40 8.76
C ASN A 16 -7.95 -2.44 8.61
N GLU A 17 -8.49 -1.48 7.91
CA GLU A 17 -9.93 -1.41 7.70
C GLU A 17 -10.41 -2.58 6.82
N ILE A 18 -9.69 -2.82 5.76
CA ILE A 18 -10.05 -3.84 4.78
C ILE A 18 -9.84 -5.25 5.32
N ALA A 19 -8.65 -5.54 5.81
CA ALA A 19 -8.33 -6.89 6.20
C ALA A 19 -8.06 -7.01 7.69
N GLY A 20 -7.46 -6.00 8.26
CA GLY A 20 -7.17 -6.05 9.67
C GLY A 20 -5.75 -6.42 9.94
N ILE A 21 -4.93 -5.42 10.12
CA ILE A 21 -3.53 -5.60 10.48
C ILE A 21 -3.19 -4.70 11.64
N PRO A 22 -2.12 -4.97 12.35
CA PRO A 22 -1.63 -4.08 13.38
C PRO A 22 -0.95 -2.83 12.75
N VAL A 23 -1.14 -1.67 13.36
CA VAL A 23 -0.68 -0.39 12.81
C VAL A 23 0.81 -0.14 13.05
N GLU A 24 1.47 -1.13 13.55
CA GLU A 24 2.90 -1.08 13.78
C GLU A 24 3.53 -2.30 13.19
N ASP A 25 2.75 -3.06 12.44
CA ASP A 25 3.24 -4.30 11.89
C ASP A 25 3.81 -4.09 10.51
N VAL A 26 3.23 -3.18 9.81
CA VAL A 26 3.57 -2.92 8.43
C VAL A 26 4.88 -2.13 8.31
N LYS A 27 5.97 -2.84 8.26
CA LYS A 27 7.22 -2.26 7.86
C LYS A 27 7.38 -2.50 6.37
N LEU A 28 8.52 -2.17 5.79
CA LEU A 28 8.70 -2.27 4.34
C LEU A 28 8.72 -3.72 3.86
N ASP A 29 9.22 -4.59 4.71
CA ASP A 29 9.40 -6.03 4.41
C ASP A 29 8.07 -6.81 4.60
N LYS A 30 6.98 -6.17 4.25
CA LYS A 30 5.65 -6.74 4.36
C LYS A 30 4.97 -6.74 2.99
N SER A 31 4.60 -7.90 2.55
CA SER A 31 3.89 -8.09 1.30
C SER A 31 2.43 -8.38 1.61
N PHE A 32 1.56 -7.84 0.78
CA PHE A 32 0.12 -7.78 1.04
C PHE A 32 -0.53 -9.14 1.28
N THR A 33 -0.21 -10.10 0.50
CA THR A 33 -0.80 -11.39 0.67
C THR A 33 0.27 -12.46 0.91
N ASP A 34 1.24 -12.09 1.68
CA ASP A 34 2.26 -13.02 2.08
C ASP A 34 2.53 -12.83 3.53
N ASP A 35 2.96 -11.63 3.84
CA ASP A 35 3.27 -11.24 5.20
C ASP A 35 2.04 -10.72 5.85
N LEU A 36 1.24 -10.04 5.06
CA LEU A 36 0.06 -9.39 5.56
C LEU A 36 -1.14 -10.31 5.43
N ASP A 37 -2.14 -10.07 6.24
CA ASP A 37 -3.35 -10.90 6.28
C ASP A 37 -4.41 -10.28 5.36
N VAL A 38 -3.97 -9.81 4.23
CA VAL A 38 -4.81 -9.11 3.31
C VAL A 38 -5.27 -10.02 2.20
N ASP A 39 -6.57 -10.26 2.15
CA ASP A 39 -7.18 -10.91 0.99
C ASP A 39 -6.84 -10.05 -0.20
N SER A 40 -6.13 -10.58 -1.15
CA SER A 40 -5.62 -9.76 -2.20
C SER A 40 -6.63 -9.15 -3.17
N LEU A 41 -7.76 -9.78 -3.43
CA LEU A 41 -8.79 -9.09 -4.24
C LEU A 41 -9.33 -7.86 -3.52
N SER A 42 -9.20 -7.88 -2.21
CA SER A 42 -9.63 -6.81 -1.37
C SER A 42 -8.55 -5.71 -1.28
N MET A 43 -7.33 -6.03 -1.72
CA MET A 43 -6.22 -5.07 -1.70
C MET A 43 -6.48 -4.04 -2.78
N VAL A 44 -7.25 -4.43 -3.76
CA VAL A 44 -7.63 -3.54 -4.85
C VAL A 44 -8.44 -2.34 -4.30
N GLU A 45 -9.12 -2.57 -3.20
CA GLU A 45 -9.91 -1.54 -2.54
C GLU A 45 -8.96 -0.58 -1.81
N VAL A 46 -7.79 -1.12 -1.47
CA VAL A 46 -6.76 -0.38 -0.79
C VAL A 46 -6.06 0.53 -1.79
N VAL A 47 -5.46 -0.08 -2.82
CA VAL A 47 -4.69 0.65 -3.83
C VAL A 47 -5.49 1.83 -4.47
N VAL A 48 -6.77 1.61 -4.78
CA VAL A 48 -7.57 2.65 -5.41
C VAL A 48 -7.84 3.83 -4.44
N ALA A 49 -7.82 3.54 -3.15
CA ALA A 49 -8.01 4.55 -2.13
C ALA A 49 -6.68 5.21 -1.79
N ALA A 50 -5.62 4.46 -2.01
CA ALA A 50 -4.29 4.94 -1.73
C ALA A 50 -3.88 6.01 -2.73
N GLU A 51 -4.31 5.85 -3.98
CA GLU A 51 -4.01 6.81 -5.03
C GLU A 51 -4.35 8.25 -4.62
N GLU A 52 -5.60 8.44 -4.25
CA GLU A 52 -6.10 9.75 -3.85
C GLU A 52 -5.48 10.26 -2.55
N ARG A 53 -5.30 9.36 -1.59
CA ARG A 53 -4.81 9.76 -0.26
C ARG A 53 -3.35 10.17 -0.28
N PHE A 54 -2.52 9.48 -1.05
CA PHE A 54 -1.09 9.78 -1.07
C PHE A 54 -0.73 10.73 -2.20
N ASP A 55 -1.69 10.94 -3.10
CA ASP A 55 -1.54 11.77 -4.29
C ASP A 55 -0.61 11.12 -5.29
N VAL A 56 -1.09 10.05 -5.84
CA VAL A 56 -0.37 9.26 -6.80
C VAL A 56 -1.41 8.52 -7.64
N LYS A 57 -1.03 8.01 -8.76
CA LYS A 57 -1.90 7.16 -9.52
C LYS A 57 -1.19 5.92 -9.89
N ILE A 58 -1.84 4.81 -9.66
CA ILE A 58 -1.26 3.53 -9.89
C ILE A 58 -2.17 2.73 -10.82
N PRO A 59 -1.76 2.59 -12.08
CA PRO A 59 -2.52 1.84 -13.08
C PRO A 59 -2.49 0.33 -12.83
N ASP A 60 -3.50 -0.36 -13.37
CA ASP A 60 -3.72 -1.83 -13.24
C ASP A 60 -2.42 -2.62 -13.46
N ASP A 61 -1.68 -2.23 -14.47
CA ASP A 61 -0.42 -2.92 -14.84
C ASP A 61 0.65 -2.76 -13.78
N ASP A 62 0.60 -1.68 -13.04
CA ASP A 62 1.56 -1.43 -11.98
C ASP A 62 1.12 -2.08 -10.71
N VAL A 63 -0.19 -2.04 -10.46
CA VAL A 63 -0.81 -2.66 -9.28
C VAL A 63 -0.38 -4.13 -9.20
N LYS A 64 -0.59 -4.84 -10.29
CA LYS A 64 -0.28 -6.27 -10.37
C LYS A 64 1.22 -6.57 -10.43
N ASN A 65 2.02 -5.54 -10.59
CA ASN A 65 3.46 -5.71 -10.73
C ASN A 65 4.18 -5.62 -9.38
N LEU A 66 3.65 -4.84 -8.46
CA LEU A 66 4.31 -4.62 -7.18
C LEU A 66 4.21 -5.87 -6.28
N LYS A 67 4.84 -5.84 -5.13
CA LYS A 67 4.82 -7.00 -4.26
C LYS A 67 4.70 -6.64 -2.77
N THR A 68 5.72 -6.05 -2.19
CA THR A 68 5.66 -5.66 -0.81
C THR A 68 5.21 -4.22 -0.71
N VAL A 69 5.08 -3.72 0.49
CA VAL A 69 4.79 -2.32 0.66
C VAL A 69 6.06 -1.52 0.40
N GLY A 70 7.20 -2.17 0.60
CA GLY A 70 8.48 -1.55 0.31
C GLY A 70 8.65 -1.40 -1.18
N ASP A 71 8.35 -2.47 -1.90
CA ASP A 71 8.45 -2.49 -3.36
C ASP A 71 7.48 -1.47 -3.96
N ALA A 72 6.41 -1.22 -3.23
CA ALA A 72 5.39 -0.30 -3.62
C ALA A 72 5.82 1.13 -3.36
N THR A 73 6.37 1.37 -2.14
CA THR A 73 6.76 2.72 -1.73
C THR A 73 7.65 3.43 -2.73
N LYS A 74 8.57 2.68 -3.35
CA LYS A 74 9.47 3.26 -4.34
C LYS A 74 8.63 3.77 -5.51
N TYR A 75 7.78 2.91 -6.07
CA TYR A 75 6.95 3.28 -7.22
C TYR A 75 6.05 4.46 -6.88
N ILE A 76 5.42 4.40 -5.72
CA ILE A 76 4.53 5.45 -5.26
C ILE A 76 5.28 6.77 -5.21
N LEU A 77 6.29 6.85 -4.35
CA LEU A 77 7.11 8.06 -4.14
C LEU A 77 7.71 8.57 -5.46
N ASP A 78 7.96 7.65 -6.36
CA ASP A 78 8.54 7.95 -7.67
C ASP A 78 7.50 8.61 -8.59
N HIS A 79 6.30 8.07 -8.58
CA HIS A 79 5.26 8.49 -9.51
C HIS A 79 4.40 9.63 -8.94
N GLN A 80 4.43 9.80 -7.61
CA GLN A 80 3.63 10.84 -6.91
C GLN A 80 3.84 12.23 -7.43
N ALA A 81 2.73 12.82 -7.83
CA ALA A 81 2.58 14.17 -8.32
C ALA A 81 1.29 14.16 -9.08
P24 SXO B . -5.29 -12.45 -4.02
O26 SXO B . -4.68 -13.76 -4.33
O23 SXO B . -6.67 -12.47 -3.50
O27 SXO B . -5.25 -11.48 -5.32
C28 SXO B . -3.96 -11.01 -5.98
C29 SXO B . -3.41 -11.90 -7.11
C30 SXO B . -3.00 -13.19 -6.52
C31 SXO B . -4.48 -12.11 -8.18
C32 SXO B . -2.08 -11.32 -7.79
O33 SXO B . -1.62 -12.21 -8.80
C34 SXO B . -2.22 -9.95 -8.44
O35 SXO B . -1.90 -9.81 -9.63
N36 SXO B . -2.64 -8.98 -7.70
C37 SXO B . -2.80 -7.61 -8.11
C38 SXO B . -3.89 -6.88 -7.30
C39 SXO B . -3.74 -6.93 -5.78
O40 SXO B . -4.60 -6.48 -5.05
N41 SXO B . -2.65 -7.50 -5.35
C42 SXO B . -2.28 -7.70 -3.94
C43 SXO B . -0.98 -8.49 -3.76
S1 SXO B . 0.41 -7.45 -3.69
C1 SXO B . 0.42 -6.82 -5.31
O1 SXO B . -0.03 -7.43 -6.32
C2 SXO B . 0.95 -5.42 -5.40
C3 SXO B . 0.13 -4.44 -4.60
C4 SXO B . 0.64 -3.02 -4.66
C5 SXO B . -0.23 -2.12 -3.81
C6 SXO B . 0.21 -0.68 -3.81
C7 SXO B . -0.71 0.13 -2.91
C8 SXO B . -0.29 1.58 -2.93
H28 SXO B . -3.21 -10.92 -5.22
H28A SXO B . -4.16 -10.04 -6.40
H30 SXO B . -2.26 -12.95 -5.78
H30A SXO B . -3.86 -13.65 -6.03
H30B SXO B . -2.60 -13.84 -7.28
H31 SXO B . -4.09 -12.74 -8.97
H31A SXO B . -4.76 -11.15 -8.56
H31B SXO B . -5.33 -12.58 -7.71
H32 SXO B . -1.34 -11.21 -7.03
HO33 SXO B . -1.48 -11.61 -9.55
HN36 SXO B . -2.83 -9.19 -6.77
H37 SXO B . -1.87 -7.09 -7.96
H37A SXO B . -3.06 -7.61 -9.15
H38 SXO B . -4.83 -7.34 -7.56
H38A SXO B . -3.88 -5.85 -7.59
HN41 SXO B . -2.03 -7.83 -6.05
H42 SXO B . -2.25 -6.77 -3.39
H42A SXO B . -3.02 -8.31 -3.47
H43 SXO B . -1.07 -8.96 -2.79
H43A SXO B . -0.88 -9.27 -4.49
H2 SXO B . 0.94 -5.11 -6.43
H2A SXO B . 1.97 -5.41 -5.04
H3 SXO B . -0.87 -4.45 -5.01
H3A SXO B . 0.10 -4.77 -3.57
H4 SXO B . 0.63 -2.68 -5.69
H4A SXO B . 1.66 -2.98 -4.28
H5 SXO B . -1.24 -2.17 -4.19
H5A SXO B . -0.21 -2.49 -2.80
H6 SXO B . 0.15 -0.29 -4.83
H6A SXO B . 1.22 -0.61 -3.45
H7 SXO B . -0.64 -0.23 -1.90
H7A SXO B . -1.72 0.07 -3.28
H8 SXO B . 0.73 1.67 -2.57
H8A SXO B . -0.94 2.15 -2.29
H8B SXO B . -0.35 1.96 -3.94
N ALA A 1 3.60 14.52 -1.74
CA ALA A 1 2.52 14.43 -0.77
C ALA A 1 2.97 13.69 0.50
N ALA A 2 3.68 12.58 0.34
CA ALA A 2 4.19 11.81 1.48
C ALA A 2 5.35 10.96 1.00
N THR A 3 6.28 10.63 1.88
CA THR A 3 7.40 9.82 1.48
C THR A 3 7.29 8.41 2.10
N GLN A 4 8.38 7.65 2.15
CA GLN A 4 8.36 6.19 2.42
C GLN A 4 7.64 5.80 3.71
N GLU A 5 8.06 6.34 4.83
CA GLU A 5 7.47 5.97 6.10
C GLU A 5 6.03 6.43 6.18
N GLU A 6 5.77 7.59 5.61
CA GLU A 6 4.44 8.14 5.57
C GLU A 6 3.54 7.32 4.66
N ILE A 7 4.11 6.74 3.61
CA ILE A 7 3.34 5.90 2.71
C ILE A 7 2.94 4.66 3.48
N VAL A 8 3.94 4.01 4.09
CA VAL A 8 3.76 2.82 4.92
C VAL A 8 2.62 3.02 5.94
N ALA A 9 2.66 4.15 6.62
CA ALA A 9 1.66 4.49 7.62
C ALA A 9 0.27 4.59 6.99
N GLY A 10 0.20 5.25 5.85
CA GLY A 10 -1.05 5.46 5.17
C GLY A 10 -1.62 4.17 4.61
N LEU A 11 -0.73 3.32 4.12
CA LEU A 11 -1.10 2.02 3.58
C LEU A 11 -1.83 1.21 4.63
N ALA A 12 -1.28 1.21 5.82
CA ALA A 12 -1.86 0.46 6.89
C ALA A 12 -3.15 1.10 7.37
N GLU A 13 -3.31 2.40 7.17
CA GLU A 13 -4.56 3.06 7.52
C GLU A 13 -5.71 2.48 6.74
N ILE A 14 -5.53 2.32 5.45
CA ILE A 14 -6.57 1.73 4.65
C ILE A 14 -6.64 0.22 4.92
N VAL A 15 -5.48 -0.44 4.98
CA VAL A 15 -5.48 -1.87 5.23
C VAL A 15 -6.06 -2.24 6.64
N ASN A 16 -6.03 -1.30 7.58
CA ASN A 16 -6.62 -1.51 8.91
C ASN A 16 -8.13 -1.55 8.84
N GLU A 17 -8.73 -0.70 8.01
CA GLU A 17 -10.17 -0.70 7.88
C GLU A 17 -10.64 -1.83 6.98
N ILE A 18 -9.80 -2.23 6.04
CA ILE A 18 -10.14 -3.31 5.13
C ILE A 18 -9.88 -4.70 5.76
N ALA A 19 -8.69 -4.93 6.25
CA ALA A 19 -8.33 -6.27 6.74
C ALA A 19 -8.24 -6.36 8.25
N GLY A 20 -8.12 -5.23 8.92
CA GLY A 20 -8.07 -5.22 10.37
C GLY A 20 -6.68 -5.44 10.93
N ILE A 21 -5.67 -5.12 10.16
CA ILE A 21 -4.29 -5.31 10.61
C ILE A 21 -3.83 -4.18 11.53
N PRO A 22 -2.85 -4.44 12.39
CA PRO A 22 -2.22 -3.39 13.19
C PRO A 22 -1.48 -2.43 12.27
N VAL A 23 -1.41 -1.16 12.63
CA VAL A 23 -0.78 -0.20 11.76
C VAL A 23 0.75 -0.39 11.71
N GLU A 24 1.26 -1.13 12.68
CA GLU A 24 2.67 -1.46 12.72
C GLU A 24 2.96 -2.74 11.93
N ASP A 25 1.91 -3.38 11.46
CA ASP A 25 2.06 -4.67 10.79
C ASP A 25 2.50 -4.49 9.35
N VAL A 26 1.90 -3.54 8.68
CA VAL A 26 2.24 -3.22 7.29
C VAL A 26 3.47 -2.34 7.26
N LYS A 27 4.62 -2.97 7.15
CA LYS A 27 5.89 -2.29 7.08
C LYS A 27 6.65 -2.72 5.84
N LEU A 28 7.82 -2.12 5.62
CA LEU A 28 8.60 -2.31 4.39
C LEU A 28 8.90 -3.77 4.09
N ASP A 29 9.11 -4.54 5.13
CA ASP A 29 9.50 -5.95 5.05
C ASP A 29 8.33 -6.87 4.70
N LYS A 30 7.15 -6.31 4.62
CA LYS A 30 5.96 -7.09 4.37
C LYS A 30 5.51 -6.98 2.92
N SER A 31 5.03 -8.05 2.37
CA SER A 31 4.35 -8.06 1.10
C SER A 31 2.86 -8.33 1.37
N PHE A 32 1.98 -7.80 0.54
CA PHE A 32 0.55 -7.76 0.81
C PHE A 32 -0.11 -9.10 0.98
N THR A 33 0.08 -10.00 0.08
CA THR A 33 -0.50 -11.30 0.27
C THR A 33 0.58 -12.37 0.35
N ASP A 34 1.61 -12.05 1.12
CA ASP A 34 2.71 -12.97 1.41
C ASP A 34 3.03 -12.90 2.87
N ASP A 35 3.14 -11.68 3.36
CA ASP A 35 3.46 -11.45 4.75
C ASP A 35 2.28 -10.95 5.48
N LEU A 36 1.46 -10.21 4.79
CA LEU A 36 0.26 -9.70 5.38
C LEU A 36 -0.83 -10.73 5.17
N ASP A 37 -1.83 -10.69 6.00
CA ASP A 37 -2.95 -11.65 5.91
C ASP A 37 -4.07 -11.05 5.06
N VAL A 38 -3.67 -10.06 4.33
CA VAL A 38 -4.54 -9.32 3.48
C VAL A 38 -4.55 -10.00 2.13
N ASP A 39 -5.59 -10.76 1.86
CA ASP A 39 -5.74 -11.43 0.58
C ASP A 39 -5.71 -10.40 -0.54
N SER A 40 -5.22 -10.80 -1.69
CA SER A 40 -5.02 -9.92 -2.81
C SER A 40 -6.33 -9.30 -3.28
N LEU A 41 -7.39 -10.07 -3.31
CA LEU A 41 -8.68 -9.54 -3.77
C LEU A 41 -9.19 -8.46 -2.81
N SER A 42 -8.71 -8.53 -1.59
CA SER A 42 -9.05 -7.59 -0.56
C SER A 42 -8.18 -6.31 -0.68
N MET A 43 -6.96 -6.47 -1.19
CA MET A 43 -6.02 -5.35 -1.34
C MET A 43 -6.52 -4.42 -2.44
N VAL A 44 -7.33 -4.97 -3.31
CA VAL A 44 -7.93 -4.22 -4.43
C VAL A 44 -8.75 -3.02 -3.89
N GLU A 45 -9.32 -3.18 -2.70
CA GLU A 45 -10.10 -2.12 -2.06
C GLU A 45 -9.15 -1.05 -1.52
N VAL A 46 -7.97 -1.48 -1.16
CA VAL A 46 -6.94 -0.65 -0.59
C VAL A 46 -6.30 0.21 -1.66
N VAL A 47 -5.74 -0.42 -2.68
CA VAL A 47 -5.00 0.28 -3.74
C VAL A 47 -5.80 1.44 -4.38
N VAL A 48 -7.09 1.23 -4.64
CA VAL A 48 -7.91 2.28 -5.26
C VAL A 48 -8.14 3.46 -4.29
N ALA A 49 -8.02 3.19 -3.01
CA ALA A 49 -8.17 4.22 -2.00
C ALA A 49 -6.82 4.90 -1.79
N ALA A 50 -5.76 4.15 -2.01
CA ALA A 50 -4.42 4.65 -1.85
C ALA A 50 -4.05 5.64 -2.94
N GLU A 51 -4.67 5.48 -4.12
CA GLU A 51 -4.47 6.39 -5.26
C GLU A 51 -4.70 7.83 -4.84
N GLU A 52 -5.84 8.05 -4.23
CA GLU A 52 -6.23 9.37 -3.78
C GLU A 52 -5.55 9.73 -2.47
N ARG A 53 -5.30 8.73 -1.64
CA ARG A 53 -4.71 8.92 -0.32
C ARG A 53 -3.31 9.51 -0.42
N PHE A 54 -2.51 8.96 -1.32
CA PHE A 54 -1.13 9.41 -1.43
C PHE A 54 -0.92 10.29 -2.64
N ASP A 55 -2.02 10.64 -3.33
CA ASP A 55 -1.98 11.54 -4.51
C ASP A 55 -1.17 10.90 -5.67
N VAL A 56 -1.33 9.61 -5.79
CA VAL A 56 -0.59 8.84 -6.75
C VAL A 56 -1.51 7.92 -7.54
N LYS A 57 -1.77 8.31 -8.75
CA LYS A 57 -2.57 7.51 -9.65
C LYS A 57 -1.76 6.31 -10.09
N ILE A 58 -1.94 5.22 -9.38
CA ILE A 58 -1.25 3.99 -9.65
C ILE A 58 -2.03 3.18 -10.66
N PRO A 59 -1.50 3.00 -11.87
CA PRO A 59 -2.15 2.23 -12.91
C PRO A 59 -2.29 0.77 -12.51
N ASP A 60 -3.36 0.14 -12.95
CA ASP A 60 -3.66 -1.27 -12.63
C ASP A 60 -2.49 -2.18 -13.00
N ASP A 61 -1.78 -1.80 -14.06
CA ASP A 61 -0.60 -2.53 -14.52
C ASP A 61 0.49 -2.51 -13.47
N ASP A 62 0.72 -1.33 -12.88
CA ASP A 62 1.76 -1.15 -11.87
C ASP A 62 1.39 -1.82 -10.56
N VAL A 63 0.10 -1.90 -10.29
CA VAL A 63 -0.39 -2.58 -9.08
C VAL A 63 0.04 -4.04 -9.13
N LYS A 64 -0.07 -4.62 -10.30
CA LYS A 64 0.31 -6.01 -10.52
C LYS A 64 1.82 -6.17 -10.57
N ASN A 65 2.53 -5.07 -10.70
CA ASN A 65 3.97 -5.10 -10.78
C ASN A 65 4.58 -4.99 -9.38
N LEU A 66 3.84 -4.41 -8.47
CA LEU A 66 4.32 -4.22 -7.11
C LEU A 66 4.25 -5.52 -6.33
N LYS A 67 4.86 -5.53 -5.17
CA LYS A 67 4.91 -6.73 -4.36
C LYS A 67 4.93 -6.41 -2.86
N THR A 68 6.05 -5.97 -2.35
CA THR A 68 6.15 -5.66 -0.96
C THR A 68 5.67 -4.25 -0.70
N VAL A 69 5.63 -3.87 0.56
CA VAL A 69 5.34 -2.55 0.95
C VAL A 69 6.56 -1.70 0.57
N GLY A 70 7.74 -2.29 0.73
CA GLY A 70 8.97 -1.62 0.37
C GLY A 70 9.07 -1.31 -1.11
N ASP A 71 8.57 -2.21 -1.93
CA ASP A 71 8.59 -2.00 -3.38
C ASP A 71 7.51 -1.02 -3.78
N ALA A 72 6.36 -1.12 -3.10
CA ALA A 72 5.21 -0.29 -3.40
C ALA A 72 5.49 1.16 -3.09
N THR A 73 5.93 1.42 -1.86
CA THR A 73 6.23 2.75 -1.37
C THR A 73 7.14 3.51 -2.34
N LYS A 74 8.26 2.88 -2.68
CA LYS A 74 9.28 3.39 -3.57
C LYS A 74 8.68 3.90 -4.88
N TYR A 75 7.71 3.16 -5.42
CA TYR A 75 7.02 3.58 -6.63
C TYR A 75 6.02 4.69 -6.34
N ILE A 76 5.21 4.50 -5.31
CA ILE A 76 4.17 5.44 -4.89
C ILE A 76 4.73 6.85 -4.74
N LEU A 77 5.73 6.99 -3.91
CA LEU A 77 6.33 8.30 -3.64
C LEU A 77 7.01 8.90 -4.84
N ASP A 78 7.35 8.07 -5.79
CA ASP A 78 8.04 8.55 -6.97
C ASP A 78 7.05 8.97 -8.05
N HIS A 79 5.88 8.35 -8.06
CA HIS A 79 4.87 8.62 -9.09
C HIS A 79 3.87 9.70 -8.62
N GLN A 80 3.97 10.09 -7.36
CA GLN A 80 3.12 11.16 -6.84
C GLN A 80 3.84 12.50 -6.98
N ALA A 81 3.27 13.54 -6.44
CA ALA A 81 3.89 14.82 -6.43
C ALA A 81 4.11 15.24 -4.99
P24 SXO B . -4.36 -13.04 -5.03
O26 SXO B . -2.91 -13.08 -4.76
O23 SXO B . -5.16 -14.29 -4.83
O27 SXO B . -4.57 -12.66 -6.52
C28 SXO B . -3.91 -11.48 -7.09
C29 SXO B . -4.26 -11.30 -8.53
C30 SXO B . -3.19 -10.44 -9.18
C31 SXO B . -4.30 -12.65 -9.23
C32 SXO B . -5.71 -10.66 -8.62
O33 SXO B . -6.70 -11.56 -8.11
C34 SXO B . -5.84 -9.38 -7.82
O35 SXO B . -6.56 -9.36 -6.82
N36 SXO B . -5.18 -8.33 -8.25
C37 SXO B . -5.17 -7.02 -7.64
C38 SXO B . -3.77 -6.65 -7.19
C39 SXO B . -3.36 -7.26 -5.85
O40 SXO B . -4.12 -7.23 -4.88
N41 SXO B . -2.17 -7.78 -5.81
C42 SXO B . -1.59 -8.41 -4.64
C43 SXO B . -0.46 -9.33 -5.05
S1 SXO B . 0.84 -8.37 -5.64
C1 SXO B . 1.17 -7.48 -4.16
O1 SXO B . 1.12 -7.98 -3.01
C2 SXO B . 1.49 -6.02 -4.38
C3 SXO B . 0.51 -5.10 -3.71
C4 SXO B . 0.85 -3.63 -3.98
C5 SXO B . -0.10 -2.73 -3.24
C6 SXO B . 0.14 -1.26 -3.53
C7 SXO B . -0.88 -0.41 -2.79
C8 SXO B . -0.66 1.04 -3.12
H28 SXO B . -2.84 -11.47 -6.90
H28A SXO B . -4.41 -10.60 -6.70
H30 SXO B . -3.09 -9.51 -8.65
H30A SXO B . -2.24 -10.96 -9.15
H30B SXO B . -3.45 -10.24 -10.20
H31 SXO B . -3.33 -13.13 -9.16
H31A SXO B . -4.57 -12.50 -10.27
H31B SXO B . -5.05 -13.26 -8.75
H32 SXO B . -5.88 -10.40 -9.65
HO33 SXO B . -7.01 -11.03 -7.35
HN36 SXO B . -4.65 -8.42 -9.06
H37 SXO B . -5.47 -6.32 -8.41
H37A SXO B . -5.86 -7.04 -6.82
H38 SXO B . -3.76 -5.57 -7.07
H38A SXO B . -3.04 -6.87 -7.97
HN41 SXO B . -1.64 -7.76 -6.63
H42 SXO B . -1.19 -7.67 -3.97
H42A SXO B . -2.29 -8.99 -4.07
H43 SXO B . -0.16 -9.90 -4.18
H43A SXO B . -0.83 -9.99 -5.82
H2 SXO B . 1.48 -5.83 -5.46
H2A SXO B . 2.48 -5.83 -4.00
H3 SXO B . -0.48 -5.29 -4.10
H3A SXO B . 0.53 -5.28 -2.65
H4 SXO B . 0.79 -3.43 -5.04
H4A SXO B . 1.85 -3.45 -3.63
H5 SXO B . -1.11 -2.97 -3.54
H5A SXO B . 0.00 -2.91 -2.18
H6 SXO B . 0.03 -1.09 -4.59
H6A SXO B . 1.13 -1.00 -3.21
H7 SXO B . -0.76 -0.54 -1.72
H7A SXO B . -1.88 -0.70 -3.08
H8 SXO B . 0.33 1.33 -2.82
H8A SXO B . -1.39 1.64 -2.59
H8B SXO B . -0.79 1.19 -4.18
N ALA A 1 6.30 15.87 0.70
CA ALA A 1 5.74 14.68 0.09
C ALA A 1 5.82 13.57 1.09
N ALA A 2 4.94 12.60 0.95
CA ALA A 2 4.91 11.49 1.86
C ALA A 2 5.93 10.43 1.45
N THR A 3 6.85 10.14 2.31
CA THR A 3 7.89 9.20 2.03
C THR A 3 7.47 7.78 2.50
N GLN A 4 8.41 6.83 2.60
CA GLN A 4 8.04 5.43 2.84
C GLN A 4 7.29 5.18 4.13
N GLU A 5 7.67 5.84 5.21
CA GLU A 5 6.99 5.67 6.48
C GLU A 5 5.60 6.23 6.39
N GLU A 6 5.52 7.42 5.81
CA GLU A 6 4.28 8.13 5.63
C GLU A 6 3.35 7.38 4.68
N ILE A 7 3.93 6.77 3.68
CA ILE A 7 3.18 6.02 2.72
C ILE A 7 2.67 4.71 3.36
N VAL A 8 3.57 3.93 3.96
CA VAL A 8 3.19 2.65 4.57
C VAL A 8 2.15 2.83 5.70
N ALA A 9 2.27 3.91 6.46
CA ALA A 9 1.31 4.22 7.52
C ALA A 9 -0.08 4.46 6.92
N GLY A 10 -0.09 5.04 5.73
CA GLY A 10 -1.34 5.25 5.03
C GLY A 10 -1.83 3.97 4.40
N LEU A 11 -0.90 3.16 3.90
CA LEU A 11 -1.23 1.86 3.33
C LEU A 11 -1.93 1.00 4.35
N ALA A 12 -1.32 0.90 5.51
CA ALA A 12 -1.83 0.09 6.58
C ALA A 12 -3.12 0.66 7.15
N GLU A 13 -3.39 1.93 6.90
CA GLU A 13 -4.59 2.57 7.33
C GLU A 13 -5.77 1.95 6.60
N ILE A 14 -5.70 1.90 5.27
CA ILE A 14 -6.77 1.29 4.52
C ILE A 14 -6.72 -0.24 4.71
N VAL A 15 -5.52 -0.80 4.81
CA VAL A 15 -5.38 -2.24 5.02
C VAL A 15 -5.91 -2.66 6.43
N ASN A 16 -5.94 -1.75 7.35
CA ASN A 16 -6.51 -2.01 8.69
C ASN A 16 -8.03 -2.11 8.59
N GLU A 17 -8.59 -1.41 7.65
CA GLU A 17 -10.01 -1.43 7.42
C GLU A 17 -10.38 -2.67 6.60
N ILE A 18 -9.56 -2.99 5.64
CA ILE A 18 -9.81 -4.12 4.75
C ILE A 18 -9.43 -5.45 5.42
N ALA A 19 -8.24 -5.54 5.91
CA ALA A 19 -7.75 -6.77 6.50
C ALA A 19 -7.82 -6.71 8.01
N GLY A 20 -7.32 -5.64 8.59
CA GLY A 20 -7.40 -5.51 10.04
C GLY A 20 -6.06 -5.48 10.72
N ILE A 21 -4.99 -5.51 9.96
CA ILE A 21 -3.64 -5.47 10.53
C ILE A 21 -3.35 -4.13 11.24
N PRO A 22 -2.57 -4.16 12.30
CA PRO A 22 -2.19 -2.95 13.01
C PRO A 22 -1.24 -2.13 12.15
N VAL A 23 -1.48 -0.84 12.10
CA VAL A 23 -0.67 0.05 11.28
C VAL A 23 0.78 0.09 11.78
N GLU A 24 0.93 -0.14 13.08
CA GLU A 24 2.21 -0.14 13.75
C GLU A 24 3.00 -1.41 13.42
N ASP A 25 2.33 -2.38 12.87
CA ASP A 25 2.93 -3.66 12.62
C ASP A 25 3.49 -3.71 11.21
N VAL A 26 3.01 -2.84 10.37
CA VAL A 26 3.40 -2.84 8.98
C VAL A 26 4.58 -1.88 8.74
N LYS A 27 5.77 -2.44 8.76
CA LYS A 27 6.97 -1.71 8.39
C LYS A 27 7.22 -2.00 6.91
N LEU A 28 8.38 -1.61 6.38
CA LEU A 28 8.70 -1.81 4.95
C LEU A 28 8.98 -3.29 4.61
N ASP A 29 9.15 -4.10 5.63
CA ASP A 29 9.49 -5.52 5.46
C ASP A 29 8.23 -6.37 5.36
N LYS A 30 7.14 -5.73 5.07
CA LYS A 30 5.87 -6.38 4.94
C LYS A 30 5.49 -6.50 3.47
N SER A 31 4.51 -7.29 3.21
CA SER A 31 3.96 -7.48 1.91
C SER A 31 2.47 -7.58 2.10
N PHE A 32 1.70 -7.39 1.05
CA PHE A 32 0.29 -7.31 1.19
C PHE A 32 -0.29 -8.65 1.36
N THR A 33 0.09 -9.57 0.52
CA THR A 33 -0.46 -10.86 0.66
C THR A 33 0.58 -11.93 0.93
N ASP A 34 1.83 -11.54 0.97
CA ASP A 34 2.88 -12.49 1.29
C ASP A 34 3.15 -12.46 2.75
N ASP A 35 2.86 -11.35 3.37
CA ASP A 35 3.06 -11.25 4.79
C ASP A 35 1.74 -11.00 5.47
N LEU A 36 1.01 -10.00 5.01
CA LEU A 36 -0.25 -9.62 5.63
C LEU A 36 -1.35 -10.62 5.28
N ASP A 37 -2.44 -10.53 5.98
CA ASP A 37 -3.53 -11.52 5.86
C ASP A 37 -4.53 -11.08 4.82
N VAL A 38 -4.18 -10.06 4.07
CA VAL A 38 -5.04 -9.45 3.05
C VAL A 38 -5.57 -10.51 2.09
N ASP A 39 -6.88 -10.47 1.88
CA ASP A 39 -7.64 -11.43 1.05
C ASP A 39 -7.34 -11.28 -0.47
N SER A 40 -6.25 -10.60 -0.80
CA SER A 40 -5.80 -10.35 -2.16
C SER A 40 -6.73 -9.50 -2.99
N LEU A 41 -7.85 -10.05 -3.44
CA LEU A 41 -8.76 -9.33 -4.32
C LEU A 41 -9.30 -8.09 -3.59
N SER A 42 -9.30 -8.18 -2.30
CA SER A 42 -9.75 -7.14 -1.42
C SER A 42 -8.72 -5.98 -1.31
N MET A 43 -7.46 -6.23 -1.66
CA MET A 43 -6.41 -5.20 -1.58
C MET A 43 -6.60 -4.22 -2.71
N VAL A 44 -7.29 -4.67 -3.73
CA VAL A 44 -7.59 -3.83 -4.88
C VAL A 44 -8.44 -2.60 -4.43
N GLU A 45 -9.19 -2.79 -3.33
CA GLU A 45 -9.96 -1.69 -2.75
C GLU A 45 -9.07 -0.79 -1.89
N VAL A 46 -7.92 -1.31 -1.52
CA VAL A 46 -6.93 -0.55 -0.76
C VAL A 46 -6.22 0.37 -1.73
N VAL A 47 -5.61 -0.22 -2.75
CA VAL A 47 -4.83 0.54 -3.71
C VAL A 47 -5.63 1.66 -4.43
N VAL A 48 -6.93 1.44 -4.68
CA VAL A 48 -7.75 2.50 -5.30
C VAL A 48 -7.91 3.69 -4.33
N ALA A 49 -7.90 3.39 -3.04
CA ALA A 49 -8.01 4.41 -2.03
C ALA A 49 -6.63 5.01 -1.78
N ALA A 50 -5.61 4.24 -2.08
CA ALA A 50 -4.24 4.66 -1.91
C ALA A 50 -3.87 5.75 -2.88
N GLU A 51 -4.37 5.66 -4.13
CA GLU A 51 -4.10 6.67 -5.15
C GLU A 51 -4.45 8.06 -4.63
N GLU A 52 -5.66 8.19 -4.18
CA GLU A 52 -6.16 9.45 -3.67
C GLU A 52 -5.55 9.80 -2.31
N ARG A 53 -5.26 8.79 -1.53
CA ARG A 53 -4.74 8.95 -0.18
C ARG A 53 -3.35 9.57 -0.22
N PHE A 54 -2.55 9.13 -1.17
CA PHE A 54 -1.19 9.62 -1.27
C PHE A 54 -1.04 10.60 -2.40
N ASP A 55 -2.18 10.85 -3.07
CA ASP A 55 -2.30 11.80 -4.19
C ASP A 55 -1.39 11.38 -5.37
N VAL A 56 -1.25 10.09 -5.53
CA VAL A 56 -0.42 9.51 -6.56
C VAL A 56 -1.15 8.31 -7.18
N LYS A 57 -1.57 8.49 -8.40
CA LYS A 57 -2.32 7.48 -9.10
C LYS A 57 -1.48 6.32 -9.54
N ILE A 58 -2.07 5.15 -9.47
CA ILE A 58 -1.41 3.92 -9.75
C ILE A 58 -2.29 3.08 -10.68
N PRO A 59 -1.99 3.08 -12.00
CA PRO A 59 -2.74 2.29 -12.99
C PRO A 59 -2.77 0.81 -12.64
N ASP A 60 -3.94 0.20 -12.81
CA ASP A 60 -4.24 -1.19 -12.45
C ASP A 60 -3.19 -2.17 -12.94
N ASP A 61 -2.74 -1.96 -14.16
CA ASP A 61 -1.69 -2.78 -14.77
C ASP A 61 -0.40 -2.75 -13.97
N ASP A 62 -0.02 -1.56 -13.53
CA ASP A 62 1.26 -1.41 -12.86
C ASP A 62 1.14 -1.70 -11.37
N VAL A 63 -0.09 -1.64 -10.85
CA VAL A 63 -0.39 -2.01 -9.45
C VAL A 63 0.14 -3.40 -9.19
N LYS A 64 -0.32 -4.34 -9.99
CA LYS A 64 -0.04 -5.75 -9.81
C LYS A 64 1.39 -6.12 -10.15
N ASN A 65 2.14 -5.14 -10.58
CA ASN A 65 3.56 -5.30 -10.86
C ASN A 65 4.34 -5.16 -9.56
N LEU A 66 3.68 -4.63 -8.53
CA LEU A 66 4.31 -4.43 -7.24
C LEU A 66 4.15 -5.69 -6.40
N LYS A 67 4.70 -5.71 -5.22
CA LYS A 67 4.61 -6.91 -4.40
C LYS A 67 4.61 -6.62 -2.88
N THR A 68 5.72 -6.18 -2.34
CA THR A 68 5.79 -5.93 -0.92
C THR A 68 5.37 -4.49 -0.65
N VAL A 69 5.40 -4.07 0.59
CA VAL A 69 5.10 -2.68 0.88
C VAL A 69 6.36 -1.85 0.68
N GLY A 70 7.48 -2.55 0.58
CA GLY A 70 8.74 -1.91 0.29
C GLY A 70 8.89 -1.70 -1.20
N ASP A 71 8.28 -2.59 -1.96
CA ASP A 71 8.29 -2.45 -3.41
C ASP A 71 7.19 -1.50 -3.85
N ALA A 72 6.07 -1.52 -3.15
CA ALA A 72 4.94 -0.66 -3.46
C ALA A 72 5.28 0.80 -3.28
N THR A 73 6.15 1.06 -2.32
CA THR A 73 6.55 2.38 -2.04
C THR A 73 7.49 2.95 -3.11
N LYS A 74 8.14 2.06 -3.87
CA LYS A 74 9.07 2.45 -4.92
C LYS A 74 8.37 3.28 -5.99
N TYR A 75 7.23 2.77 -6.48
CA TYR A 75 6.45 3.46 -7.51
C TYR A 75 5.94 4.81 -7.00
N ILE A 76 5.52 4.80 -5.76
CA ILE A 76 4.99 5.97 -5.12
C ILE A 76 6.07 7.02 -4.93
N LEU A 77 7.06 6.70 -4.12
CA LEU A 77 8.22 7.55 -3.82
C LEU A 77 8.96 8.00 -5.08
N ASP A 78 8.80 7.26 -6.15
CA ASP A 78 9.37 7.66 -7.43
C ASP A 78 8.74 8.96 -7.94
N HIS A 79 7.41 9.03 -7.87
CA HIS A 79 6.70 10.21 -8.36
C HIS A 79 6.33 11.15 -7.21
N GLN A 80 5.53 10.61 -6.28
CA GLN A 80 5.01 11.30 -5.08
C GLN A 80 4.11 12.49 -5.42
N ALA A 81 3.52 13.04 -4.40
CA ALA A 81 2.69 14.20 -4.53
C ALA A 81 3.35 15.35 -3.80
P24 SXO B . -3.30 -13.15 -3.20
O26 SXO B . -1.83 -12.87 -3.24
O23 SXO B . -3.76 -14.36 -2.45
O27 SXO B . -3.84 -13.25 -4.69
C28 SXO B . -3.62 -12.12 -5.66
C29 SXO B . -4.22 -12.47 -7.04
C30 SXO B . -3.41 -13.59 -7.56
C31 SXO B . -5.67 -12.90 -6.89
C32 SXO B . -4.13 -11.29 -8.10
O33 SXO B . -4.69 -11.71 -9.34
C34 SXO B . -4.94 -10.08 -7.69
O35 SXO B . -5.92 -9.74 -8.36
N36 SXO B . -4.56 -9.45 -6.64
C37 SXO B . -5.20 -8.29 -6.11
C38 SXO B . -4.21 -7.31 -5.51
C39 SXO B . -3.34 -7.94 -4.46
O40 SXO B . -3.64 -7.95 -3.28
N41 SXO B . -2.25 -8.46 -4.92
C42 SXO B . -1.27 -9.09 -4.10
C43 SXO B . 0.01 -9.39 -4.86
S1 SXO B . 1.05 -7.99 -4.94
C1 SXO B . 0.18 -7.02 -6.10
O1 SXO B . -0.69 -7.47 -6.89
C2 SXO B . 0.58 -5.57 -6.12
C3 SXO B . 0.16 -4.82 -4.88
C4 SXO B . 0.47 -3.33 -5.04
C5 SXO B . -0.10 -2.53 -3.88
C6 SXO B . 0.20 -1.04 -4.06
C7 SXO B . -0.38 -0.22 -2.92
C8 SXO B . -0.02 1.23 -3.12
H28 SXO B . -2.56 -11.98 -5.81
H28A SXO B . -4.06 -11.22 -5.28
H30 SXO B . -3.78 -13.87 -8.53
H30A SXO B . -2.41 -13.21 -7.62
H30B SXO B . -3.48 -14.41 -6.85
H31 SXO B . -6.09 -13.15 -7.85
H31A SXO B . -6.22 -12.10 -6.43
H31B SXO B . -5.70 -13.77 -6.23
H32 SXO B . -3.11 -11.01 -8.24
HO33 SXO B . -5.45 -11.11 -9.43
HN36 SXO B . -3.77 -9.80 -6.17
H37 SXO B . -5.77 -7.79 -6.89
H37A SXO B . -5.88 -8.61 -5.33
H38 SXO B . -4.76 -6.49 -5.06
H38A SXO B . -3.57 -6.96 -6.30
HN41 SXO B . -2.02 -8.42 -5.88
H42 SXO B . -1.08 -8.51 -3.21
H42A SXO B . -1.66 -10.05 -3.78
H43 SXO B . 0.52 -10.18 -4.34
H43A SXO B . -0.27 -9.72 -5.84
H2 SXO B . 0.10 -5.10 -6.97
H2A SXO B . 1.65 -5.49 -6.22
H3 SXO B . -0.91 -4.94 -4.75
H3A SXO B . 0.69 -5.21 -4.03
H4 SXO B . 0.03 -2.98 -5.95
H4A SXO B . 1.53 -3.19 -5.07
H5 SXO B . -1.16 -2.66 -3.83
H5A SXO B . 0.36 -2.87 -2.96
H6 SXO B . -0.22 -0.71 -4.99
H6A SXO B . 1.27 -0.90 -4.07
H7 SXO B . 0.02 -0.54 -1.97
H7A SXO B . -1.46 -0.31 -2.92
H8 SXO B . -0.42 1.58 -4.06
H8A SXO B . 1.05 1.34 -3.12
H8B SXO B . -0.43 1.81 -2.31
N ALA A 1 3.93 15.65 -1.17
CA ALA A 1 4.63 14.38 -1.25
C ALA A 1 4.92 13.81 0.12
N ALA A 2 4.27 12.70 0.44
CA ALA A 2 4.50 11.99 1.67
C ALA A 2 5.58 10.97 1.41
N THR A 3 6.38 10.66 2.39
CA THR A 3 7.49 9.77 2.13
C THR A 3 7.12 8.30 2.44
N GLN A 4 8.04 7.35 2.17
CA GLN A 4 7.72 5.92 2.22
C GLN A 4 7.12 5.45 3.55
N GLU A 5 7.64 5.95 4.67
CA GLU A 5 7.11 5.58 5.97
C GLU A 5 5.68 6.10 6.11
N GLU A 6 5.49 7.36 5.71
CA GLU A 6 4.19 8.01 5.71
C GLU A 6 3.24 7.24 4.79
N ILE A 7 3.77 6.80 3.65
CA ILE A 7 3.00 6.07 2.70
C ILE A 7 2.53 4.74 3.33
N VAL A 8 3.48 3.93 3.78
CA VAL A 8 3.22 2.61 4.37
C VAL A 8 2.23 2.70 5.55
N ALA A 9 2.50 3.62 6.47
CA ALA A 9 1.63 3.82 7.62
C ALA A 9 0.21 4.17 7.19
N GLY A 10 0.10 4.93 6.11
CA GLY A 10 -1.20 5.31 5.59
C GLY A 10 -1.89 4.11 4.96
N LEU A 11 -1.10 3.29 4.25
CA LEU A 11 -1.59 2.08 3.59
C LEU A 11 -2.27 1.18 4.59
N ALA A 12 -1.62 1.01 5.73
CA ALA A 12 -2.13 0.17 6.78
C ALA A 12 -3.41 0.70 7.39
N GLU A 13 -3.63 2.00 7.28
CA GLU A 13 -4.87 2.60 7.78
C GLU A 13 -6.05 2.10 6.98
N ILE A 14 -5.92 2.04 5.67
CA ILE A 14 -7.00 1.54 4.87
C ILE A 14 -7.01 0.00 4.94
N VAL A 15 -5.82 -0.61 4.98
CA VAL A 15 -5.70 -2.07 5.08
C VAL A 15 -6.28 -2.58 6.44
N ASN A 16 -6.33 -1.71 7.43
CA ASN A 16 -6.95 -2.03 8.72
C ASN A 16 -8.47 -2.22 8.55
N GLU A 17 -9.04 -1.57 7.56
CA GLU A 17 -10.44 -1.78 7.25
C GLU A 17 -10.57 -3.00 6.36
N ILE A 18 -9.67 -3.09 5.37
CA ILE A 18 -9.67 -4.18 4.40
C ILE A 18 -9.53 -5.54 5.10
N ALA A 19 -8.54 -5.68 5.94
CA ALA A 19 -8.29 -6.94 6.60
C ALA A 19 -8.26 -6.79 8.12
N GLY A 20 -7.61 -5.75 8.60
CA GLY A 20 -7.54 -5.57 10.04
C GLY A 20 -6.17 -5.88 10.60
N ILE A 21 -5.16 -5.27 10.03
CA ILE A 21 -3.81 -5.45 10.50
C ILE A 21 -3.39 -4.30 11.40
N PRO A 22 -2.34 -4.49 12.20
CA PRO A 22 -1.79 -3.43 13.02
C PRO A 22 -1.03 -2.44 12.15
N VAL A 23 -1.31 -1.17 12.33
CA VAL A 23 -0.74 -0.12 11.54
C VAL A 23 0.81 -0.07 11.65
N GLU A 24 1.34 -0.41 12.80
CA GLU A 24 2.77 -0.38 13.02
C GLU A 24 3.43 -1.70 12.64
N ASP A 25 2.63 -2.69 12.25
CA ASP A 25 3.17 -4.00 11.91
C ASP A 25 3.63 -4.00 10.47
N VAL A 26 2.99 -3.18 9.70
CA VAL A 26 3.26 -3.05 8.30
C VAL A 26 4.46 -2.12 8.11
N LYS A 27 5.63 -2.71 7.98
CA LYS A 27 6.82 -1.97 7.66
C LYS A 27 7.22 -2.27 6.22
N LEU A 28 8.28 -1.64 5.75
CA LEU A 28 8.71 -1.71 4.33
C LEU A 28 8.83 -3.13 3.75
N ASP A 29 9.28 -4.06 4.55
CA ASP A 29 9.50 -5.43 4.07
C ASP A 29 8.23 -6.27 4.13
N LYS A 30 7.11 -5.66 4.36
CA LYS A 30 5.85 -6.37 4.41
C LYS A 30 5.11 -6.25 3.09
N SER A 31 4.50 -7.32 2.68
CA SER A 31 3.67 -7.37 1.51
C SER A 31 2.23 -7.62 1.95
N PHE A 32 1.26 -7.39 1.10
CA PHE A 32 -0.13 -7.40 1.51
C PHE A 32 -0.66 -8.81 1.76
N THR A 33 -0.29 -9.76 0.95
CA THR A 33 -0.86 -11.07 1.10
C THR A 33 0.23 -12.15 1.16
N ASP A 34 1.36 -11.76 1.68
CA ASP A 34 2.45 -12.67 1.90
C ASP A 34 2.88 -12.55 3.34
N ASP A 35 3.32 -11.38 3.71
CA ASP A 35 3.64 -11.11 5.11
C ASP A 35 2.39 -10.80 5.88
N LEU A 36 1.51 -10.05 5.28
CA LEU A 36 0.30 -9.69 5.96
C LEU A 36 -0.78 -10.72 5.67
N ASP A 37 -1.91 -10.53 6.26
CA ASP A 37 -3.02 -11.45 6.10
C ASP A 37 -4.16 -10.63 5.62
N VAL A 38 -4.04 -10.26 4.38
CA VAL A 38 -4.94 -9.36 3.73
C VAL A 38 -5.31 -9.96 2.42
N ASP A 39 -6.59 -10.33 2.28
CA ASP A 39 -7.11 -10.86 1.03
C ASP A 39 -6.71 -9.97 -0.11
N SER A 40 -6.09 -10.55 -1.07
CA SER A 40 -5.51 -9.84 -2.16
C SER A 40 -6.54 -9.28 -3.09
N LEU A 41 -7.62 -10.03 -3.29
CA LEU A 41 -8.68 -9.60 -4.17
C LEU A 41 -9.30 -8.33 -3.58
N SER A 42 -9.26 -8.27 -2.27
CA SER A 42 -9.76 -7.17 -1.49
C SER A 42 -8.77 -5.99 -1.47
N MET A 43 -7.51 -6.22 -1.86
CA MET A 43 -6.47 -5.17 -1.81
C MET A 43 -6.78 -4.08 -2.83
N VAL A 44 -7.55 -4.44 -3.82
CA VAL A 44 -7.99 -3.51 -4.87
C VAL A 44 -8.66 -2.28 -4.21
N GLU A 45 -9.44 -2.53 -3.17
CA GLU A 45 -10.14 -1.46 -2.48
C GLU A 45 -9.18 -0.51 -1.77
N VAL A 46 -8.04 -1.01 -1.34
CA VAL A 46 -7.07 -0.16 -0.67
C VAL A 46 -6.14 0.52 -1.68
N VAL A 47 -5.77 -0.18 -2.74
CA VAL A 47 -4.86 0.42 -3.73
C VAL A 47 -5.50 1.63 -4.44
N VAL A 48 -6.80 1.50 -4.77
CA VAL A 48 -7.52 2.59 -5.44
C VAL A 48 -7.72 3.79 -4.48
N ALA A 49 -7.68 3.50 -3.19
CA ALA A 49 -7.82 4.51 -2.17
C ALA A 49 -6.47 5.15 -1.88
N ALA A 50 -5.43 4.36 -2.06
CA ALA A 50 -4.08 4.79 -1.79
C ALA A 50 -3.63 5.86 -2.78
N GLU A 51 -4.13 5.77 -4.01
CA GLU A 51 -3.81 6.74 -5.05
C GLU A 51 -4.13 8.14 -4.54
N GLU A 52 -5.36 8.35 -4.20
CA GLU A 52 -5.84 9.64 -3.74
C GLU A 52 -5.31 10.03 -2.36
N ARG A 53 -5.15 9.04 -1.48
CA ARG A 53 -4.72 9.30 -0.11
C ARG A 53 -3.27 9.80 -0.09
N PHE A 54 -2.44 9.24 -0.94
CA PHE A 54 -1.02 9.56 -0.93
C PHE A 54 -0.62 10.50 -2.05
N ASP A 55 -1.62 11.11 -2.68
CA ASP A 55 -1.42 12.10 -3.78
C ASP A 55 -0.66 11.45 -4.93
N VAL A 56 -1.09 10.31 -5.35
CA VAL A 56 -0.42 9.60 -6.40
C VAL A 56 -1.46 8.94 -7.33
N LYS A 57 -1.02 8.10 -8.20
CA LYS A 57 -1.86 7.36 -9.09
C LYS A 57 -1.15 6.03 -9.25
N ILE A 58 -1.87 4.95 -9.13
CA ILE A 58 -1.28 3.65 -9.23
C ILE A 58 -2.08 2.81 -10.21
N PRO A 59 -1.61 2.73 -11.47
CA PRO A 59 -2.27 1.94 -12.50
C PRO A 59 -2.34 0.47 -12.12
N ASP A 60 -3.53 -0.10 -12.25
CA ASP A 60 -3.81 -1.50 -11.89
C ASP A 60 -2.83 -2.49 -12.53
N ASP A 61 -2.36 -2.18 -13.74
CA ASP A 61 -1.39 -3.03 -14.43
C ASP A 61 -0.06 -3.07 -13.70
N ASP A 62 0.31 -1.96 -13.09
CA ASP A 62 1.60 -1.85 -12.43
C ASP A 62 1.50 -2.36 -11.01
N VAL A 63 0.26 -2.36 -10.49
CA VAL A 63 -0.06 -2.90 -9.16
C VAL A 63 0.41 -4.36 -9.08
N LYS A 64 -0.11 -5.19 -9.99
CA LYS A 64 0.19 -6.64 -10.02
C LYS A 64 1.69 -6.90 -10.26
N ASN A 65 2.41 -5.89 -10.71
CA ASN A 65 3.81 -6.04 -11.02
C ASN A 65 4.67 -5.84 -9.78
N LEU A 66 4.14 -5.16 -8.79
CA LEU A 66 4.85 -4.89 -7.53
C LEU A 66 4.56 -5.98 -6.52
N LYS A 67 5.07 -5.86 -5.30
CA LYS A 67 4.78 -6.88 -4.29
C LYS A 67 4.70 -6.38 -2.84
N THR A 68 5.81 -5.94 -2.29
CA THR A 68 5.84 -5.52 -0.90
C THR A 68 5.44 -4.07 -0.80
N VAL A 69 5.34 -3.55 0.39
CA VAL A 69 5.01 -2.16 0.55
C VAL A 69 6.26 -1.31 0.32
N GLY A 70 7.42 -1.94 0.41
CA GLY A 70 8.67 -1.28 0.10
C GLY A 70 8.87 -1.24 -1.38
N ASP A 71 8.37 -2.24 -2.05
CA ASP A 71 8.40 -2.30 -3.50
C ASP A 71 7.35 -1.35 -4.05
N ALA A 72 6.27 -1.20 -3.29
CA ALA A 72 5.13 -0.36 -3.64
C ALA A 72 5.46 1.11 -3.49
N THR A 73 6.04 1.45 -2.36
CA THR A 73 6.37 2.81 -2.04
C THR A 73 7.34 3.43 -3.02
N LYS A 74 8.10 2.58 -3.69
CA LYS A 74 9.09 3.04 -4.64
C LYS A 74 8.40 3.62 -5.88
N TYR A 75 7.19 3.15 -6.16
CA TYR A 75 6.42 3.67 -7.28
C TYR A 75 5.67 4.91 -6.84
N ILE A 76 5.03 4.80 -5.71
CA ILE A 76 4.23 5.85 -5.11
C ILE A 76 5.09 7.10 -4.89
N LEU A 77 6.19 6.93 -4.17
CA LEU A 77 7.11 8.00 -3.86
C LEU A 77 7.80 8.54 -5.12
N ASP A 78 7.87 7.72 -6.15
CA ASP A 78 8.51 8.14 -7.40
C ASP A 78 7.68 9.16 -8.13
N HIS A 79 6.38 8.95 -8.17
CA HIS A 79 5.53 9.90 -8.86
C HIS A 79 5.15 11.06 -7.95
N GLN A 80 4.45 10.77 -6.86
CA GLN A 80 4.03 11.77 -5.83
C GLN A 80 3.36 13.07 -6.33
N ALA A 81 2.93 13.85 -5.37
CA ALA A 81 2.40 15.17 -5.54
C ALA A 81 2.51 15.88 -4.20
P24 SXO B . -4.59 -13.19 -3.69
O26 SXO B . -3.12 -13.02 -3.52
O23 SXO B . -5.28 -14.26 -2.93
O27 SXO B . -4.86 -13.41 -5.22
C28 SXO B . -4.42 -12.36 -6.17
C29 SXO B . -4.46 -12.88 -7.61
C30 SXO B . -3.71 -14.16 -7.61
C31 SXO B . -5.91 -13.11 -8.03
C32 SXO B . -3.74 -11.90 -8.64
O33 SXO B . -3.41 -12.56 -9.86
C34 SXO B . -4.49 -10.63 -9.00
O35 SXO B . -4.56 -10.30 -10.17
N36 SXO B . -5.02 -9.96 -8.03
C37 SXO B . -5.74 -8.71 -8.21
C38 SXO B . -6.07 -8.00 -6.90
C39 SXO B . -4.86 -7.54 -6.06
O40 SXO B . -4.87 -6.46 -5.48
N41 SXO B . -3.83 -8.40 -6.00
C42 SXO B . -2.59 -8.21 -5.28
C43 SXO B . -1.84 -9.53 -5.08
S1 SXO B . -0.34 -9.18 -4.33
C1 SXO B . 0.41 -8.41 -5.68
O1 SXO B . 0.29 -8.80 -6.86
C2 SXO B . 1.25 -7.21 -5.33
C3 SXO B . 0.43 -5.95 -5.17
C4 SXO B . 1.32 -4.74 -4.92
C5 SXO B . 0.49 -3.46 -4.86
C6 SXO B . 1.36 -2.23 -4.71
C7 SXO B . 0.55 -0.94 -4.67
C8 SXO B . -0.33 -0.90 -3.43
H28 SXO B . -3.41 -12.07 -5.92
H28A SXO B . -5.08 -11.52 -6.05
H30 SXO B . -3.68 -14.58 -8.60
H30A SXO B . -2.72 -13.94 -7.26
H30B SXO B . -4.22 -14.81 -6.91
H31 SXO B . -5.94 -13.48 -9.04
H31A SXO B . -6.44 -12.17 -7.96
H31B SXO B . -6.34 -13.84 -7.35
H32 SXO B . -2.84 -11.53 -8.16
HO33 SXO B . -3.63 -11.90 -10.53
HN36 SXO B . -4.91 -10.31 -7.13
H37 SXO B . -5.16 -8.03 -8.83
H37A SXO B . -6.67 -8.94 -8.71
H38 SXO B . -6.64 -8.69 -6.30
H38A SXO B . -6.66 -7.13 -7.10
HN41 SXO B . -3.94 -9.23 -6.50
H42 SXO B . -1.94 -7.54 -5.81
H42A SXO B . -2.77 -7.85 -4.27
H43 SXO B . -2.41 -10.21 -4.47
H43A SXO B . -1.63 -9.95 -6.05
H2 SXO B . 1.94 -7.04 -6.15
H2A SXO B . 1.77 -7.40 -4.40
H3 SXO B . -0.14 -5.78 -6.06
H3A SXO B . -0.24 -6.07 -4.33
H4 SXO B . 2.03 -4.65 -5.73
H4A SXO B . 1.84 -4.87 -3.99
H5 SXO B . -0.08 -3.37 -5.77
H5A SXO B . -0.18 -3.52 -4.01
H6 SXO B . 2.05 -2.20 -5.54
H6A SXO B . 1.91 -2.32 -3.78
H7 SXO B . -0.09 -0.88 -5.54
H7A SXO B . 1.22 -0.10 -4.64
H8 SXO B . 0.28 -0.95 -2.55
H8A SXO B . -1.02 -1.74 -3.44
H8B SXO B . -0.90 0.02 -3.42
N ALA A 1 5.95 15.47 0.24
CA ALA A 1 4.60 15.02 0.51
C ALA A 1 4.58 14.02 1.66
N ALA A 2 5.19 12.87 1.46
CA ALA A 2 5.24 11.85 2.49
C ALA A 2 6.38 10.91 2.23
N THR A 3 7.08 10.55 3.26
CA THR A 3 8.17 9.64 3.12
C THR A 3 7.70 8.23 3.03
N GLN A 4 8.61 7.34 2.71
CA GLN A 4 8.36 5.94 2.59
C GLN A 4 7.80 5.41 3.90
N GLU A 5 8.17 6.05 5.00
CA GLU A 5 7.67 5.62 6.30
C GLU A 5 6.19 6.00 6.42
N GLU A 6 5.89 7.24 6.08
CA GLU A 6 4.56 7.79 6.12
C GLU A 6 3.70 7.10 5.09
N ILE A 7 4.31 6.76 3.94
CA ILE A 7 3.62 6.09 2.88
C ILE A 7 3.06 4.74 3.40
N VAL A 8 3.96 3.90 3.93
CA VAL A 8 3.57 2.58 4.48
C VAL A 8 2.50 2.74 5.55
N ALA A 9 2.73 3.67 6.48
CA ALA A 9 1.79 3.96 7.56
C ALA A 9 0.41 4.33 7.00
N GLY A 10 0.39 5.07 5.90
CA GLY A 10 -0.86 5.48 5.28
C GLY A 10 -1.56 4.30 4.65
N LEU A 11 -0.77 3.42 4.03
CA LEU A 11 -1.28 2.21 3.40
C LEU A 11 -2.01 1.36 4.43
N ALA A 12 -1.38 1.21 5.58
CA ALA A 12 -1.90 0.40 6.66
C ALA A 12 -3.21 0.94 7.22
N GLU A 13 -3.46 2.23 7.03
CA GLU A 13 -4.70 2.83 7.51
C GLU A 13 -5.87 2.22 6.77
N ILE A 14 -5.75 2.15 5.46
CA ILE A 14 -6.82 1.58 4.70
C ILE A 14 -6.74 0.04 4.78
N VAL A 15 -5.54 -0.52 4.91
CA VAL A 15 -5.42 -1.97 5.07
C VAL A 15 -6.06 -2.43 6.41
N ASN A 16 -6.16 -1.51 7.36
CA ASN A 16 -6.81 -1.78 8.65
C ASN A 16 -8.32 -1.95 8.44
N GLU A 17 -8.88 -1.13 7.57
CA GLU A 17 -10.32 -1.21 7.31
C GLU A 17 -10.63 -2.33 6.31
N ILE A 18 -9.68 -2.63 5.43
CA ILE A 18 -9.85 -3.70 4.46
C ILE A 18 -9.68 -5.06 5.13
N ALA A 19 -8.58 -5.24 5.79
CA ALA A 19 -8.26 -6.50 6.37
C ALA A 19 -8.33 -6.44 7.88
N GLY A 20 -7.59 -5.55 8.46
CA GLY A 20 -7.55 -5.46 9.90
C GLY A 20 -6.20 -5.83 10.45
N ILE A 21 -5.30 -4.89 10.39
CA ILE A 21 -3.95 -5.05 10.90
C ILE A 21 -3.54 -3.78 11.60
N PRO A 22 -2.67 -3.85 12.62
CA PRO A 22 -2.16 -2.66 13.28
C PRO A 22 -1.32 -1.87 12.30
N VAL A 23 -1.43 -0.56 12.36
CA VAL A 23 -0.73 0.31 11.43
C VAL A 23 0.78 0.39 11.68
N GLU A 24 1.26 -0.44 12.58
CA GLU A 24 2.65 -0.56 12.88
C GLU A 24 3.16 -1.93 12.44
N ASP A 25 2.23 -2.82 12.08
CA ASP A 25 2.56 -4.19 11.70
C ASP A 25 3.13 -4.20 10.30
N VAL A 26 2.60 -3.30 9.51
CA VAL A 26 2.99 -3.15 8.14
C VAL A 26 4.29 -2.38 8.10
N LYS A 27 5.37 -3.10 8.10
CA LYS A 27 6.68 -2.54 7.97
C LYS A 27 7.12 -2.70 6.52
N LEU A 28 8.33 -2.29 6.20
CA LEU A 28 8.80 -2.24 4.80
C LEU A 28 8.81 -3.58 4.07
N ASP A 29 9.25 -4.62 4.70
CA ASP A 29 9.30 -5.88 4.00
C ASP A 29 8.09 -6.73 4.35
N LYS A 30 6.95 -6.21 3.97
CA LYS A 30 5.67 -6.86 4.13
C LYS A 30 4.93 -6.76 2.80
N SER A 31 4.54 -7.87 2.26
CA SER A 31 3.78 -7.89 1.03
C SER A 31 2.31 -7.99 1.36
N PHE A 32 1.48 -7.55 0.44
CA PHE A 32 0.02 -7.44 0.62
C PHE A 32 -0.70 -8.79 0.58
N THR A 33 0.00 -9.85 0.97
CA THR A 33 -0.58 -11.17 0.93
C THR A 33 0.25 -12.19 1.73
N ASP A 34 1.53 -12.34 1.39
CA ASP A 34 2.36 -13.36 2.04
C ASP A 34 2.75 -12.93 3.44
N ASP A 35 3.09 -11.68 3.58
CA ASP A 35 3.47 -11.17 4.91
C ASP A 35 2.27 -10.63 5.61
N LEU A 36 1.50 -9.83 4.91
CA LEU A 36 0.34 -9.20 5.50
C LEU A 36 -0.77 -10.17 5.73
N ASP A 37 -1.64 -9.84 6.64
CA ASP A 37 -2.78 -10.67 6.96
C ASP A 37 -3.91 -10.18 6.11
N VAL A 38 -3.72 -10.39 4.87
CA VAL A 38 -4.63 -10.01 3.84
C VAL A 38 -4.72 -11.16 2.88
N ASP A 39 -5.94 -11.54 2.54
CA ASP A 39 -6.22 -12.50 1.46
C ASP A 39 -5.31 -12.20 0.30
N SER A 40 -5.61 -11.10 -0.36
CA SER A 40 -4.79 -10.42 -1.36
C SER A 40 -5.67 -9.70 -2.31
N LEU A 41 -6.69 -10.39 -2.82
CA LEU A 41 -7.57 -9.80 -3.82
C LEU A 41 -8.31 -8.61 -3.23
N SER A 42 -8.38 -8.59 -1.92
CA SER A 42 -8.97 -7.53 -1.15
C SER A 42 -8.11 -6.23 -1.23
N MET A 43 -6.84 -6.36 -1.61
CA MET A 43 -5.92 -5.22 -1.70
C MET A 43 -6.37 -4.26 -2.81
N VAL A 44 -7.09 -4.77 -3.77
CA VAL A 44 -7.58 -3.96 -4.88
C VAL A 44 -8.43 -2.77 -4.35
N GLU A 45 -9.14 -3.00 -3.25
CA GLU A 45 -9.92 -1.96 -2.62
C GLU A 45 -9.03 -0.92 -1.88
N VAL A 46 -7.86 -1.34 -1.40
CA VAL A 46 -6.98 -0.40 -0.73
C VAL A 46 -6.14 0.38 -1.73
N VAL A 47 -5.71 -0.25 -2.83
CA VAL A 47 -4.89 0.44 -3.82
C VAL A 47 -5.65 1.60 -4.48
N VAL A 48 -6.93 1.39 -4.79
CA VAL A 48 -7.74 2.43 -5.43
C VAL A 48 -8.06 3.56 -4.42
N ALA A 49 -7.99 3.24 -3.15
CA ALA A 49 -8.23 4.20 -2.10
C ALA A 49 -6.94 4.94 -1.79
N ALA A 50 -5.82 4.28 -1.99
CA ALA A 50 -4.53 4.87 -1.71
C ALA A 50 -4.20 5.97 -2.70
N GLU A 51 -4.79 5.90 -3.89
CA GLU A 51 -4.57 6.90 -4.92
C GLU A 51 -4.93 8.30 -4.41
N GLU A 52 -6.08 8.42 -3.77
CA GLU A 52 -6.49 9.70 -3.22
C GLU A 52 -5.69 10.02 -1.96
N ARG A 53 -5.39 8.99 -1.18
CA ARG A 53 -4.75 9.16 0.12
C ARG A 53 -3.29 9.60 0.00
N PHE A 54 -2.66 9.28 -1.10
CA PHE A 54 -1.25 9.65 -1.26
C PHE A 54 -1.05 10.63 -2.39
N ASP A 55 -2.15 11.17 -2.93
CA ASP A 55 -2.09 12.16 -4.03
C ASP A 55 -1.41 11.53 -5.25
N VAL A 56 -1.76 10.30 -5.54
CA VAL A 56 -1.16 9.57 -6.64
C VAL A 56 -2.23 9.00 -7.56
N LYS A 57 -1.79 8.18 -8.47
CA LYS A 57 -2.64 7.44 -9.35
C LYS A 57 -1.80 6.25 -9.76
N ILE A 58 -2.30 5.06 -9.56
CA ILE A 58 -1.49 3.87 -9.75
C ILE A 58 -2.11 2.95 -10.81
N PRO A 59 -1.40 2.75 -11.93
CA PRO A 59 -1.85 1.88 -13.02
C PRO A 59 -1.96 0.44 -12.56
N ASP A 60 -3.06 -0.22 -12.93
CA ASP A 60 -3.37 -1.58 -12.51
C ASP A 60 -2.29 -2.60 -12.91
N ASP A 61 -1.66 -2.36 -14.05
CA ASP A 61 -0.60 -3.25 -14.55
C ASP A 61 0.60 -3.20 -13.62
N ASP A 62 0.80 -2.05 -12.99
CA ASP A 62 1.95 -1.85 -12.16
C ASP A 62 1.68 -2.39 -10.78
N VAL A 63 0.40 -2.31 -10.39
CA VAL A 63 -0.09 -2.87 -9.13
C VAL A 63 0.32 -4.34 -9.03
N LYS A 64 -0.14 -5.16 -9.98
CA LYS A 64 0.16 -6.60 -9.98
C LYS A 64 1.65 -6.90 -10.21
N ASN A 65 2.42 -5.89 -10.53
CA ASN A 65 3.83 -6.08 -10.79
C ASN A 65 4.63 -5.98 -9.50
N LEU A 66 4.10 -5.25 -8.54
CA LEU A 66 4.81 -5.01 -7.29
C LEU A 66 4.62 -6.17 -6.35
N LYS A 67 5.27 -6.12 -5.18
CA LYS A 67 5.20 -7.22 -4.25
C LYS A 67 4.98 -6.74 -2.82
N THR A 68 5.99 -6.14 -2.24
CA THR A 68 5.92 -5.69 -0.88
C THR A 68 5.55 -4.23 -0.81
N VAL A 69 5.43 -3.71 0.38
CA VAL A 69 5.18 -2.31 0.55
C VAL A 69 6.44 -1.51 0.26
N GLY A 70 7.57 -2.21 0.29
CA GLY A 70 8.84 -1.63 -0.07
C GLY A 70 8.87 -1.35 -1.56
N ASP A 71 8.20 -2.21 -2.31
CA ASP A 71 8.11 -2.03 -3.76
C ASP A 71 7.09 -0.95 -4.07
N ALA A 72 6.02 -0.96 -3.28
CA ALA A 72 4.90 -0.06 -3.45
C ALA A 72 5.30 1.38 -3.20
N THR A 73 6.02 1.59 -2.12
CA THR A 73 6.46 2.89 -1.72
C THR A 73 7.31 3.57 -2.78
N LYS A 74 8.17 2.79 -3.44
CA LYS A 74 9.08 3.32 -4.46
C LYS A 74 8.28 3.92 -5.62
N TYR A 75 7.12 3.35 -5.92
CA TYR A 75 6.26 3.90 -6.96
C TYR A 75 5.52 5.12 -6.41
N ILE A 76 4.93 4.96 -5.24
CA ILE A 76 4.10 5.99 -4.62
C ILE A 76 4.88 7.28 -4.42
N LEU A 77 6.00 7.23 -3.71
CA LEU A 77 6.79 8.43 -3.44
C LEU A 77 7.33 9.08 -4.71
N ASP A 78 7.41 8.29 -5.75
CA ASP A 78 7.87 8.76 -7.05
C ASP A 78 6.81 9.65 -7.70
N HIS A 79 5.57 9.22 -7.65
CA HIS A 79 4.45 9.95 -8.27
C HIS A 79 3.58 10.76 -7.29
N GLN A 80 3.95 10.78 -6.03
CA GLN A 80 3.15 11.46 -4.99
C GLN A 80 3.09 12.97 -5.21
N ALA A 81 1.88 13.51 -5.04
CA ALA A 81 1.57 14.95 -5.10
C ALA A 81 2.21 15.63 -6.30
P24 SXO B . -3.85 -13.54 -3.31
O26 SXO B . -2.39 -13.37 -2.99
O23 SXO B . -4.58 -14.70 -2.75
O27 SXO B . -3.99 -13.65 -4.88
C28 SXO B . -3.51 -12.55 -5.78
C29 SXO B . -3.41 -13.11 -7.20
C30 SXO B . -2.42 -14.20 -7.08
C31 SXO B . -4.76 -13.65 -7.65
C32 SXO B . -2.85 -12.09 -8.26
O33 SXO B . -2.72 -12.75 -9.53
C34 SXO B . -3.71 -10.88 -8.53
O35 SXO B . -4.19 -10.72 -9.65
N36 SXO B . -3.86 -10.03 -7.57
C37 SXO B . -4.62 -8.79 -7.70
C38 SXO B . -3.86 -7.63 -7.07
C39 SXO B . -3.65 -7.84 -5.59
O40 SXO B . -4.47 -7.42 -4.79
N41 SXO B . -2.55 -8.49 -5.27
C42 SXO B . -2.16 -8.82 -3.93
C43 SXO B . -0.79 -9.50 -3.84
S1 SXO B . 0.49 -8.33 -3.73
C1 SXO B . 0.49 -7.70 -5.36
O1 SXO B . 0.00 -8.29 -6.35
C2 SXO B . 1.13 -6.34 -5.47
C3 SXO B . 0.31 -5.27 -4.81
C4 SXO B . 0.94 -3.90 -4.94
C5 SXO B . 0.07 -2.86 -4.27
C6 SXO B . 0.66 -1.47 -4.37
C7 SXO B . -0.23 -0.48 -3.65
C8 SXO B . 0.36 0.89 -3.74
H28 SXO B . -2.53 -12.22 -5.48
H28A SXO B . -4.21 -11.72 -5.76
H30 SXO B . -2.23 -14.66 -8.04
H30A SXO B . -1.52 -13.73 -6.70
H30B SXO B . -2.78 -14.91 -6.36
H31 SXO B . -5.47 -12.85 -7.62
H31A SXO B . -5.06 -14.42 -6.95
H31B SXO B . -4.67 -14.06 -8.64
H32 SXO B . -1.89 -11.74 -7.94
HO33 SXO B . -3.27 -12.18 -10.09
HN36 SXO B . -3.43 -10.19 -6.71
H37 SXO B . -4.76 -8.57 -8.74
H37A SXO B . -5.58 -8.90 -7.21
H38 SXO B . -4.40 -6.71 -7.22
H38A SXO B . -2.88 -7.57 -7.52
HN41 SXO B . -1.93 -8.80 -5.98
H42 SXO B . -2.22 -7.98 -3.26
H42A SXO B . -2.84 -9.56 -3.55
H43 SXO B . -0.81 -10.05 -2.92
H43A SXO B . -0.64 -10.19 -4.65
H2 SXO B . 1.22 -6.10 -6.53
H2A SXO B . 2.11 -6.37 -5.02
H3 SXO B . -0.66 -5.24 -5.30
H3A SXO B . 0.18 -5.51 -3.77
H4 SXO B . 1.05 -3.65 -5.99
H4A SXO B . 1.92 -3.91 -4.47
H5 SXO B . -0.90 -2.86 -4.75
H5A SXO B . -0.04 -3.13 -3.24
H6 SXO B . 0.73 -1.19 -5.41
H6A SXO B . 1.64 -1.47 -3.92
H7 SXO B . -0.31 -0.75 -2.61
H7A SXO B . -1.22 -0.48 -4.11
H8 SXO B . -0.28 1.59 -3.22
H8A SXO B . 0.45 1.18 -4.78
H8B SXO B . 1.33 0.89 -3.27
N ALA A 1 0.86 13.31 -0.36
CA ALA A 1 2.27 13.11 -0.65
C ALA A 1 3.01 12.93 0.66
N ALA A 2 3.62 11.79 0.83
CA ALA A 2 4.30 11.45 2.05
C ALA A 2 5.58 10.70 1.72
N THR A 3 6.41 10.45 2.70
CA THR A 3 7.64 9.74 2.46
C THR A 3 7.47 8.25 2.81
N GLN A 4 8.50 7.43 2.57
CA GLN A 4 8.46 5.95 2.69
C GLN A 4 7.68 5.40 3.87
N GLU A 5 8.02 5.76 5.10
CA GLU A 5 7.35 5.15 6.24
C GLU A 5 5.93 5.70 6.40
N GLU A 6 5.74 6.99 6.08
CA GLU A 6 4.41 7.58 6.12
C GLU A 6 3.53 6.93 5.07
N ILE A 7 4.17 6.57 3.94
CA ILE A 7 3.51 5.85 2.88
C ILE A 7 3.04 4.48 3.38
N VAL A 8 3.97 3.70 3.96
CA VAL A 8 3.65 2.36 4.49
C VAL A 8 2.51 2.47 5.52
N ALA A 9 2.65 3.40 6.45
CA ALA A 9 1.64 3.64 7.46
C ALA A 9 0.30 4.02 6.83
N GLY A 10 0.38 4.78 5.74
CA GLY A 10 -0.81 5.21 5.03
C GLY A 10 -1.51 4.04 4.39
N LEU A 11 -0.72 3.11 3.88
CA LEU A 11 -1.23 1.89 3.30
C LEU A 11 -1.99 1.13 4.37
N ALA A 12 -1.36 1.03 5.53
CA ALA A 12 -1.92 0.34 6.66
C ALA A 12 -3.17 1.02 7.18
N GLU A 13 -3.30 2.32 6.96
CA GLU A 13 -4.48 3.08 7.38
C GLU A 13 -5.71 2.48 6.77
N ILE A 14 -5.66 2.21 5.49
CA ILE A 14 -6.80 1.63 4.84
C ILE A 14 -6.78 0.10 5.00
N VAL A 15 -5.60 -0.53 4.98
CA VAL A 15 -5.53 -1.99 5.18
C VAL A 15 -6.07 -2.41 6.58
N ASN A 16 -6.05 -1.46 7.50
CA ASN A 16 -6.61 -1.63 8.84
C ASN A 16 -8.12 -1.79 8.80
N GLU A 17 -8.79 -1.02 7.98
CA GLU A 17 -10.24 -1.14 7.90
C GLU A 17 -10.65 -2.29 6.98
N ILE A 18 -9.83 -2.54 5.97
CA ILE A 18 -10.08 -3.62 5.02
C ILE A 18 -9.84 -4.97 5.69
N ALA A 19 -8.68 -5.13 6.27
CA ALA A 19 -8.31 -6.37 6.88
C ALA A 19 -8.43 -6.30 8.38
N GLY A 20 -7.68 -5.41 8.99
CA GLY A 20 -7.74 -5.31 10.44
C GLY A 20 -6.38 -5.25 11.10
N ILE A 21 -5.33 -5.13 10.31
CA ILE A 21 -3.98 -5.06 10.86
C ILE A 21 -3.69 -3.72 11.52
N PRO A 22 -2.85 -3.70 12.56
CA PRO A 22 -2.42 -2.47 13.21
C PRO A 22 -1.64 -1.58 12.24
N VAL A 23 -1.90 -0.29 12.30
CA VAL A 23 -1.27 0.71 11.42
C VAL A 23 0.22 0.98 11.77
N GLU A 24 0.81 0.08 12.48
CA GLU A 24 2.20 0.15 12.86
C GLU A 24 2.82 -1.23 12.69
N ASP A 25 2.02 -2.16 12.21
CA ASP A 25 2.46 -3.54 12.03
C ASP A 25 3.05 -3.68 10.66
N VAL A 26 2.46 -2.97 9.74
CA VAL A 26 2.91 -2.93 8.38
C VAL A 26 4.09 -2.01 8.30
N LYS A 27 5.26 -2.60 8.32
CA LYS A 27 6.49 -1.90 8.14
C LYS A 27 7.09 -2.35 6.80
N LEU A 28 8.34 -2.04 6.53
CA LEU A 28 8.91 -2.30 5.18
C LEU A 28 8.90 -3.75 4.68
N ASP A 29 9.04 -4.71 5.54
CA ASP A 29 9.01 -6.11 5.10
C ASP A 29 7.61 -6.68 5.18
N LYS A 30 6.78 -6.19 4.29
CA LYS A 30 5.38 -6.59 4.16
C LYS A 30 4.98 -6.67 2.71
N SER A 31 4.25 -7.70 2.36
CA SER A 31 3.65 -7.81 1.06
C SER A 31 2.15 -7.88 1.26
N PHE A 32 1.40 -7.53 0.25
CA PHE A 32 -0.05 -7.32 0.36
C PHE A 32 -0.86 -8.60 0.23
N THR A 33 -0.29 -9.71 0.64
CA THR A 33 -0.97 -10.98 0.61
C THR A 33 -0.12 -12.08 1.24
N ASP A 34 1.09 -12.24 0.76
CA ASP A 34 1.94 -13.33 1.21
C ASP A 34 2.42 -13.13 2.65
N ASP A 35 2.88 -11.94 2.95
CA ASP A 35 3.34 -11.64 4.32
C ASP A 35 2.17 -11.28 5.20
N LEU A 36 1.25 -10.51 4.66
CA LEU A 36 0.10 -10.06 5.41
C LEU A 36 -1.01 -11.10 5.43
N ASP A 37 -2.16 -10.73 5.92
CA ASP A 37 -3.30 -11.65 5.98
C ASP A 37 -4.43 -11.11 5.14
N VAL A 38 -4.15 -10.01 4.52
CA VAL A 38 -5.04 -9.38 3.60
C VAL A 38 -4.75 -9.96 2.23
N ASP A 39 -5.75 -10.47 1.58
CA ASP A 39 -5.57 -11.06 0.26
C ASP A 39 -5.37 -10.00 -0.78
N SER A 40 -4.88 -10.42 -1.91
CA SER A 40 -4.63 -9.54 -3.01
C SER A 40 -5.94 -8.99 -3.56
N LEU A 41 -6.92 -9.88 -3.69
CA LEU A 41 -8.25 -9.50 -4.15
C LEU A 41 -8.88 -8.50 -3.16
N SER A 42 -8.41 -8.55 -1.93
CA SER A 42 -8.85 -7.69 -0.88
C SER A 42 -8.08 -6.35 -0.96
N MET A 43 -6.75 -6.40 -1.30
CA MET A 43 -5.95 -5.18 -1.45
C MET A 43 -6.54 -4.27 -2.53
N VAL A 44 -7.29 -4.86 -3.42
CA VAL A 44 -7.94 -4.15 -4.50
C VAL A 44 -8.86 -3.02 -3.95
N GLU A 45 -9.30 -3.16 -2.71
CA GLU A 45 -10.11 -2.14 -2.07
C GLU A 45 -9.24 -0.98 -1.56
N VAL A 46 -8.06 -1.30 -1.06
CA VAL A 46 -7.15 -0.29 -0.53
C VAL A 46 -6.27 0.37 -1.61
N VAL A 47 -5.92 -0.38 -2.65
CA VAL A 47 -5.04 0.16 -3.71
C VAL A 47 -5.70 1.36 -4.43
N VAL A 48 -6.99 1.26 -4.68
CA VAL A 48 -7.71 2.32 -5.35
C VAL A 48 -7.84 3.55 -4.43
N ALA A 49 -7.92 3.28 -3.13
CA ALA A 49 -8.05 4.33 -2.13
C ALA A 49 -6.69 4.93 -1.81
N ALA A 50 -5.65 4.22 -2.16
CA ALA A 50 -4.30 4.69 -1.92
C ALA A 50 -3.97 5.83 -2.85
N GLU A 51 -4.57 5.80 -4.03
CA GLU A 51 -4.35 6.83 -5.04
C GLU A 51 -4.72 8.19 -4.49
N GLU A 52 -5.90 8.29 -3.92
CA GLU A 52 -6.38 9.55 -3.37
C GLU A 52 -5.58 9.95 -2.12
N ARG A 53 -5.32 8.98 -1.25
CA ARG A 53 -4.60 9.20 0.02
C ARG A 53 -3.19 9.71 -0.19
N PHE A 54 -2.49 9.17 -1.17
CA PHE A 54 -1.09 9.53 -1.36
C PHE A 54 -0.87 10.53 -2.47
N ASP A 55 -1.92 10.87 -3.20
CA ASP A 55 -1.86 11.81 -4.35
C ASP A 55 -1.12 11.16 -5.51
N VAL A 56 -1.49 9.92 -5.80
CA VAL A 56 -0.84 9.15 -6.87
C VAL A 56 -1.84 8.61 -7.87
N LYS A 57 -1.34 7.81 -8.77
CA LYS A 57 -2.11 7.11 -9.75
C LYS A 57 -1.50 5.74 -9.86
N ILE A 58 -2.28 4.72 -9.63
CA ILE A 58 -1.79 3.36 -9.66
C ILE A 58 -2.70 2.53 -10.55
N PRO A 59 -2.28 2.28 -11.79
CA PRO A 59 -3.03 1.46 -12.76
C PRO A 59 -3.03 -0.02 -12.37
N ASP A 60 -4.11 -0.70 -12.74
CA ASP A 60 -4.35 -2.12 -12.42
C ASP A 60 -3.18 -3.01 -12.85
N ASP A 61 -2.63 -2.74 -14.02
CA ASP A 61 -1.52 -3.56 -14.55
C ASP A 61 -0.25 -3.26 -13.82
N ASP A 62 -0.09 -2.00 -13.42
CA ASP A 62 1.15 -1.54 -12.79
C ASP A 62 1.25 -2.11 -11.39
N VAL A 63 0.09 -2.28 -10.74
CA VAL A 63 -0.03 -2.90 -9.42
C VAL A 63 0.70 -4.26 -9.40
N LYS A 64 0.43 -5.06 -10.42
CA LYS A 64 0.96 -6.41 -10.53
C LYS A 64 2.49 -6.43 -10.76
N ASN A 65 3.09 -5.26 -10.91
CA ASN A 65 4.51 -5.18 -11.17
C ASN A 65 5.30 -4.99 -9.88
N LEU A 66 4.60 -4.72 -8.79
CA LEU A 66 5.26 -4.53 -7.51
C LEU A 66 5.11 -5.80 -6.69
N LYS A 67 5.62 -5.80 -5.45
CA LYS A 67 5.52 -7.03 -4.65
C LYS A 67 5.35 -6.74 -3.14
N THR A 68 6.23 -5.94 -2.57
CA THR A 68 6.11 -5.61 -1.16
C THR A 68 5.76 -4.15 -1.00
N VAL A 69 5.70 -3.71 0.24
CA VAL A 69 5.49 -2.32 0.54
C VAL A 69 6.78 -1.55 0.30
N GLY A 70 7.88 -2.29 0.16
CA GLY A 70 9.16 -1.69 -0.14
C GLY A 70 9.19 -1.22 -1.56
N ASP A 71 8.48 -1.95 -2.42
CA ASP A 71 8.38 -1.60 -3.84
C ASP A 71 7.35 -0.51 -4.00
N ALA A 72 6.27 -0.67 -3.23
CA ALA A 72 5.13 0.22 -3.28
C ALA A 72 5.52 1.63 -2.92
N THR A 73 6.27 1.74 -1.84
CA THR A 73 6.74 3.02 -1.36
C THR A 73 7.49 3.79 -2.42
N LYS A 74 8.40 3.09 -3.12
CA LYS A 74 9.21 3.70 -4.17
C LYS A 74 8.32 4.27 -5.26
N TYR A 75 7.35 3.46 -5.70
CA TYR A 75 6.44 3.83 -6.77
C TYR A 75 5.53 4.98 -6.36
N ILE A 76 5.03 4.93 -5.15
CA ILE A 76 4.11 5.93 -4.66
C ILE A 76 4.77 7.31 -4.61
N LEU A 77 5.79 7.49 -3.78
CA LEU A 77 6.50 8.76 -3.73
C LEU A 77 7.08 9.19 -5.08
N ASP A 78 7.26 8.22 -5.97
CA ASP A 78 7.70 8.47 -7.35
C ASP A 78 6.58 9.14 -8.16
N HIS A 79 5.37 8.65 -7.98
CA HIS A 79 4.20 9.09 -8.75
C HIS A 79 3.35 10.13 -8.02
N GLN A 80 3.79 10.57 -6.85
CA GLN A 80 3.05 11.57 -6.08
C GLN A 80 2.99 12.91 -6.80
N ALA A 81 1.96 13.68 -6.46
CA ALA A 81 1.67 15.00 -7.03
C ALA A 81 2.91 15.89 -7.15
P24 SXO B . -3.87 -12.65 -5.11
O26 SXO B . -2.45 -12.28 -5.27
O23 SXO B . -4.19 -13.93 -4.40
O27 SXO B . -4.52 -12.72 -6.55
C28 SXO B . -4.45 -11.52 -7.41
C29 SXO B . -4.95 -11.82 -8.82
C30 SXO B . -4.01 -12.84 -9.35
C31 SXO B . -6.36 -12.35 -8.78
C32 SXO B . -4.85 -10.57 -9.78
O33 SXO B . -5.57 -10.82 -10.99
C34 SXO B . -5.47 -9.34 -9.19
O35 SXO B . -6.64 -9.05 -9.46
N36 SXO B . -4.70 -8.63 -8.43
C37 SXO B . -5.08 -7.40 -7.77
C38 SXO B . -3.86 -6.64 -7.28
C39 SXO B . -3.19 -7.29 -6.09
O40 SXO B . -3.63 -7.17 -4.97
N41 SXO B . -2.11 -7.97 -6.37
C42 SXO B . -1.32 -8.67 -5.38
C43 SXO B . -0.06 -9.22 -5.97
S1 SXO B . 0.90 -7.93 -6.61
C1 SXO B . 1.33 -7.11 -5.11
O1 SXO B . 1.20 -7.60 -3.96
C2 SXO B . 1.89 -5.71 -5.33
C3 SXO B . 0.93 -4.59 -4.98
C4 SXO B . 1.54 -3.24 -5.33
C5 SXO B . 0.61 -2.06 -5.08
C6 SXO B . 0.26 -1.91 -3.61
C7 SXO B . -0.59 -0.67 -3.34
C8 SXO B . 0.20 0.58 -3.64
H28 SXO B . -3.41 -11.20 -7.51
H28A SXO B . -5.03 -10.71 -7.01
H30 SXO B . -4.25 -13.09 -10.37
H30A SXO B . -3.02 -12.39 -9.27
H30B SXO B . -4.07 -13.69 -8.69
H31 SXO B . -7.00 -11.60 -8.33
H31A SXO B . -6.38 -13.25 -8.18
H31B SXO B . -6.71 -12.56 -9.79
H32 SXO B . -3.81 -10.35 -9.96
HO33 SXO B . -6.25 -10.16 -10.94
HN36 SXO B . -3.78 -8.96 -8.31
H37 SXO B . -5.57 -6.78 -8.50
H37A SXO B . -5.74 -7.61 -6.95
H38 SXO B . -4.18 -5.66 -6.97
H38A SXO B . -3.15 -6.52 -8.08
HN41 SXO B . -1.79 -8.05 -7.30
H42 SXO B . -1.07 -7.99 -4.59
H42A SXO B . -1.89 -9.49 -4.96
H43 SXO B . 0.48 -9.77 -5.21
H43A SXO B . -0.37 -9.86 -6.78
H2 SXO B . 2.13 -5.62 -6.38
H2A SXO B . 2.80 -5.60 -4.74
H3 SXO B . 0.01 -4.73 -5.55
H3A SXO B . 0.72 -4.62 -3.93
H4 SXO B . 1.82 -3.25 -6.37
H4A SXO B . 2.43 -3.09 -4.73
H5 SXO B . 1.09 -1.15 -5.42
H5A SXO B . -0.30 -2.21 -5.65
H6 SXO B . 1.17 -1.85 -3.04
H6A SXO B . -0.30 -2.78 -3.30
H7 SXO B . -0.87 -0.65 -2.30
H7A SXO B . -1.46 -0.69 -3.97
H8 SXO B . 1.09 0.60 -3.01
H8A SXO B . -0.39 1.45 -3.43
H8B SXO B . 0.50 0.58 -4.68
N ALA A 1 6.16 16.15 0.66
CA ALA A 1 5.09 15.16 0.63
C ALA A 1 5.33 14.16 1.76
N ALA A 2 4.54 13.11 1.79
CA ALA A 2 4.72 12.04 2.76
C ALA A 2 5.86 11.15 2.30
N THR A 3 6.78 10.86 3.16
CA THR A 3 7.89 10.05 2.73
C THR A 3 7.64 8.55 3.00
N GLN A 4 8.66 7.70 2.91
CA GLN A 4 8.51 6.25 2.92
C GLN A 4 7.73 5.72 4.11
N GLU A 5 8.10 6.14 5.31
CA GLU A 5 7.43 5.70 6.53
C GLU A 5 5.97 6.11 6.53
N GLU A 6 5.70 7.32 6.05
CA GLU A 6 4.37 7.86 6.04
C GLU A 6 3.55 7.18 4.96
N ILE A 7 4.22 6.78 3.88
CA ILE A 7 3.58 6.03 2.82
C ILE A 7 3.07 4.71 3.41
N VAL A 8 4.00 3.92 3.95
CA VAL A 8 3.70 2.63 4.58
C VAL A 8 2.61 2.77 5.65
N ALA A 9 2.83 3.69 6.59
CA ALA A 9 1.89 3.96 7.67
C ALA A 9 0.51 4.32 7.13
N GLY A 10 0.50 5.10 6.07
CA GLY A 10 -0.74 5.52 5.46
C GLY A 10 -1.45 4.36 4.82
N LEU A 11 -0.68 3.51 4.15
CA LEU A 11 -1.19 2.31 3.51
C LEU A 11 -1.90 1.46 4.53
N ALA A 12 -1.22 1.24 5.65
CA ALA A 12 -1.71 0.42 6.73
C ALA A 12 -3.06 0.89 7.27
N GLU A 13 -3.34 2.17 7.16
CA GLU A 13 -4.62 2.70 7.62
C GLU A 13 -5.77 2.19 6.77
N ILE A 14 -5.55 2.10 5.46
CA ILE A 14 -6.57 1.54 4.61
C ILE A 14 -6.50 0.01 4.66
N VAL A 15 -5.30 -0.53 4.93
CA VAL A 15 -5.16 -1.97 5.08
C VAL A 15 -5.87 -2.42 6.38
N ASN A 16 -5.96 -1.51 7.34
CA ASN A 16 -6.70 -1.71 8.58
C ASN A 16 -8.20 -1.66 8.30
N GLU A 17 -8.56 -0.87 7.33
CA GLU A 17 -9.94 -0.73 6.90
C GLU A 17 -10.39 -2.05 6.25
N ILE A 18 -9.47 -2.64 5.49
CA ILE A 18 -9.71 -3.86 4.74
C ILE A 18 -9.54 -5.13 5.62
N ALA A 19 -8.40 -5.25 6.30
CA ALA A 19 -8.06 -6.48 7.02
C ALA A 19 -7.94 -6.30 8.54
N GLY A 20 -8.10 -5.09 9.01
CA GLY A 20 -8.05 -4.84 10.45
C GLY A 20 -6.68 -5.03 11.09
N ILE A 21 -5.61 -4.84 10.33
CA ILE A 21 -4.28 -4.98 10.90
C ILE A 21 -3.86 -3.74 11.66
N PRO A 22 -3.00 -3.89 12.66
CA PRO A 22 -2.45 -2.76 13.35
C PRO A 22 -1.44 -2.02 12.45
N VAL A 23 -1.39 -0.72 12.58
CA VAL A 23 -0.55 0.11 11.70
C VAL A 23 0.91 0.11 12.13
N GLU A 24 1.22 -0.73 13.09
CA GLU A 24 2.57 -0.86 13.58
C GLU A 24 3.18 -2.10 12.95
N ASP A 25 2.32 -2.96 12.43
CA ASP A 25 2.76 -4.23 11.86
C ASP A 25 3.36 -3.99 10.50
N VAL A 26 2.69 -3.18 9.73
CA VAL A 26 3.09 -2.86 8.38
C VAL A 26 4.35 -2.01 8.34
N LYS A 27 5.44 -2.69 8.19
CA LYS A 27 6.74 -2.13 7.95
C LYS A 27 7.09 -2.40 6.51
N LEU A 28 8.34 -2.26 6.15
CA LEU A 28 8.77 -2.37 4.76
C LEU A 28 8.79 -3.82 4.28
N ASP A 29 9.07 -4.73 5.18
CA ASP A 29 9.08 -6.14 4.83
C ASP A 29 7.71 -6.73 5.00
N LYS A 30 6.80 -6.21 4.24
CA LYS A 30 5.43 -6.65 4.21
C LYS A 30 4.99 -6.68 2.78
N SER A 31 4.00 -7.46 2.50
CA SER A 31 3.51 -7.65 1.18
C SER A 31 2.00 -7.73 1.28
N PHE A 32 1.32 -7.62 0.17
CA PHE A 32 -0.12 -7.45 0.15
C PHE A 32 -0.88 -8.77 0.13
N THR A 33 -0.22 -9.81 0.60
CA THR A 33 -0.85 -11.10 0.76
C THR A 33 0.02 -12.02 1.63
N ASP A 34 1.29 -12.20 1.27
CA ASP A 34 2.18 -13.10 2.04
C ASP A 34 2.40 -12.62 3.48
N ASP A 35 2.76 -11.36 3.64
CA ASP A 35 3.01 -10.82 4.99
C ASP A 35 1.83 -10.07 5.57
N LEU A 36 0.73 -10.01 4.88
CA LEU A 36 -0.43 -9.29 5.40
C LEU A 36 -1.67 -10.14 5.45
N ASP A 37 -2.67 -9.62 6.12
CA ASP A 37 -3.96 -10.31 6.38
C ASP A 37 -4.85 -10.14 5.16
N VAL A 38 -4.46 -9.23 4.29
CA VAL A 38 -5.20 -8.94 3.12
C VAL A 38 -5.02 -9.99 2.10
N ASP A 39 -6.12 -10.49 1.65
CA ASP A 39 -6.15 -11.38 0.55
C ASP A 39 -5.89 -10.55 -0.67
N SER A 40 -5.40 -11.13 -1.72
CA SER A 40 -5.01 -10.39 -2.89
C SER A 40 -6.23 -9.71 -3.53
N LEU A 41 -7.30 -10.48 -3.73
CA LEU A 41 -8.52 -9.92 -4.31
C LEU A 41 -9.11 -8.83 -3.41
N SER A 42 -8.78 -8.88 -2.14
CA SER A 42 -9.23 -7.92 -1.17
C SER A 42 -8.35 -6.64 -1.22
N MET A 43 -7.05 -6.84 -1.53
CA MET A 43 -6.08 -5.75 -1.62
C MET A 43 -6.48 -4.76 -2.70
N VAL A 44 -7.21 -5.24 -3.68
CA VAL A 44 -7.70 -4.41 -4.77
C VAL A 44 -8.53 -3.20 -4.25
N GLU A 45 -9.08 -3.33 -3.04
CA GLU A 45 -9.83 -2.25 -2.43
C GLU A 45 -8.91 -1.23 -1.74
N VAL A 46 -7.74 -1.67 -1.27
CA VAL A 46 -6.81 -0.76 -0.64
C VAL A 46 -5.97 -0.03 -1.67
N VAL A 47 -5.60 -0.72 -2.73
CA VAL A 47 -4.77 -0.11 -3.79
C VAL A 47 -5.49 1.08 -4.46
N VAL A 48 -6.78 0.93 -4.73
CA VAL A 48 -7.56 1.97 -5.37
C VAL A 48 -7.76 3.17 -4.41
N ALA A 49 -7.78 2.89 -3.12
CA ALA A 49 -7.98 3.90 -2.11
C ALA A 49 -6.68 4.65 -1.85
N ALA A 50 -5.57 3.95 -2.02
CA ALA A 50 -4.26 4.53 -1.79
C ALA A 50 -3.97 5.65 -2.77
N GLU A 51 -4.53 5.56 -3.97
CA GLU A 51 -4.32 6.58 -5.00
C GLU A 51 -4.71 7.97 -4.50
N GLU A 52 -5.94 8.10 -4.03
CA GLU A 52 -6.44 9.39 -3.56
C GLU A 52 -5.72 9.82 -2.28
N ARG A 53 -5.42 8.86 -1.43
CA ARG A 53 -4.88 9.14 -0.12
C ARG A 53 -3.44 9.60 -0.17
N PHE A 54 -2.70 9.10 -1.12
CA PHE A 54 -1.31 9.47 -1.26
C PHE A 54 -1.09 10.45 -2.37
N ASP A 55 -2.19 10.90 -2.98
CA ASP A 55 -2.17 11.91 -4.05
C ASP A 55 -1.39 11.37 -5.27
N VAL A 56 -1.51 10.09 -5.48
CA VAL A 56 -0.74 9.39 -6.47
C VAL A 56 -1.69 8.58 -7.39
N LYS A 57 -1.14 7.93 -8.38
CA LYS A 57 -1.90 7.05 -9.25
C LYS A 57 -1.30 5.68 -9.17
N ILE A 58 -2.11 4.69 -9.18
CA ILE A 58 -1.63 3.35 -9.20
C ILE A 58 -2.39 2.56 -10.26
N PRO A 59 -1.88 2.60 -11.50
CA PRO A 59 -2.47 1.90 -12.63
C PRO A 59 -2.43 0.39 -12.46
N ASP A 60 -3.40 -0.29 -13.05
CA ASP A 60 -3.57 -1.76 -12.95
C ASP A 60 -2.28 -2.51 -13.26
N ASP A 61 -1.58 -2.07 -14.29
CA ASP A 61 -0.33 -2.70 -14.71
C ASP A 61 0.75 -2.50 -13.66
N ASP A 62 0.79 -1.30 -13.08
CA ASP A 62 1.78 -0.99 -12.06
C ASP A 62 1.51 -1.70 -10.77
N VAL A 63 0.24 -1.98 -10.50
CA VAL A 63 -0.16 -2.78 -9.35
C VAL A 63 0.52 -4.14 -9.44
N LYS A 64 0.21 -4.85 -10.51
CA LYS A 64 0.69 -6.23 -10.77
C LYS A 64 2.22 -6.31 -10.88
N ASN A 65 2.84 -5.16 -11.03
CA ASN A 65 4.29 -5.06 -11.14
C ASN A 65 4.95 -5.00 -9.75
N LEU A 66 4.15 -4.76 -8.73
CA LEU A 66 4.66 -4.66 -7.39
C LEU A 66 4.50 -6.00 -6.69
N LYS A 67 4.82 -6.06 -5.40
CA LYS A 67 4.69 -7.30 -4.63
C LYS A 67 4.72 -7.02 -3.13
N THR A 68 5.76 -6.35 -2.67
CA THR A 68 5.82 -5.99 -1.29
C THR A 68 5.49 -4.51 -1.15
N VAL A 69 5.53 -3.99 0.05
CA VAL A 69 5.31 -2.58 0.23
C VAL A 69 6.59 -1.82 -0.10
N GLY A 70 7.69 -2.58 -0.20
CA GLY A 70 8.97 -2.03 -0.58
C GLY A 70 8.99 -1.74 -2.07
N ASP A 71 8.08 -2.36 -2.78
CA ASP A 71 7.91 -2.10 -4.21
C ASP A 71 7.03 -0.87 -4.38
N ALA A 72 5.95 -0.89 -3.62
CA ALA A 72 4.89 0.10 -3.70
C ALA A 72 5.38 1.49 -3.35
N THR A 73 6.07 1.58 -2.23
CA THR A 73 6.57 2.82 -1.69
C THR A 73 7.30 3.65 -2.72
N LYS A 74 8.31 3.05 -3.33
CA LYS A 74 9.20 3.72 -4.28
C LYS A 74 8.41 4.38 -5.41
N TYR A 75 7.38 3.69 -5.88
CA TYR A 75 6.56 4.20 -6.97
C TYR A 75 5.64 5.32 -6.47
N ILE A 76 4.99 5.07 -5.34
CA ILE A 76 4.05 6.02 -4.75
C ILE A 76 4.73 7.34 -4.43
N LEU A 77 5.71 7.29 -3.53
CA LEU A 77 6.37 8.50 -3.03
C LEU A 77 7.02 9.33 -4.13
N ASP A 78 7.32 8.70 -5.24
CA ASP A 78 8.00 9.36 -6.34
C ASP A 78 7.01 10.13 -7.23
N HIS A 79 5.76 9.70 -7.23
CA HIS A 79 4.73 10.33 -8.08
C HIS A 79 3.83 11.30 -7.32
N GLN A 80 4.06 11.45 -6.02
CA GLN A 80 3.21 12.36 -5.21
C GLN A 80 3.58 13.80 -5.49
N ALA A 81 2.70 14.71 -5.08
CA ALA A 81 2.92 16.15 -5.17
C ALA A 81 3.14 16.60 -6.62
P24 SXO B . -4.56 -13.64 -4.93
O26 SXO B . -3.13 -13.77 -4.59
O23 SXO B . -5.49 -14.78 -4.61
O27 SXO B . -4.68 -13.37 -6.48
C28 SXO B . -3.92 -12.24 -7.07
C29 SXO B . -4.02 -12.21 -8.56
C30 SXO B . -2.83 -11.41 -9.09
C31 SXO B . -3.94 -13.64 -9.11
C32 SXO B . -5.40 -11.60 -9.00
O33 SXO B . -6.47 -12.49 -8.70
C34 SXO B . -5.69 -10.26 -8.33
O35 SXO B . -6.59 -10.18 -7.47
N36 SXO B . -4.98 -9.24 -8.73
C37 SXO B . -5.08 -7.89 -8.25
C38 SXO B . -3.75 -7.45 -7.66
C39 SXO B . -3.44 -8.18 -6.37
O40 SXO B . -4.30 -8.56 -5.64
N41 SXO B . -2.18 -8.35 -6.13
C42 SXO B . -1.64 -9.02 -4.96
C43 SXO B . -0.30 -9.68 -5.23
S1 SXO B . 1.00 -8.55 -5.00
C1 SXO B . 0.72 -7.44 -6.31
O1 SXO B . 0.14 -7.74 -7.38
C2 SXO B . 1.20 -6.04 -6.06
C3 SXO B . 0.27 -5.26 -5.16
C4 SXO B . 0.73 -3.81 -5.03
C5 SXO B . -0.24 -3.01 -4.20
C6 SXO B . 0.22 -1.58 -4.00
C7 SXO B . -0.74 -0.82 -3.12
C8 SXO B . -0.21 0.56 -2.87
H28 SXO B . -2.90 -12.20 -6.72
H28A SXO B . -4.45 -11.32 -6.86
H30 SXO B . -1.91 -11.91 -8.81
H30A SXO B . -2.89 -11.36 -10.17
H30B SXO B . -2.85 -10.42 -8.67
H31 SXO B . -4.77 -14.19 -8.71
H31A SXO B . -3.01 -14.09 -8.81
H31B SXO B . -4.02 -13.60 -10.19
H32 SXO B . -5.32 -11.36 -10.04
HO33 SXO B . -6.88 -12.02 -7.94
HN36 SXO B . -4.32 -9.39 -9.44
H37 SXO B . -5.33 -7.25 -9.09
H37A SXO B . -5.85 -7.87 -7.50
H38 SXO B . -3.82 -6.40 -7.45
H38A SXO B . -2.97 -7.60 -8.38
HN41 SXO B . -1.51 -8.01 -6.78
H42 SXO B . -1.57 -8.36 -4.11
H42A SXO B . -2.30 -9.82 -4.67
H43 SXO B . -0.22 -10.48 -4.51
H43A SXO B . -0.31 -10.11 -6.22
H2 SXO B . 1.23 -5.53 -7.01
H2A SXO B . 2.18 -6.06 -5.62
H3 SXO B . -0.72 -5.28 -5.59
H3A SXO B . 0.26 -5.72 -4.19
H4 SXO B . 0.79 -3.37 -6.02
H4A SXO B . 1.70 -3.79 -4.57
H5 SXO B . -1.20 -3.00 -4.69
H5A SXO B . -0.34 -3.48 -3.24
H6 SXO B . 0.26 -1.10 -4.97
H6A SXO B . 1.19 -1.59 -3.55
H7 SXO B . -0.83 -1.32 -2.16
H7A SXO B . -1.71 -0.75 -3.59
H8 SXO B . -0.90 1.11 -2.23
H8A SXO B . -0.13 1.09 -3.82
H8B SXO B . 0.75 0.51 -2.40
N ALA A 1 6.20 15.51 0.53
CA ALA A 1 4.83 15.02 0.49
C ALA A 1 4.63 13.95 1.56
N ALA A 2 5.49 12.91 1.54
CA ALA A 2 5.48 11.81 2.51
C ALA A 2 6.59 10.87 2.15
N THR A 3 7.26 10.31 3.11
CA THR A 3 8.31 9.38 2.82
C THR A 3 7.81 7.96 3.03
N GLN A 4 8.69 6.97 2.99
CA GLN A 4 8.30 5.57 3.04
C GLN A 4 7.59 5.20 4.31
N GLU A 5 8.01 5.74 5.44
CA GLU A 5 7.34 5.48 6.70
C GLU A 5 5.92 6.00 6.67
N GLU A 6 5.77 7.23 6.26
CA GLU A 6 4.48 7.89 6.18
C GLU A 6 3.63 7.24 5.09
N ILE A 7 4.27 6.83 4.01
CA ILE A 7 3.57 6.19 2.92
C ILE A 7 2.97 4.85 3.42
N VAL A 8 3.83 4.03 4.03
CA VAL A 8 3.41 2.74 4.56
C VAL A 8 2.38 2.91 5.69
N ALA A 9 2.53 3.97 6.49
CA ALA A 9 1.59 4.29 7.56
C ALA A 9 0.22 4.55 6.97
N GLY A 10 0.19 5.27 5.87
CA GLY A 10 -1.04 5.58 5.20
C GLY A 10 -1.66 4.33 4.63
N LEU A 11 -0.81 3.48 4.06
CA LEU A 11 -1.23 2.20 3.51
C LEU A 11 -1.95 1.37 4.55
N ALA A 12 -1.28 1.20 5.68
CA ALA A 12 -1.79 0.39 6.76
C ALA A 12 -3.13 0.88 7.28
N GLU A 13 -3.37 2.17 7.20
CA GLU A 13 -4.60 2.74 7.63
C GLU A 13 -5.75 2.20 6.79
N ILE A 14 -5.57 2.15 5.50
CA ILE A 14 -6.62 1.62 4.68
C ILE A 14 -6.59 0.08 4.73
N VAL A 15 -5.41 -0.52 4.94
CA VAL A 15 -5.33 -1.98 5.06
C VAL A 15 -6.09 -2.43 6.34
N ASN A 16 -6.14 -1.56 7.31
CA ASN A 16 -6.90 -1.79 8.53
C ASN A 16 -8.40 -1.72 8.23
N GLU A 17 -8.77 -0.79 7.41
CA GLU A 17 -10.15 -0.60 7.03
C GLU A 17 -10.62 -1.77 6.16
N ILE A 18 -9.80 -2.14 5.20
CA ILE A 18 -10.11 -3.20 4.24
C ILE A 18 -10.04 -4.59 4.88
N ALA A 19 -8.92 -4.90 5.51
CA ALA A 19 -8.69 -6.22 6.06
C ALA A 19 -8.74 -6.22 7.57
N GLY A 20 -8.04 -5.29 8.17
CA GLY A 20 -8.03 -5.22 9.61
C GLY A 20 -6.74 -5.70 10.22
N ILE A 21 -5.67 -5.04 9.90
CA ILE A 21 -4.39 -5.32 10.52
C ILE A 21 -4.07 -4.24 11.53
N PRO A 22 -3.20 -4.51 12.50
CA PRO A 22 -2.75 -3.48 13.40
C PRO A 22 -1.92 -2.47 12.62
N VAL A 23 -2.03 -1.21 12.95
CA VAL A 23 -1.34 -0.16 12.21
C VAL A 23 0.11 0.01 12.75
N GLU A 24 0.64 -1.09 13.18
CA GLU A 24 1.97 -1.21 13.71
C GLU A 24 2.58 -2.50 13.17
N ASP A 25 1.89 -3.10 12.21
CA ASP A 25 2.33 -4.37 11.62
C ASP A 25 2.99 -4.14 10.28
N VAL A 26 2.46 -3.20 9.55
CA VAL A 26 2.88 -2.94 8.19
C VAL A 26 4.13 -2.07 8.18
N LYS A 27 5.26 -2.71 8.17
CA LYS A 27 6.54 -2.06 8.02
C LYS A 27 7.02 -2.27 6.59
N LEU A 28 8.19 -1.76 6.25
CA LEU A 28 8.71 -1.84 4.86
C LEU A 28 8.98 -3.26 4.36
N ASP A 29 9.30 -4.18 5.25
CA ASP A 29 9.61 -5.59 4.85
C ASP A 29 8.37 -6.44 4.79
N LYS A 30 7.22 -5.83 4.76
CA LYS A 30 5.98 -6.56 4.70
C LYS A 30 5.47 -6.53 3.27
N SER A 31 5.04 -7.65 2.78
CA SER A 31 4.47 -7.72 1.47
C SER A 31 2.99 -7.98 1.66
N PHE A 32 2.19 -7.53 0.72
CA PHE A 32 0.74 -7.55 0.83
C PHE A 32 0.15 -8.93 1.12
N THR A 33 0.54 -9.94 0.40
CA THR A 33 -0.04 -11.24 0.66
C THR A 33 1.06 -12.26 1.03
N ASP A 34 2.17 -11.75 1.50
CA ASP A 34 3.25 -12.63 1.96
C ASP A 34 3.43 -12.42 3.43
N ASP A 35 3.27 -11.20 3.87
CA ASP A 35 3.50 -10.86 5.27
C ASP A 35 2.28 -10.24 5.87
N LEU A 36 1.49 -9.61 5.05
CA LEU A 36 0.33 -8.93 5.53
C LEU A 36 -0.87 -9.82 5.59
N ASP A 37 -1.69 -9.55 6.54
CA ASP A 37 -2.87 -10.30 6.78
C ASP A 37 -4.05 -9.66 6.14
N VAL A 38 -4.04 -9.74 4.87
CA VAL A 38 -5.11 -9.33 4.04
C VAL A 38 -5.40 -10.53 3.15
N ASP A 39 -6.45 -10.49 2.39
CA ASP A 39 -6.70 -11.52 1.42
C ASP A 39 -5.68 -11.39 0.30
N SER A 40 -6.00 -10.52 -0.66
CA SER A 40 -5.16 -10.09 -1.78
C SER A 40 -6.06 -9.58 -2.88
N LEU A 41 -7.09 -10.34 -3.21
CA LEU A 41 -8.03 -9.89 -4.21
C LEU A 41 -8.81 -8.71 -3.61
N SER A 42 -8.87 -8.73 -2.31
CA SER A 42 -9.45 -7.68 -1.53
C SER A 42 -8.44 -6.49 -1.34
N MET A 43 -7.17 -6.73 -1.63
CA MET A 43 -6.12 -5.68 -1.49
C MET A 43 -6.30 -4.68 -2.60
N VAL A 44 -6.92 -5.12 -3.66
CA VAL A 44 -7.22 -4.26 -4.78
C VAL A 44 -8.16 -3.09 -4.31
N GLU A 45 -8.89 -3.33 -3.21
CA GLU A 45 -9.75 -2.34 -2.61
C GLU A 45 -8.91 -1.29 -1.81
N VAL A 46 -7.77 -1.71 -1.26
CA VAL A 46 -6.92 -0.78 -0.51
C VAL A 46 -6.05 0.05 -1.44
N VAL A 47 -5.52 -0.58 -2.49
CA VAL A 47 -4.67 0.14 -3.43
C VAL A 47 -5.41 1.32 -4.12
N VAL A 48 -6.69 1.12 -4.42
CA VAL A 48 -7.49 2.17 -5.06
C VAL A 48 -7.77 3.32 -4.06
N ALA A 49 -7.78 2.99 -2.78
CA ALA A 49 -7.99 3.99 -1.75
C ALA A 49 -6.67 4.69 -1.45
N ALA A 50 -5.58 3.99 -1.70
CA ALA A 50 -4.26 4.54 -1.49
C ALA A 50 -3.98 5.67 -2.49
N GLU A 51 -4.53 5.53 -3.70
CA GLU A 51 -4.36 6.54 -4.74
C GLU A 51 -4.75 7.94 -4.26
N GLU A 52 -5.99 8.08 -3.79
CA GLU A 52 -6.50 9.37 -3.30
C GLU A 52 -5.70 9.86 -2.08
N ARG A 53 -5.33 8.94 -1.22
CA ARG A 53 -4.70 9.25 0.04
C ARG A 53 -3.29 9.78 -0.15
N PHE A 54 -2.53 9.18 -1.03
CA PHE A 54 -1.16 9.62 -1.25
C PHE A 54 -1.05 10.61 -2.38
N ASP A 55 -2.21 10.97 -2.93
CA ASP A 55 -2.34 11.99 -3.97
C ASP A 55 -1.62 11.53 -5.25
N VAL A 56 -1.68 10.23 -5.48
CA VAL A 56 -1.03 9.61 -6.62
C VAL A 56 -2.05 9.00 -7.59
N LYS A 57 -1.54 8.29 -8.57
CA LYS A 57 -2.33 7.57 -9.54
C LYS A 57 -1.62 6.26 -9.73
N ILE A 58 -2.32 5.16 -9.63
CA ILE A 58 -1.71 3.86 -9.79
C ILE A 58 -2.53 3.01 -10.77
N PRO A 59 -1.99 2.75 -11.97
CA PRO A 59 -2.68 1.96 -13.02
C PRO A 59 -2.85 0.52 -12.59
N ASP A 60 -4.00 -0.06 -12.92
CA ASP A 60 -4.38 -1.45 -12.53
C ASP A 60 -3.29 -2.45 -12.81
N ASP A 61 -2.72 -2.36 -14.00
CA ASP A 61 -1.69 -3.29 -14.43
C ASP A 61 -0.42 -3.08 -13.67
N ASP A 62 -0.15 -1.85 -13.35
CA ASP A 62 1.10 -1.53 -12.70
C ASP A 62 1.01 -1.83 -11.21
N VAL A 63 -0.23 -1.79 -10.68
CA VAL A 63 -0.52 -2.22 -9.31
C VAL A 63 -0.03 -3.64 -9.16
N LYS A 64 -0.63 -4.52 -9.95
CA LYS A 64 -0.40 -5.97 -9.89
C LYS A 64 1.02 -6.37 -10.28
N ASN A 65 1.83 -5.42 -10.67
CA ASN A 65 3.20 -5.70 -11.04
C ASN A 65 4.09 -5.66 -9.79
N LEU A 66 3.58 -5.03 -8.73
CA LEU A 66 4.31 -4.86 -7.49
C LEU A 66 4.16 -6.12 -6.61
N LYS A 67 4.78 -6.11 -5.42
CA LYS A 67 4.70 -7.27 -4.54
C LYS A 67 4.77 -6.89 -3.02
N THR A 68 5.78 -6.16 -2.61
CA THR A 68 5.92 -5.81 -1.21
C THR A 68 5.46 -4.38 -1.00
N VAL A 69 5.42 -3.89 0.24
CA VAL A 69 5.10 -2.50 0.45
C VAL A 69 6.33 -1.67 0.12
N GLY A 70 7.50 -2.29 0.18
CA GLY A 70 8.73 -1.62 -0.17
C GLY A 70 8.78 -1.39 -1.66
N ASP A 71 8.39 -2.40 -2.40
CA ASP A 71 8.35 -2.36 -3.87
C ASP A 71 7.28 -1.36 -4.32
N ALA A 72 6.26 -1.22 -3.49
CA ALA A 72 5.17 -0.32 -3.74
C ALA A 72 5.58 1.11 -3.44
N THR A 73 6.29 1.29 -2.31
CA THR A 73 6.75 2.60 -1.92
C THR A 73 7.68 3.21 -2.93
N LYS A 74 8.39 2.36 -3.67
CA LYS A 74 9.30 2.81 -4.71
C LYS A 74 8.51 3.55 -5.78
N TYR A 75 7.43 2.92 -6.25
CA TYR A 75 6.57 3.49 -7.29
C TYR A 75 6.06 4.87 -6.87
N ILE A 76 5.65 4.94 -5.65
CA ILE A 76 5.09 6.14 -5.11
C ILE A 76 6.18 7.18 -4.91
N LEU A 77 7.10 6.91 -3.99
CA LEU A 77 8.19 7.82 -3.60
C LEU A 77 9.03 8.32 -4.78
N ASP A 78 9.20 7.48 -5.78
CA ASP A 78 9.99 7.87 -6.96
C ASP A 78 9.33 8.97 -7.75
N HIS A 79 8.02 8.93 -7.83
CA HIS A 79 7.28 9.89 -8.63
C HIS A 79 6.63 10.96 -7.75
N GLN A 80 5.74 10.47 -6.86
CA GLN A 80 4.92 11.27 -5.93
C GLN A 80 4.19 12.40 -6.64
N ALA A 81 3.76 13.34 -5.87
CA ALA A 81 3.14 14.50 -6.38
C ALA A 81 4.16 15.61 -6.31
P24 SXO B . -4.38 -13.66 -2.90
O26 SXO B . -3.01 -13.58 -2.33
O23 SXO B . -5.30 -14.71 -2.39
O27 SXO B . -4.24 -13.87 -4.48
C28 SXO B . -3.46 -12.87 -5.30
C29 SXO B . -3.39 -13.31 -6.77
C30 SXO B . -2.93 -14.70 -6.77
C31 SXO B . -4.79 -13.22 -7.39
C32 SXO B . -2.36 -12.47 -7.65
O33 SXO B . -2.08 -13.10 -8.90
C34 SXO B . -2.71 -11.01 -7.94
O35 SXO B . -2.54 -10.55 -9.06
N36 SXO B . -3.14 -10.31 -6.97
C37 SXO B . -3.49 -8.90 -7.04
C38 SXO B . -3.86 -8.34 -5.65
C39 SXO B . -2.85 -8.57 -4.52
O40 SXO B . -3.05 -8.19 -3.37
N41 SXO B . -1.79 -9.19 -4.87
C42 SXO B . -0.72 -9.52 -3.98
C43 SXO B . 0.63 -9.46 -4.62
S1 SXO B . 1.31 -7.86 -4.54
C1 SXO B . 0.45 -7.08 -5.85
O1 SXO B . -0.30 -7.67 -6.66
C2 SXO B . 0.73 -5.61 -5.98
C3 SXO B . 0.26 -4.79 -4.79
C4 SXO B . 0.52 -3.31 -5.03
C5 SXO B . -0.02 -2.46 -3.91
C6 SXO B . 0.33 -1.00 -4.09
C7 SXO B . -0.18 -0.15 -2.94
C8 SXO B . 0.22 1.29 -3.15
H28 SXO B . -2.45 -12.81 -4.91
H28A SXO B . -3.94 -11.91 -5.21
H30 SXO B . -3.64 -15.28 -6.20
H30A SXO B . -2.83 -15.06 -7.78
H30B SXO B . -1.97 -14.65 -6.27
H31 SXO B . -4.75 -13.52 -8.42
H31A SXO B . -5.13 -12.20 -7.31
H31B SXO B . -5.45 -13.87 -6.83
H32 SXO B . -1.44 -12.39 -7.08
HO33 SXO B . -2.45 -12.48 -9.55
HN36 SXO B . -3.20 -10.78 -6.11
H37 SXO B . -2.62 -8.36 -7.39
H37A SXO B . -4.31 -8.77 -7.71
H38 SXO B . -4.78 -8.81 -5.37
H38A SXO B . -4.01 -7.28 -5.75
HN41 SXO B . -1.75 -9.46 -5.80
H42 SXO B . -0.76 -8.97 -3.05
H42A SXO B . -0.85 -10.57 -3.72
H43 SXO B . 1.29 -10.14 -4.09
H43A SXO B . 0.53 -9.79 -5.65
H2 SXO B . 0.22 -5.25 -6.85
H2A SXO B . 1.79 -5.47 -6.09
H3 SXO B . -0.80 -4.94 -4.67
H3A SXO B . 0.79 -5.10 -3.91
H4 SXO B . 0.05 -3.01 -5.95
H4A SXO B . 1.59 -3.15 -5.10
H5 SXO B . -1.10 -2.56 -3.87
H5A SXO B . 0.40 -2.81 -2.97
H6 SXO B . -0.11 -0.65 -5.02
H6A SXO B . 1.41 -0.90 -4.16
H7 SXO B . 0.27 -0.49 -2.01
H7A SXO B . -1.25 -0.21 -2.89
H8 SXO B . 1.29 1.36 -3.21
H8A SXO B . -0.14 1.89 -2.34
H8B SXO B . -0.21 1.65 -4.08
#